data_2QUZ
# 
_entry.id   2QUZ 
# 
_audit_conform.dict_name       mmcif_pdbx.dic 
_audit_conform.dict_version    5.377 
_audit_conform.dict_location   http://mmcif.pdb.org/dictionaries/ascii/mmcif_pdbx.dic 
# 
loop_
_database_2.database_id 
_database_2.database_code 
_database_2.pdbx_database_accession 
_database_2.pdbx_DOI 
PDB   2QUZ         pdb_00002quz 10.2210/pdb2quz/pdb 
RCSB  RCSB044088   ?            ?                   
WWPDB D_1000044088 ?            ?                   
# 
_pdbx_database_status.entry_id                        2QUZ 
_pdbx_database_status.status_code                     REL 
_pdbx_database_status.status_code_sf                  REL 
_pdbx_database_status.deposit_site                    RCSB 
_pdbx_database_status.process_site                    RCSB 
_pdbx_database_status.recvd_initial_deposition_date   2007-08-07 
_pdbx_database_status.SG_entry                        N 
_pdbx_database_status.status_code_mr                  ? 
_pdbx_database_status.pdb_format_compatible           Y 
_pdbx_database_status.status_code_cs                  ? 
_pdbx_database_status.status_code_nmr_data            ? 
_pdbx_database_status.methods_development_category    ? 
# 
loop_
_audit_author.name 
_audit_author.pdbx_ordinal 
'Parret, A.'    1 
'Scheffzek, K.' 2 
# 
_citation.id                        primary 
_citation.title                     
'Mutation analysis in Costello syndrome: functional and structural characterization of the HRAS p.Lys117Arg mutation.' 
_citation.journal_abbrev            Hum.Mutat. 
_citation.journal_volume            29 
_citation.page_first                232 
_citation.page_last                 239 
_citation.year                      2008 
_citation.journal_id_ASTM           ? 
_citation.country                   US 
_citation.journal_id_ISSN           1059-7794 
_citation.journal_id_CSD            ? 
_citation.book_publisher            ? 
_citation.pdbx_database_id_PubMed   17979197 
_citation.pdbx_database_id_DOI      10.1002/humu.20616 
# 
loop_
_citation_author.citation_id 
_citation_author.name 
_citation_author.ordinal 
_citation_author.identifier_ORCID 
primary 'Denayer, E.'    1  ? 
primary 'Parret, A.'     2  ? 
primary 'Chmara, M.'     3  ? 
primary 'Schubbert, S.'  4  ? 
primary 'Vogels, A.'     5  ? 
primary 'Devriendt, K.'  6  ? 
primary 'Frijns, J.P.'   7  ? 
primary 'Rybin, V.'      8  ? 
primary 'de Ravel, T.J.' 9  ? 
primary 'Shannon, K.'    10 ? 
primary 'Cools, J.'      11 ? 
primary 'Scheffzek, K.'  12 ? 
primary 'Legius, E.'     13 ? 
# 
_cell.length_a           92.100 
_cell.length_b           92.100 
_cell.length_c           116.300 
_cell.angle_alpha        90.000 
_cell.angle_beta         90.000 
_cell.angle_gamma        120.000 
_cell.entry_id           2QUZ 
_cell.Z_PDB              18 
_cell.pdbx_unique_axis   ? 
_cell.length_a_esd       ? 
_cell.length_b_esd       ? 
_cell.length_c_esd       ? 
_cell.angle_alpha_esd    ? 
_cell.angle_beta_esd     ? 
_cell.angle_gamma_esd    ? 
# 
_symmetry.space_group_name_H-M             'H 3 2' 
_symmetry.entry_id                         2QUZ 
_symmetry.Int_Tables_number                155 
_symmetry.pdbx_full_space_group_name_H-M   ? 
_symmetry.cell_setting                     ? 
_symmetry.space_group_name_Hall            ? 
# 
loop_
_entity.id 
_entity.type 
_entity.src_method 
_entity.pdbx_description 
_entity.formula_weight 
_entity.pdbx_number_of_molecules 
_entity.pdbx_ec 
_entity.pdbx_mutation 
_entity.pdbx_fragment 
_entity.details 
1 polymer     man 'GTPase HRas'              18903.205 1   3.6.5.2 K117R 'G-domain, residues 1-166' ? 
2 non-polymer syn 'MAGNESIUM ION'            24.305    1   ?       ?     ?                          ? 
3 non-polymer syn "GUANOSINE-5'-DIPHOSPHATE" 443.201   1   ?       ?     ?                          ? 
4 water       nat water                      18.015    111 ?       ?     ?                          ? 
# 
_entity_name_com.entity_id   1 
_entity_name_com.name        'C-H-RAS P21 PROTEIN; Transforming protein p21; p21ras; H-Ras-1; c-H-ras; Ha-Ras' 
# 
_entity_name_sys.entity_id   1 
_entity_name_sys.name        E.C.3.6.5.2 
# 
_entity_poly.entity_id                      1 
_entity_poly.type                           'polypeptide(L)' 
_entity_poly.nstd_linkage                   no 
_entity_poly.nstd_monomer                   no 
_entity_poly.pdbx_seq_one_letter_code       
;MTEYKLVVVGAGGVGKSALTIQLIQNHFVDEYDPTIEDSYRKQVVIDGETCLLDILDTAGQEEYSAMRDQYMRTGEGFLC
VFAINNTKSFEDIHQYREQIKRVKDSDDVPMVLVGNRCDLAARTVESRQAQDLARSYGIPYIETSAKTRQGVEDAFYTLV
REIRQH
;
_entity_poly.pdbx_seq_one_letter_code_can   
;MTEYKLVVVGAGGVGKSALTIQLIQNHFVDEYDPTIEDSYRKQVVIDGETCLLDILDTAGQEEYSAMRDQYMRTGEGFLC
VFAINNTKSFEDIHQYREQIKRVKDSDDVPMVLVGNRCDLAARTVESRQAQDLARSYGIPYIETSAKTRQGVEDAFYTLV
REIRQH
;
_entity_poly.pdbx_strand_id                 A 
_entity_poly.pdbx_target_identifier         ? 
# 
loop_
_entity_poly_seq.entity_id 
_entity_poly_seq.num 
_entity_poly_seq.mon_id 
_entity_poly_seq.hetero 
1 1   MET n 
1 2   THR n 
1 3   GLU n 
1 4   TYR n 
1 5   LYS n 
1 6   LEU n 
1 7   VAL n 
1 8   VAL n 
1 9   VAL n 
1 10  GLY n 
1 11  ALA n 
1 12  GLY n 
1 13  GLY n 
1 14  VAL n 
1 15  GLY n 
1 16  LYS n 
1 17  SER n 
1 18  ALA n 
1 19  LEU n 
1 20  THR n 
1 21  ILE n 
1 22  GLN n 
1 23  LEU n 
1 24  ILE n 
1 25  GLN n 
1 26  ASN n 
1 27  HIS n 
1 28  PHE n 
1 29  VAL n 
1 30  ASP n 
1 31  GLU n 
1 32  TYR n 
1 33  ASP n 
1 34  PRO n 
1 35  THR n 
1 36  ILE n 
1 37  GLU n 
1 38  ASP n 
1 39  SER n 
1 40  TYR n 
1 41  ARG n 
1 42  LYS n 
1 43  GLN n 
1 44  VAL n 
1 45  VAL n 
1 46  ILE n 
1 47  ASP n 
1 48  GLY n 
1 49  GLU n 
1 50  THR n 
1 51  CYS n 
1 52  LEU n 
1 53  LEU n 
1 54  ASP n 
1 55  ILE n 
1 56  LEU n 
1 57  ASP n 
1 58  THR n 
1 59  ALA n 
1 60  GLY n 
1 61  GLN n 
1 62  GLU n 
1 63  GLU n 
1 64  TYR n 
1 65  SER n 
1 66  ALA n 
1 67  MET n 
1 68  ARG n 
1 69  ASP n 
1 70  GLN n 
1 71  TYR n 
1 72  MET n 
1 73  ARG n 
1 74  THR n 
1 75  GLY n 
1 76  GLU n 
1 77  GLY n 
1 78  PHE n 
1 79  LEU n 
1 80  CYS n 
1 81  VAL n 
1 82  PHE n 
1 83  ALA n 
1 84  ILE n 
1 85  ASN n 
1 86  ASN n 
1 87  THR n 
1 88  LYS n 
1 89  SER n 
1 90  PHE n 
1 91  GLU n 
1 92  ASP n 
1 93  ILE n 
1 94  HIS n 
1 95  GLN n 
1 96  TYR n 
1 97  ARG n 
1 98  GLU n 
1 99  GLN n 
1 100 ILE n 
1 101 LYS n 
1 102 ARG n 
1 103 VAL n 
1 104 LYS n 
1 105 ASP n 
1 106 SER n 
1 107 ASP n 
1 108 ASP n 
1 109 VAL n 
1 110 PRO n 
1 111 MET n 
1 112 VAL n 
1 113 LEU n 
1 114 VAL n 
1 115 GLY n 
1 116 ASN n 
1 117 ARG n 
1 118 CYS n 
1 119 ASP n 
1 120 LEU n 
1 121 ALA n 
1 122 ALA n 
1 123 ARG n 
1 124 THR n 
1 125 VAL n 
1 126 GLU n 
1 127 SER n 
1 128 ARG n 
1 129 GLN n 
1 130 ALA n 
1 131 GLN n 
1 132 ASP n 
1 133 LEU n 
1 134 ALA n 
1 135 ARG n 
1 136 SER n 
1 137 TYR n 
1 138 GLY n 
1 139 ILE n 
1 140 PRO n 
1 141 TYR n 
1 142 ILE n 
1 143 GLU n 
1 144 THR n 
1 145 SER n 
1 146 ALA n 
1 147 LYS n 
1 148 THR n 
1 149 ARG n 
1 150 GLN n 
1 151 GLY n 
1 152 VAL n 
1 153 GLU n 
1 154 ASP n 
1 155 ALA n 
1 156 PHE n 
1 157 TYR n 
1 158 THR n 
1 159 LEU n 
1 160 VAL n 
1 161 ARG n 
1 162 GLU n 
1 163 ILE n 
1 164 ARG n 
1 165 GLN n 
1 166 HIS n 
# 
_entity_src_gen.entity_id                          1 
_entity_src_gen.pdbx_src_id                        1 
_entity_src_gen.pdbx_alt_source_flag               sample 
_entity_src_gen.pdbx_seq_type                      ? 
_entity_src_gen.pdbx_beg_seq_num                   ? 
_entity_src_gen.pdbx_end_seq_num                   ? 
_entity_src_gen.gene_src_common_name               human 
_entity_src_gen.gene_src_genus                     Homo 
_entity_src_gen.pdbx_gene_src_gene                 'HRAS, HRAS1' 
_entity_src_gen.gene_src_species                   ? 
_entity_src_gen.gene_src_strain                    ? 
_entity_src_gen.gene_src_tissue                    ? 
_entity_src_gen.gene_src_tissue_fraction           ? 
_entity_src_gen.gene_src_details                   ? 
_entity_src_gen.pdbx_gene_src_fragment             ? 
_entity_src_gen.pdbx_gene_src_scientific_name      'Homo sapiens' 
_entity_src_gen.pdbx_gene_src_ncbi_taxonomy_id     9606 
_entity_src_gen.pdbx_gene_src_variant              ? 
_entity_src_gen.pdbx_gene_src_cell_line            ? 
_entity_src_gen.pdbx_gene_src_atcc                 ? 
_entity_src_gen.pdbx_gene_src_organ                ? 
_entity_src_gen.pdbx_gene_src_organelle            ? 
_entity_src_gen.pdbx_gene_src_cell                 ? 
_entity_src_gen.pdbx_gene_src_cellular_location    ? 
_entity_src_gen.host_org_common_name               ? 
_entity_src_gen.pdbx_host_org_scientific_name      'Escherichia coli' 
_entity_src_gen.pdbx_host_org_ncbi_taxonomy_id     562 
_entity_src_gen.host_org_genus                     Escherichia 
_entity_src_gen.pdbx_host_org_gene                 ? 
_entity_src_gen.pdbx_host_org_organ                ? 
_entity_src_gen.host_org_species                   ? 
_entity_src_gen.pdbx_host_org_tissue               ? 
_entity_src_gen.pdbx_host_org_tissue_fraction      ? 
_entity_src_gen.pdbx_host_org_strain               CK600K 
_entity_src_gen.pdbx_host_org_variant              ? 
_entity_src_gen.pdbx_host_org_cell_line            ? 
_entity_src_gen.pdbx_host_org_atcc                 ? 
_entity_src_gen.pdbx_host_org_culture_collection   ? 
_entity_src_gen.pdbx_host_org_cell                 ? 
_entity_src_gen.pdbx_host_org_organelle            ? 
_entity_src_gen.pdbx_host_org_cellular_location    ? 
_entity_src_gen.pdbx_host_org_vector_type          plasmid 
_entity_src_gen.pdbx_host_org_vector               ? 
_entity_src_gen.host_org_details                   ? 
_entity_src_gen.expression_system_id               ? 
_entity_src_gen.plasmid_name                       ptacHRasc 
_entity_src_gen.plasmid_details                    ? 
_entity_src_gen.pdbx_description                   ? 
# 
_struct_ref.id                         1 
_struct_ref.entity_id                  1 
_struct_ref.db_name                    UNP 
_struct_ref.db_code                    RASH_HUMAN 
_struct_ref.pdbx_db_accession          P01112 
_struct_ref.pdbx_align_begin           1 
_struct_ref.pdbx_seq_one_letter_code   
;MTEYKLVVVGAGGVGKSALTIQLIQNHFVDEYDPTIEDSYRKQVVIDGETCLLDILDTAGQEEYSAMRDQYMRTGEGFLC
VFAINNTKSFEDIHQYREQIKRVKDSDDVPMVLVGNKCDLAARTVESRQAQDLARSYGIPYIETSAKTRQGVEDAFYTLV
REIRQH
;
_struct_ref.pdbx_db_isoform            ? 
# 
_struct_ref_seq.align_id                      1 
_struct_ref_seq.ref_id                        1 
_struct_ref_seq.pdbx_PDB_id_code              2QUZ 
_struct_ref_seq.pdbx_strand_id                A 
_struct_ref_seq.seq_align_beg                 1 
_struct_ref_seq.pdbx_seq_align_beg_ins_code   ? 
_struct_ref_seq.seq_align_end                 166 
_struct_ref_seq.pdbx_seq_align_end_ins_code   ? 
_struct_ref_seq.pdbx_db_accession             P01112 
_struct_ref_seq.db_align_beg                  1 
_struct_ref_seq.pdbx_db_align_beg_ins_code    ? 
_struct_ref_seq.db_align_end                  166 
_struct_ref_seq.pdbx_db_align_end_ins_code    ? 
_struct_ref_seq.pdbx_auth_seq_align_beg       1 
_struct_ref_seq.pdbx_auth_seq_align_end       166 
# 
_struct_ref_seq_dif.align_id                     1 
_struct_ref_seq_dif.pdbx_pdb_id_code             2QUZ 
_struct_ref_seq_dif.mon_id                       ARG 
_struct_ref_seq_dif.pdbx_pdb_strand_id           A 
_struct_ref_seq_dif.seq_num                      117 
_struct_ref_seq_dif.pdbx_pdb_ins_code            ? 
_struct_ref_seq_dif.pdbx_seq_db_name             UNP 
_struct_ref_seq_dif.pdbx_seq_db_accession_code   P01112 
_struct_ref_seq_dif.db_mon_id                    LYS 
_struct_ref_seq_dif.pdbx_seq_db_seq_num          117 
_struct_ref_seq_dif.details                      'engineered mutation' 
_struct_ref_seq_dif.pdbx_auth_seq_num            117 
_struct_ref_seq_dif.pdbx_ordinal                 1 
# 
loop_
_chem_comp.id 
_chem_comp.type 
_chem_comp.mon_nstd_flag 
_chem_comp.name 
_chem_comp.pdbx_synonyms 
_chem_comp.formula 
_chem_comp.formula_weight 
ALA 'L-peptide linking' y ALANINE                    ? 'C3 H7 N O2'        89.093  
ARG 'L-peptide linking' y ARGININE                   ? 'C6 H15 N4 O2 1'    175.209 
ASN 'L-peptide linking' y ASPARAGINE                 ? 'C4 H8 N2 O3'       132.118 
ASP 'L-peptide linking' y 'ASPARTIC ACID'            ? 'C4 H7 N O4'        133.103 
CYS 'L-peptide linking' y CYSTEINE                   ? 'C3 H7 N O2 S'      121.158 
GDP 'RNA linking'       n "GUANOSINE-5'-DIPHOSPHATE" ? 'C10 H15 N5 O11 P2' 443.201 
GLN 'L-peptide linking' y GLUTAMINE                  ? 'C5 H10 N2 O3'      146.144 
GLU 'L-peptide linking' y 'GLUTAMIC ACID'            ? 'C5 H9 N O4'        147.129 
GLY 'peptide linking'   y GLYCINE                    ? 'C2 H5 N O2'        75.067  
HIS 'L-peptide linking' y HISTIDINE                  ? 'C6 H10 N3 O2 1'    156.162 
HOH non-polymer         . WATER                      ? 'H2 O'              18.015  
ILE 'L-peptide linking' y ISOLEUCINE                 ? 'C6 H13 N O2'       131.173 
LEU 'L-peptide linking' y LEUCINE                    ? 'C6 H13 N O2'       131.173 
LYS 'L-peptide linking' y LYSINE                     ? 'C6 H15 N2 O2 1'    147.195 
MET 'L-peptide linking' y METHIONINE                 ? 'C5 H11 N O2 S'     149.211 
MG  non-polymer         . 'MAGNESIUM ION'            ? 'Mg 2'              24.305  
PHE 'L-peptide linking' y PHENYLALANINE              ? 'C9 H11 N O2'       165.189 
PRO 'L-peptide linking' y PROLINE                    ? 'C5 H9 N O2'        115.130 
SER 'L-peptide linking' y SERINE                     ? 'C3 H7 N O3'        105.093 
THR 'L-peptide linking' y THREONINE                  ? 'C4 H9 N O3'        119.119 
TYR 'L-peptide linking' y TYROSINE                   ? 'C9 H11 N O3'       181.189 
VAL 'L-peptide linking' y VALINE                     ? 'C5 H11 N O2'       117.146 
# 
_exptl.crystals_number   1 
_exptl.entry_id          2QUZ 
_exptl.method            'X-RAY DIFFRACTION' 
# 
_exptl_crystal.id                    1 
_exptl_crystal.density_meas          ? 
_exptl_crystal.density_Matthews      2.51 
_exptl_crystal.density_percent_sol   51.00 
_exptl_crystal.description           ? 
_exptl_crystal.F_000                 ? 
_exptl_crystal.preparation           ? 
# 
_exptl_crystal_grow.crystal_id      1 
_exptl_crystal_grow.method          'VAPOR DIFFUSION, SITTING DROP' 
_exptl_crystal_grow.pH              7.6 
_exptl_crystal_grow.temp            293 
_exptl_crystal_grow.pdbx_details    '37% PEG3350, 50mM TrisHCl pH8, pH 7.6, VAPOR DIFFUSION, SITTING DROP, temperature 293K' 
_exptl_crystal_grow.temp_details    ? 
_exptl_crystal_grow.pdbx_pH_range   . 
# 
_diffrn.id                     1 
_diffrn.ambient_temp           100 
_diffrn.ambient_temp_details   ? 
_diffrn.crystal_id             1 
# 
_diffrn_detector.diffrn_id              1 
_diffrn_detector.detector               CCD 
_diffrn_detector.type                   'ADSC QUANTUM 315' 
_diffrn_detector.pdbx_collection_date   2006-09-22 
_diffrn_detector.details                ? 
# 
_diffrn_radiation.diffrn_id                        1 
_diffrn_radiation.pdbx_diffrn_protocol             'SINGLE WAVELENGTH' 
_diffrn_radiation.monochromator                    'Si 111 CHANNEL' 
_diffrn_radiation.wavelength_id                    1 
_diffrn_radiation.pdbx_monochromatic_or_laue_m_l   M 
_diffrn_radiation.pdbx_scattering_type             x-ray 
# 
_diffrn_radiation_wavelength.id           1 
_diffrn_radiation_wavelength.wavelength   0.973 
_diffrn_radiation_wavelength.wt           1.0 
# 
_diffrn_source.diffrn_id                   1 
_diffrn_source.source                      SYNCHROTRON 
_diffrn_source.type                        'ESRF BEAMLINE ID29' 
_diffrn_source.pdbx_wavelength_list        0.973 
_diffrn_source.pdbx_wavelength             ? 
_diffrn_source.pdbx_synchrotron_site       ESRF 
_diffrn_source.pdbx_synchrotron_beamline   ID29 
# 
_reflns.entry_id                     2QUZ 
_reflns.observed_criterion_sigma_F   0 
_reflns.observed_criterion_sigma_I   0 
_reflns.d_resolution_high            1.49 
_reflns.d_resolution_low             23.03 
_reflns.number_all                   31034 
_reflns.number_obs                   31034 
_reflns.percent_possible_obs         99.6 
_reflns.pdbx_Rmerge_I_obs            ? 
_reflns.pdbx_Rsym_value              0.102 
_reflns.pdbx_netI_over_sigmaI        17.8 
_reflns.B_iso_Wilson_estimate        ? 
_reflns.pdbx_redundancy              10.4 
_reflns.R_free_details               ? 
_reflns.limit_h_max                  ? 
_reflns.limit_h_min                  ? 
_reflns.limit_k_max                  ? 
_reflns.limit_k_min                  ? 
_reflns.limit_l_max                  ? 
_reflns.limit_l_min                  ? 
_reflns.observed_criterion_F_max     ? 
_reflns.observed_criterion_F_min     ? 
_reflns.pdbx_chi_squared             ? 
_reflns.pdbx_scaling_rejects         ? 
_reflns.pdbx_diffrn_id               1 
_reflns.pdbx_ordinal                 1 
# 
_reflns_shell.d_res_high             1.49 
_reflns_shell.d_res_low              1.58 
_reflns_shell.percent_possible_obs   ? 
_reflns_shell.percent_possible_all   97.7 
_reflns_shell.Rmerge_I_obs           ? 
_reflns_shell.meanI_over_sigI_obs    2.63 
_reflns_shell.pdbx_Rsym_value        0.756 
_reflns_shell.pdbx_redundancy        8.2 
_reflns_shell.number_unique_all      4844 
_reflns_shell.number_measured_all    ? 
_reflns_shell.number_measured_obs    ? 
_reflns_shell.number_unique_obs      ? 
_reflns_shell.pdbx_chi_squared       ? 
_reflns_shell.pdbx_diffrn_id         ? 
_reflns_shell.pdbx_ordinal           1 
# 
_refine.entry_id                                 2QUZ 
_refine.ls_d_res_high                            1.490 
_refine.ls_d_res_low                             22.330 
_refine.pdbx_ls_sigma_F                          0.00 
_refine.ls_percent_reflns_obs                    99.630 
_refine.ls_number_reflns_obs                     31028 
_refine.pdbx_ls_cross_valid_method               THROUGHOUT 
_refine.pdbx_R_Free_selection_details            RANDOM 
_refine.details                                  
;HYDROGENS HAVE BEEN ADDED IN THE RIDING POSITIONS.  
Residues 60-69 are poorly defined. Residue 62 was modeled stereochemically.
;
_refine.ls_R_factor_obs                          0.204 
_refine.ls_R_factor_R_work                       0.203 
_refine.ls_R_factor_R_free                       0.222 
_refine.ls_percent_reflns_R_free                 5.000 
_refine.ls_number_reflns_R_free                  1551 
_refine.B_iso_mean                               18.477 
_refine.aniso_B[1][1]                            0.020 
_refine.aniso_B[2][2]                            0.020 
_refine.aniso_B[3][3]                            -0.020 
_refine.aniso_B[1][2]                            0.010 
_refine.aniso_B[1][3]                            0.000 
_refine.aniso_B[2][3]                            0.000 
_refine.correlation_coeff_Fo_to_Fc               0.953 
_refine.correlation_coeff_Fo_to_Fc_free          0.944 
_refine.pdbx_overall_ESU_R                       0.077 
_refine.pdbx_overall_ESU_R_Free                  0.075 
_refine.overall_SU_ML                            0.058 
_refine.overall_SU_B                             1.570 
_refine.solvent_model_details                    MASK 
_refine.pdbx_solvent_vdw_probe_radii             1.200 
_refine.pdbx_solvent_ion_probe_radii             0.800 
_refine.pdbx_solvent_shrinkage_radii             0.800 
_refine.pdbx_method_to_determine_struct          'MOLECULAR REPLACEMENT' 
_refine.pdbx_stereochemistry_target_values       'MAXIMUM LIKELIHOOD' 
_refine.pdbx_ls_sigma_I                          0.00 
_refine.ls_number_reflns_all                     29477 
_refine.ls_R_factor_all                          0.204 
_refine.ls_redundancy_reflns_obs                 ? 
_refine.pdbx_data_cutoff_high_absF               ? 
_refine.pdbx_data_cutoff_low_absF                ? 
_refine.ls_number_parameters                     ? 
_refine.ls_number_restraints                     ? 
_refine.ls_R_factor_R_free_error                 ? 
_refine.ls_R_factor_R_free_error_details         ? 
_refine.pdbx_starting_model                      'PDB ENTRY 4Q21' 
_refine.pdbx_stereochem_target_val_spec_case     ? 
_refine.solvent_model_param_bsol                 ? 
_refine.solvent_model_param_ksol                 ? 
_refine.occupancy_max                            ? 
_refine.occupancy_min                            ? 
_refine.pdbx_isotropic_thermal_model             ? 
_refine.B_iso_min                                ? 
_refine.B_iso_max                                ? 
_refine.overall_SU_R_Cruickshank_DPI             ? 
_refine.overall_SU_R_free                        ? 
_refine.pdbx_data_cutoff_high_rms_absF           ? 
_refine.ls_wR_factor_R_free                      ? 
_refine.ls_wR_factor_R_work                      ? 
_refine.overall_FOM_free_R_set                   ? 
_refine.overall_FOM_work_R_set                   ? 
_refine.pdbx_overall_phase_error                 ? 
_refine.pdbx_refine_id                           'X-RAY DIFFRACTION' 
_refine.pdbx_diffrn_id                           1 
_refine.pdbx_TLS_residual_ADP_flag               ? 
_refine.pdbx_overall_SU_R_free_Cruickshank_DPI   ? 
_refine.pdbx_overall_SU_R_Blow_DPI               ? 
_refine.pdbx_overall_SU_R_free_Blow_DPI          ? 
# 
_refine_hist.pdbx_refine_id                   'X-RAY DIFFRACTION' 
_refine_hist.cycle_id                         LAST 
_refine_hist.pdbx_number_atoms_protein        1324 
_refine_hist.pdbx_number_atoms_nucleic_acid   0 
_refine_hist.pdbx_number_atoms_ligand         29 
_refine_hist.number_atoms_solvent             111 
_refine_hist.number_atoms_total               1464 
_refine_hist.d_res_high                       1.490 
_refine_hist.d_res_low                        22.330 
# 
loop_
_refine_ls_restr.type 
_refine_ls_restr.number 
_refine_ls_restr.dev_ideal 
_refine_ls_restr.dev_ideal_target 
_refine_ls_restr.weight 
_refine_ls_restr.pdbx_refine_id 
_refine_ls_restr.pdbx_restraint_function 
r_bond_refined_d         1373 0.011  0.022  ? 'X-RAY DIFFRACTION' ? 
r_angle_refined_deg      1860 1.337  1.981  ? 'X-RAY DIFFRACTION' ? 
r_dihedral_angle_1_deg   165  5.278  5.000  ? 'X-RAY DIFFRACTION' ? 
r_dihedral_angle_2_deg   71   38.918 24.225 ? 'X-RAY DIFFRACTION' ? 
r_dihedral_angle_3_deg   240  12.922 15.000 ? 'X-RAY DIFFRACTION' ? 
r_dihedral_angle_4_deg   12   20.158 15.000 ? 'X-RAY DIFFRACTION' ? 
r_chiral_restr           207  0.077  0.200  ? 'X-RAY DIFFRACTION' ? 
r_gen_planes_refined     1037 0.005  0.020  ? 'X-RAY DIFFRACTION' ? 
r_nbd_refined            614  0.210  0.200  ? 'X-RAY DIFFRACTION' ? 
r_nbtor_refined          939  0.308  0.200  ? 'X-RAY DIFFRACTION' ? 
r_xyhbond_nbd_refined    109  0.122  0.200  ? 'X-RAY DIFFRACTION' ? 
r_symmetry_vdw_refined   51   0.197  0.200  ? 'X-RAY DIFFRACTION' ? 
r_symmetry_hbond_refined 17   0.101  0.200  ? 'X-RAY DIFFRACTION' ? 
r_mcbond_it              841  0.878  1.500  ? 'X-RAY DIFFRACTION' ? 
r_mcangle_it             1327 1.399  2.000  ? 'X-RAY DIFFRACTION' ? 
r_scbond_it              601  2.136  3.000  ? 'X-RAY DIFFRACTION' ? 
r_scangle_it             533  3.456  4.500  ? 'X-RAY DIFFRACTION' ? 
# 
_refine_ls_shell.d_res_high                       1.490 
_refine_ls_shell.d_res_low                        1.529 
_refine_ls_shell.pdbx_total_number_of_bins_used   20 
_refine_ls_shell.percent_reflns_obs               95.070 
_refine_ls_shell.number_reflns_R_work             2052 
_refine_ls_shell.R_factor_all                     ? 
_refine_ls_shell.R_factor_R_work                  0.358 
_refine_ls_shell.R_factor_R_free                  0.376 
_refine_ls_shell.percent_reflns_R_free            ? 
_refine_ls_shell.number_reflns_R_free             108 
_refine_ls_shell.R_factor_R_free_error            ? 
_refine_ls_shell.number_reflns_all                2160 
_refine_ls_shell.number_reflns_obs                ? 
_refine_ls_shell.redundancy_reflns_obs            ? 
_refine_ls_shell.pdbx_refine_id                   'X-RAY DIFFRACTION' 
# 
_struct.entry_id                  2QUZ 
_struct.title                     'Crystal Structure of the activating H-RasK117R mutant in Costello Syndrome, bound to Mg-GDP' 
_struct.pdbx_model_details        ? 
_struct.pdbx_CASP_flag            N 
_struct.pdbx_model_type_details   ? 
# 
_struct_keywords.entry_id        2QUZ 
_struct_keywords.text            'HYDROLASE, GTPase protein, Costello Syndrome, Ras protein, SIGNALING PROTEIN' 
_struct_keywords.pdbx_keywords   'SIGNALING PROTEIN, HYDROLASE' 
# 
loop_
_struct_asym.id 
_struct_asym.pdbx_blank_PDB_chainid_flag 
_struct_asym.pdbx_modified 
_struct_asym.entity_id 
_struct_asym.details 
A N N 1 ? 
B N N 2 ? 
C N N 3 ? 
D N N 4 ? 
# 
_struct_biol.id        1 
_struct_biol.details   ? 
# 
loop_
_struct_conf.conf_type_id 
_struct_conf.id 
_struct_conf.pdbx_PDB_helix_id 
_struct_conf.beg_label_comp_id 
_struct_conf.beg_label_asym_id 
_struct_conf.beg_label_seq_id 
_struct_conf.pdbx_beg_PDB_ins_code 
_struct_conf.end_label_comp_id 
_struct_conf.end_label_asym_id 
_struct_conf.end_label_seq_id 
_struct_conf.pdbx_end_PDB_ins_code 
_struct_conf.beg_auth_comp_id 
_struct_conf.beg_auth_asym_id 
_struct_conf.beg_auth_seq_id 
_struct_conf.end_auth_comp_id 
_struct_conf.end_auth_asym_id 
_struct_conf.end_auth_seq_id 
_struct_conf.pdbx_PDB_helix_class 
_struct_conf.details 
_struct_conf.pdbx_PDB_helix_length 
HELX_P HELX_P1 1 GLY A 15  ? ASN A 26  ? GLY A 15  ASN A 26  1 ? 12 
HELX_P HELX_P2 2 SER A 65  ? GLY A 75  ? SER A 65  GLY A 75  1 ? 11 
HELX_P HELX_P3 3 ASN A 86  ? ASP A 105 ? ASN A 86  ASP A 105 1 ? 20 
HELX_P HELX_P4 4 GLU A 126 ? GLY A 138 ? GLU A 126 GLY A 138 1 ? 13 
HELX_P HELX_P5 5 GLY A 151 ? ARG A 164 ? GLY A 151 ARG A 164 1 ? 14 
# 
_struct_conf_type.id          HELX_P 
_struct_conf_type.criteria    ? 
_struct_conf_type.reference   ? 
# 
loop_
_struct_conn.id 
_struct_conn.conn_type_id 
_struct_conn.pdbx_leaving_atom_flag 
_struct_conn.pdbx_PDB_id 
_struct_conn.ptnr1_label_asym_id 
_struct_conn.ptnr1_label_comp_id 
_struct_conn.ptnr1_label_seq_id 
_struct_conn.ptnr1_label_atom_id 
_struct_conn.pdbx_ptnr1_label_alt_id 
_struct_conn.pdbx_ptnr1_PDB_ins_code 
_struct_conn.pdbx_ptnr1_standard_comp_id 
_struct_conn.ptnr1_symmetry 
_struct_conn.ptnr2_label_asym_id 
_struct_conn.ptnr2_label_comp_id 
_struct_conn.ptnr2_label_seq_id 
_struct_conn.ptnr2_label_atom_id 
_struct_conn.pdbx_ptnr2_label_alt_id 
_struct_conn.pdbx_ptnr2_PDB_ins_code 
_struct_conn.ptnr1_auth_asym_id 
_struct_conn.ptnr1_auth_comp_id 
_struct_conn.ptnr1_auth_seq_id 
_struct_conn.ptnr2_auth_asym_id 
_struct_conn.ptnr2_auth_comp_id 
_struct_conn.ptnr2_auth_seq_id 
_struct_conn.ptnr2_symmetry 
_struct_conn.pdbx_ptnr3_label_atom_id 
_struct_conn.pdbx_ptnr3_label_seq_id 
_struct_conn.pdbx_ptnr3_label_comp_id 
_struct_conn.pdbx_ptnr3_label_asym_id 
_struct_conn.pdbx_ptnr3_label_alt_id 
_struct_conn.pdbx_ptnr3_PDB_ins_code 
_struct_conn.details 
_struct_conn.pdbx_dist_value 
_struct_conn.pdbx_value_order 
_struct_conn.pdbx_role 
metalc1 metalc ? ? A SER 17 OG  ? ? ? 1_555 B MG  . MG ? ? A SER 17  A MG  273 1_555 ? ? ? ? ? ? ? 2.097 ? ? 
metalc2 metalc ? ? C GDP .  O3B ? ? ? 1_555 B MG  . MG ? ? A GDP 180 A MG  273 1_555 ? ? ? ? ? ? ? 2.036 ? ? 
metalc3 metalc ? ? B MG  .  MG  ? ? ? 1_555 D HOH . O  ? ? A MG  273 A HOH 371 1_555 ? ? ? ? ? ? ? 2.065 ? ? 
metalc4 metalc ? ? B MG  .  MG  ? ? ? 1_555 D HOH . O  ? ? A MG  273 A HOH 372 1_555 ? ? ? ? ? ? ? 2.143 ? ? 
metalc5 metalc ? ? B MG  .  MG  ? ? ? 1_555 D HOH . O  ? ? A MG  273 A HOH 373 1_555 ? ? ? ? ? ? ? 2.077 ? ? 
metalc6 metalc ? ? B MG  .  MG  ? ? ? 1_555 D HOH . O  ? ? A MG  273 A HOH 378 1_555 ? ? ? ? ? ? ? 2.107 ? ? 
# 
_struct_conn_type.id          metalc 
_struct_conn_type.criteria    ? 
_struct_conn_type.reference   ? 
# 
_struct_sheet.id               A 
_struct_sheet.type             ? 
_struct_sheet.number_strands   6 
_struct_sheet.details          ? 
# 
loop_
_struct_sheet_order.sheet_id 
_struct_sheet_order.range_id_1 
_struct_sheet_order.range_id_2 
_struct_sheet_order.offset 
_struct_sheet_order.sense 
A 1 2 ? anti-parallel 
A 2 3 ? parallel      
A 3 4 ? parallel      
A 4 5 ? parallel      
A 5 6 ? parallel      
# 
loop_
_struct_sheet_range.sheet_id 
_struct_sheet_range.id 
_struct_sheet_range.beg_label_comp_id 
_struct_sheet_range.beg_label_asym_id 
_struct_sheet_range.beg_label_seq_id 
_struct_sheet_range.pdbx_beg_PDB_ins_code 
_struct_sheet_range.end_label_comp_id 
_struct_sheet_range.end_label_asym_id 
_struct_sheet_range.end_label_seq_id 
_struct_sheet_range.pdbx_end_PDB_ins_code 
_struct_sheet_range.beg_auth_comp_id 
_struct_sheet_range.beg_auth_asym_id 
_struct_sheet_range.beg_auth_seq_id 
_struct_sheet_range.end_auth_comp_id 
_struct_sheet_range.end_auth_asym_id 
_struct_sheet_range.end_auth_seq_id 
A 1 ASP A 38  ? ILE A 46  ? ASP A 38  ILE A 46  
A 2 GLU A 49  ? ASP A 57  ? GLU A 49  ASP A 57  
A 3 THR A 2   ? GLY A 10  ? THR A 2   GLY A 10  
A 4 GLY A 77  ? ALA A 83  ? GLY A 77  ALA A 83  
A 5 MET A 111 ? ASN A 116 ? MET A 111 ASN A 116 
A 6 TYR A 141 ? GLU A 143 ? TYR A 141 GLU A 143 
# 
loop_
_pdbx_struct_sheet_hbond.sheet_id 
_pdbx_struct_sheet_hbond.range_id_1 
_pdbx_struct_sheet_hbond.range_id_2 
_pdbx_struct_sheet_hbond.range_1_label_atom_id 
_pdbx_struct_sheet_hbond.range_1_label_comp_id 
_pdbx_struct_sheet_hbond.range_1_label_asym_id 
_pdbx_struct_sheet_hbond.range_1_label_seq_id 
_pdbx_struct_sheet_hbond.range_1_PDB_ins_code 
_pdbx_struct_sheet_hbond.range_1_auth_atom_id 
_pdbx_struct_sheet_hbond.range_1_auth_comp_id 
_pdbx_struct_sheet_hbond.range_1_auth_asym_id 
_pdbx_struct_sheet_hbond.range_1_auth_seq_id 
_pdbx_struct_sheet_hbond.range_2_label_atom_id 
_pdbx_struct_sheet_hbond.range_2_label_comp_id 
_pdbx_struct_sheet_hbond.range_2_label_asym_id 
_pdbx_struct_sheet_hbond.range_2_label_seq_id 
_pdbx_struct_sheet_hbond.range_2_PDB_ins_code 
_pdbx_struct_sheet_hbond.range_2_auth_atom_id 
_pdbx_struct_sheet_hbond.range_2_auth_comp_id 
_pdbx_struct_sheet_hbond.range_2_auth_asym_id 
_pdbx_struct_sheet_hbond.range_2_auth_seq_id 
A 1 2 N TYR A 40  ? N TYR A 40  O ILE A 55  ? O ILE A 55  
A 2 3 O ASP A 54  ? O ASP A 54  N TYR A 4   ? N TYR A 4   
A 3 4 N VAL A 9   ? N VAL A 9   O VAL A 81  ? O VAL A 81  
A 4 5 N PHE A 82  ? N PHE A 82  O ASN A 116 ? O ASN A 116 
A 5 6 N LEU A 113 ? N LEU A 113 O ILE A 142 ? O ILE A 142 
# 
loop_
_struct_site.id 
_struct_site.pdbx_evidence_code 
_struct_site.pdbx_auth_asym_id 
_struct_site.pdbx_auth_comp_id 
_struct_site.pdbx_auth_seq_id 
_struct_site.pdbx_auth_ins_code 
_struct_site.pdbx_num_residues 
_struct_site.details 
AC1 Software A MG  273 ? 5  'BINDING SITE FOR RESIDUE MG A 273'  
AC2 Software A GDP 180 ? 22 'BINDING SITE FOR RESIDUE GDP A 180' 
# 
loop_
_struct_site_gen.id 
_struct_site_gen.site_id 
_struct_site_gen.pdbx_num_res 
_struct_site_gen.label_comp_id 
_struct_site_gen.label_asym_id 
_struct_site_gen.label_seq_id 
_struct_site_gen.pdbx_auth_ins_code 
_struct_site_gen.auth_comp_id 
_struct_site_gen.auth_asym_id 
_struct_site_gen.auth_seq_id 
_struct_site_gen.label_atom_id 
_struct_site_gen.label_alt_id 
_struct_site_gen.symmetry 
_struct_site_gen.details 
1  AC1 5  SER A 17  ? SER A 17  . ? 1_555 ? 
2  AC1 5  HOH D .   ? HOH A 371 . ? 1_555 ? 
3  AC1 5  HOH D .   ? HOH A 372 . ? 1_555 ? 
4  AC1 5  HOH D .   ? HOH A 373 . ? 1_555 ? 
5  AC1 5  HOH D .   ? HOH A 378 . ? 1_555 ? 
6  AC2 22 GLY A 13  ? GLY A 13  . ? 1_555 ? 
7  AC2 22 GLY A 15  ? GLY A 15  . ? 1_555 ? 
8  AC2 22 LYS A 16  ? LYS A 16  . ? 1_555 ? 
9  AC2 22 SER A 17  ? SER A 17  . ? 1_555 ? 
10 AC2 22 ALA A 18  ? ALA A 18  . ? 1_555 ? 
11 AC2 22 PHE A 28  ? PHE A 28  . ? 1_555 ? 
12 AC2 22 ASP A 30  ? ASP A 30  . ? 1_555 ? 
13 AC2 22 TYR A 32  ? TYR A 32  . ? 1_555 ? 
14 AC2 22 ASN A 116 ? ASN A 116 . ? 1_555 ? 
15 AC2 22 ARG A 117 ? ARG A 117 . ? 1_555 ? 
16 AC2 22 ASP A 119 ? ASP A 119 . ? 1_555 ? 
17 AC2 22 LEU A 120 ? LEU A 120 . ? 1_555 ? 
18 AC2 22 SER A 145 ? SER A 145 . ? 1_555 ? 
19 AC2 22 ALA A 146 ? ALA A 146 . ? 1_555 ? 
20 AC2 22 LYS A 147 ? LYS A 147 . ? 1_555 ? 
21 AC2 22 HOH D .   ? HOH A 279 . ? 1_555 ? 
22 AC2 22 HOH D .   ? HOH A 298 . ? 1_555 ? 
23 AC2 22 HOH D .   ? HOH A 348 . ? 1_555 ? 
24 AC2 22 HOH D .   ? HOH A 350 . ? 1_555 ? 
25 AC2 22 HOH D .   ? HOH A 371 . ? 1_555 ? 
26 AC2 22 HOH D .   ? HOH A 372 . ? 1_555 ? 
27 AC2 22 HOH D .   ? HOH A 373 . ? 1_555 ? 
# 
_atom_sites.entry_id                    2QUZ 
_atom_sites.fract_transf_matrix[1][1]   -0.00269392 
_atom_sites.fract_transf_matrix[1][2]   -0.00524186 
_atom_sites.fract_transf_matrix[1][3]   -0.01106626 
_atom_sites.fract_transf_matrix[2][1]   -0.00668446 
_atom_sites.fract_transf_matrix[2][2]   -0.01059655 
_atom_sites.fract_transf_matrix[2][3]   -0.00045556 
_atom_sites.fract_transf_matrix[3][1]   -0.00725578 
_atom_sites.fract_transf_matrix[3][2]   0.00459468 
_atom_sites.fract_transf_matrix[3][3]   -0.00041009 
_atom_sites.fract_transf_vector[1]      0.107882 
_atom_sites.fract_transf_vector[2]      0.260937 
_atom_sites.fract_transf_vector[3]      0.227898 
# 
loop_
_atom_type.symbol 
C  
MG 
N  
O  
P  
S  
# 
loop_
_atom_site.group_PDB 
_atom_site.id 
_atom_site.type_symbol 
_atom_site.label_atom_id 
_atom_site.label_alt_id 
_atom_site.label_comp_id 
_atom_site.label_asym_id 
_atom_site.label_entity_id 
_atom_site.label_seq_id 
_atom_site.pdbx_PDB_ins_code 
_atom_site.Cartn_x 
_atom_site.Cartn_y 
_atom_site.Cartn_z 
_atom_site.occupancy 
_atom_site.B_iso_or_equiv 
_atom_site.pdbx_formal_charge 
_atom_site.auth_seq_id 
_atom_site.auth_comp_id 
_atom_site.auth_asym_id 
_atom_site.auth_atom_id 
_atom_site.pdbx_PDB_model_num 
ATOM   1    N  N     . MET A 1 1   ? -12.050 -20.446 2.172   1.00 27.22 ? 1   MET A N     1 
ATOM   2    C  CA    . MET A 1 1   ? -11.112 -19.300 2.381   1.00 27.25 ? 1   MET A CA    1 
ATOM   3    C  C     . MET A 1 1   ? -10.442 -18.844 1.082   1.00 25.20 ? 1   MET A C     1 
ATOM   4    O  O     . MET A 1 1   ? -9.765  -19.624 0.403   1.00 25.71 ? 1   MET A O     1 
ATOM   5    C  CB    . MET A 1 1   ? -10.056 -19.658 3.421   1.00 27.40 ? 1   MET A CB    1 
ATOM   6    C  CG    . MET A 1 1   ? -9.304  -18.457 3.947   1.00 28.47 ? 1   MET A CG    1 
ATOM   7    S  SD    . MET A 1 1   ? -8.511  -18.735 5.543   1.00 31.43 ? 1   MET A SD    1 
ATOM   8    C  CE    . MET A 1 1   ? -7.249  -19.923 5.084   1.00 29.98 ? 1   MET A CE    1 
ATOM   9    N  N     . THR A 1 2   ? -10.613 -17.564 0.763   1.00 22.68 ? 2   THR A N     1 
ATOM   10   C  CA    . THR A 1 2   ? -10.108 -16.995 -0.480  1.00 20.23 ? 2   THR A CA    1 
ATOM   11   C  C     . THR A 1 2   ? -8.834  -16.195 -0.224  1.00 19.14 ? 2   THR A C     1 
ATOM   12   O  O     . THR A 1 2   ? -8.770  -15.362 0.689   1.00 18.45 ? 2   THR A O     1 
ATOM   13   C  CB    . THR A 1 2   ? -11.174 -16.103 -1.133  1.00 20.03 ? 2   THR A CB    1 
ATOM   14   O  OG1   . THR A 1 2   ? -12.381 -16.863 -1.284  1.00 20.52 ? 2   THR A OG1   1 
ATOM   15   C  CG2   . THR A 1 2   ? -10.711 -15.609 -2.487  1.00 20.01 ? 2   THR A CG2   1 
ATOM   16   N  N     . GLU A 1 3   ? -7.812  -16.456 -1.028  1.00 17.27 ? 3   GLU A N     1 
ATOM   17   C  CA    . GLU A 1 3   ? -6.554  -15.767 -0.835  1.00 16.52 ? 3   GLU A CA    1 
ATOM   18   C  C     . GLU A 1 3   ? -6.462  -14.534 -1.713  1.00 15.22 ? 3   GLU A C     1 
ATOM   19   O  O     . GLU A 1 3   ? -6.868  -14.562 -2.873  1.00 15.79 ? 3   GLU A O     1 
ATOM   20   C  CB    . GLU A 1 3   ? -5.392  -16.689 -1.159  1.00 17.21 ? 3   GLU A CB    1 
ATOM   21   C  CG    . GLU A 1 3   ? -5.196  -17.852 -0.201  1.00 20.92 ? 3   GLU A CG    1 
ATOM   22   C  CD    . GLU A 1 3   ? -3.935  -18.621 -0.541  1.00 25.66 ? 3   GLU A CD    1 
ATOM   23   O  OE1   . GLU A 1 3   ? -2.833  -18.176 -0.145  1.00 26.81 ? 3   GLU A OE1   1 
ATOM   24   O  OE2   . GLU A 1 3   ? -4.054  -19.656 -1.238  1.00 29.19 ? 3   GLU A OE2   1 
ATOM   25   N  N     . TYR A 1 4   ? -5.920  -13.457 -1.148  1.00 13.82 ? 4   TYR A N     1 
ATOM   26   C  CA    . TYR A 1 4   ? -5.614  -12.258 -1.917  1.00 13.09 ? 4   TYR A CA    1 
ATOM   27   C  C     . TYR A 1 4   ? -4.173  -11.852 -1.697  1.00 12.99 ? 4   TYR A C     1 
ATOM   28   O  O     . TYR A 1 4   ? -3.723  -11.726 -0.549  1.00 13.14 ? 4   TYR A O     1 
ATOM   29   C  CB    . TYR A 1 4   ? -6.560  -11.096 -1.559  1.00 13.20 ? 4   TYR A CB    1 
ATOM   30   C  CG    . TYR A 1 4   ? -8.000  -11.338 -1.934  1.00 14.10 ? 4   TYR A CG    1 
ATOM   31   C  CD1   . TYR A 1 4   ? -8.489  -10.967 -3.186  1.00 13.07 ? 4   TYR A CD1   1 
ATOM   32   C  CD2   . TYR A 1 4   ? -8.864  -11.952 -1.037  1.00 13.27 ? 4   TYR A CD2   1 
ATOM   33   C  CE1   . TYR A 1 4   ? -9.815  -11.199 -3.527  1.00 14.45 ? 4   TYR A CE1   1 
ATOM   34   C  CE2   . TYR A 1 4   ? -10.196 -12.186 -1.365  1.00 13.97 ? 4   TYR A CE2   1 
ATOM   35   C  CZ    . TYR A 1 4   ? -10.642 -11.824 -2.620  1.00 13.54 ? 4   TYR A CZ    1 
ATOM   36   O  OH    . TYR A 1 4   ? -11.950 -12.036 -2.966  1.00 13.20 ? 4   TYR A OH    1 
ATOM   37   N  N     . LYS A 1 5   ? -3.449  -11.650 -2.791  1.00 12.60 ? 5   LYS A N     1 
ATOM   38   C  CA    . LYS A 1 5   ? -2.019  -11.372 -2.694  1.00 12.22 ? 5   LYS A CA    1 
ATOM   39   C  C     . LYS A 1 5   ? -1.792  -9.881  -2.932  1.00 12.47 ? 5   LYS A C     1 
ATOM   40   O  O     . LYS A 1 5   ? -1.991  -9.365  -4.036  1.00 12.64 ? 5   LYS A O     1 
ATOM   41   C  CB    . LYS A 1 5   ? -1.191  -12.269 -3.637  1.00 12.75 ? 5   LYS A CB    1 
ATOM   42   C  CG    . LYS A 1 5   ? 0.302   -12.141 -3.405  1.00 14.55 ? 5   LYS A CG    1 
ATOM   43   C  CD    . LYS A 1 5   ? 1.095   -12.931 -4.434  1.00 18.82 ? 5   LYS A CD    1 
ATOM   44   C  CE    . LYS A 1 5   ? 1.536   -14.254 -3.842  1.00 21.84 ? 5   LYS A CE    1 
ATOM   45   N  NZ    . LYS A 1 5   ? 2.185   -15.104 -4.883  1.00 25.63 ? 5   LYS A NZ    1 
ATOM   46   N  N     . LEU A 1 6   ? -1.393  -9.206  -1.869  1.00 11.85 ? 6   LEU A N     1 
ATOM   47   C  CA    . LEU A 1 6   ? -1.268  -7.754  -1.865  1.00 12.01 ? 6   LEU A CA    1 
ATOM   48   C  C     . LEU A 1 6   ? 0.196   -7.344  -1.694  1.00 12.55 ? 6   LEU A C     1 
ATOM   49   O  O     . LEU A 1 6   ? 0.954   -8.007  -0.977  1.00 12.83 ? 6   LEU A O     1 
ATOM   50   C  CB    . LEU A 1 6   ? -2.130  -7.152  -0.744  1.00 12.69 ? 6   LEU A CB    1 
ATOM   51   C  CG    . LEU A 1 6   ? -3.577  -7.611  -0.501  1.00 13.89 ? 6   LEU A CG    1 
ATOM   52   C  CD1   . LEU A 1 6   ? -4.208  -6.811  0.657   1.00 14.03 ? 6   LEU A CD1   1 
ATOM   53   C  CD2   . LEU A 1 6   ? -4.380  -7.497  -1.760  1.00 14.90 ? 6   LEU A CD2   1 
ATOM   54   N  N     . VAL A 1 7   ? 0.587   -6.257  -2.347  1.00 12.10 ? 7   VAL A N     1 
ATOM   55   C  CA    . VAL A 1 7   ? 1.954   -5.780  -2.268  1.00 12.35 ? 7   VAL A CA    1 
ATOM   56   C  C     . VAL A 1 7   ? 1.931   -4.312  -1.880  1.00 12.11 ? 7   VAL A C     1 
ATOM   57   O  O     . VAL A 1 7   ? 1.244   -3.513  -2.525  1.00 12.87 ? 7   VAL A O     1 
ATOM   58   C  CB    . VAL A 1 7   ? 2.709   -5.975  -3.605  1.00 12.63 ? 7   VAL A CB    1 
ATOM   59   C  CG1   . VAL A 1 7   ? 4.186   -5.629  -3.446  1.00 11.83 ? 7   VAL A CG1   1 
ATOM   60   C  CG2   . VAL A 1 7   ? 2.587   -7.417  -4.108  1.00 12.81 ? 7   VAL A CG2   1 
ATOM   61   N  N     . VAL A 1 8   ? 2.690   -3.962  -0.846  1.00 11.07 ? 8   VAL A N     1 
ATOM   62   C  CA    . VAL A 1 8   ? 2.727   -2.586  -0.327  1.00 11.12 ? 8   VAL A CA    1 
ATOM   63   C  C     . VAL A 1 8   ? 4.041   -1.968  -0.822  1.00 11.31 ? 8   VAL A C     1 
ATOM   64   O  O     . VAL A 1 8   ? 5.142   -2.420  -0.437  1.00 11.52 ? 8   VAL A O     1 
ATOM   65   C  CB    . VAL A 1 8   ? 2.669   -2.542  1.223   1.00 11.21 ? 8   VAL A CB    1 
ATOM   66   C  CG1   . VAL A 1 8   ? 2.600   -1.099  1.736   1.00 10.33 ? 8   VAL A CG1   1 
ATOM   67   C  CG2   . VAL A 1 8   ? 1.526   -3.387  1.777   1.00 9.94  ? 8   VAL A CG2   1 
ATOM   68   N  N     . VAL A 1 9   ? 3.924   -0.958  -1.678  1.00 11.55 ? 9   VAL A N     1 
ATOM   69   C  CA    . VAL A 1 9   ? 5.072   -0.281  -2.271  1.00 11.59 ? 9   VAL A CA    1 
ATOM   70   C  C     . VAL A 1 9   ? 5.070   1.204   -1.943  1.00 11.98 ? 9   VAL A C     1 
ATOM   71   O  O     . VAL A 1 9   ? 4.032   1.763   -1.583  1.00 11.99 ? 9   VAL A O     1 
ATOM   72   C  CB    . VAL A 1 9   ? 5.167   -0.467  -3.823  1.00 12.68 ? 9   VAL A CB    1 
ATOM   73   C  CG1   . VAL A 1 9   ? 5.165   -1.964  -4.205  1.00 12.21 ? 9   VAL A CG1   1 
ATOM   74   C  CG2   . VAL A 1 9   ? 4.047   0.281   -4.548  1.00 12.87 ? 9   VAL A CG2   1 
ATOM   75   N  N     . GLY A 1 10  ? 6.228   1.840   -2.066  1.00 12.15 ? 10  GLY A N     1 
ATOM   76   C  CA    . GLY A 1 10  ? 6.347   3.273   -1.804  1.00 13.10 ? 10  GLY A CA    1 
ATOM   77   C  C     . GLY A 1 10  ? 7.710   3.593   -1.245  1.00 13.04 ? 10  GLY A C     1 
ATOM   78   O  O     . GLY A 1 10  ? 8.468   2.682   -0.853  1.00 12.92 ? 10  GLY A O     1 
ATOM   79   N  N     . ALA A 1 11  ? 8.021   4.884   -1.152  1.00 13.32 ? 11  ALA A N     1 
ATOM   80   C  CA    . ALA A 1 11  ? 9.339   5.334   -0.694  1.00 13.02 ? 11  ALA A CA    1 
ATOM   81   C  C     . ALA A 1 11  ? 9.626   4.874   0.732   1.00 13.32 ? 11  ALA A C     1 
ATOM   82   O  O     . ALA A 1 11  ? 8.715   4.591   1.504   1.00 11.52 ? 11  ALA A O     1 
ATOM   83   C  CB    . ALA A 1 11  ? 9.435   6.869   -0.786  1.00 13.25 ? 11  ALA A CB    1 
ATOM   84   N  N     . GLY A 1 12  ? 10.913  4.770   1.060   1.00 14.58 ? 12  GLY A N     1 
ATOM   85   C  CA    . GLY A 1 12  ? 11.349  4.464   2.424   1.00 14.91 ? 12  GLY A CA    1 
ATOM   86   C  C     . GLY A 1 12  ? 10.836  5.533   3.366   1.00 14.49 ? 12  GLY A C     1 
ATOM   87   O  O     . GLY A 1 12  ? 10.858  6.720   3.055   1.00 14.94 ? 12  GLY A O     1 
ATOM   88   N  N     . GLY A 1 13  ? 10.335  5.101   4.511   1.00 14.44 ? 13  GLY A N     1 
ATOM   89   C  CA    . GLY A 1 13  ? 9.985   6.010   5.580   1.00 13.74 ? 13  GLY A CA    1 
ATOM   90   C  C     . GLY A 1 13  ? 8.593   6.610   5.546   1.00 13.49 ? 13  GLY A C     1 
ATOM   91   O  O     . GLY A 1 13  ? 8.323   7.558   6.282   1.00 15.64 ? 13  GLY A O     1 
ATOM   92   N  N     . VAL A 1 14  ? 7.708   6.068   4.714   1.00 12.65 ? 14  VAL A N     1 
ATOM   93   C  CA    . VAL A 1 14  ? 6.355   6.628   4.599   1.00 11.39 ? 14  VAL A CA    1 
ATOM   94   C  C     . VAL A 1 14  ? 5.356   5.922   5.505   1.00 11.98 ? 14  VAL A C     1 
ATOM   95   O  O     . VAL A 1 14  ? 4.248   6.412   5.689   1.00 11.61 ? 14  VAL A O     1 
ATOM   96   C  CB    . VAL A 1 14  ? 5.825   6.554   3.157   1.00 10.75 ? 14  VAL A CB    1 
ATOM   97   C  CG1   . VAL A 1 14  ? 6.726   7.357   2.210   1.00 10.30 ? 14  VAL A CG1   1 
ATOM   98   C  CG2   . VAL A 1 14  ? 5.716   5.110   2.706   1.00 9.47  ? 14  VAL A CG2   1 
ATOM   99   N  N     . GLY A 1 15  ? 5.761   4.780   6.065   1.00 11.58 ? 15  GLY A N     1 
ATOM   100  C  CA    . GLY A 1 15  ? 4.915   3.977   6.942   1.00 12.07 ? 15  GLY A CA    1 
ATOM   101  C  C     . GLY A 1 15  ? 4.359   2.706   6.334   1.00 12.25 ? 15  GLY A C     1 
ATOM   102  O  O     . GLY A 1 15  ? 3.316   2.225   6.769   1.00 11.98 ? 15  GLY A O     1 
ATOM   103  N  N     . LYS A 1 16  ? 5.053   2.121   5.359   1.00 11.51 ? 16  LYS A N     1 
ATOM   104  C  CA    . LYS A 1 16  ? 4.572   0.867   4.786   1.00 13.02 ? 16  LYS A CA    1 
ATOM   105  C  C     . LYS A 1 16  ? 4.496   -0.226  5.863   1.00 13.33 ? 16  LYS A C     1 
ATOM   106  O  O     . LYS A 1 16  ? 3.487   -0.956  5.974   1.00 13.26 ? 16  LYS A O     1 
ATOM   107  C  CB    . LYS A 1 16  ? 5.454   0.421   3.628   1.00 12.66 ? 16  LYS A CB    1 
ATOM   108  C  CG    . LYS A 1 16  ? 5.388   1.370   2.419   1.00 12.56 ? 16  LYS A CG    1 
ATOM   109  C  CD    . LYS A 1 16  ? 6.276   0.894   1.268   1.00 14.25 ? 16  LYS A CD    1 
ATOM   110  C  CE    . LYS A 1 16  ? 7.727   0.659   1.711   1.00 15.23 ? 16  LYS A CE    1 
ATOM   111  N  NZ    . LYS A 1 16  ? 8.444   1.906   2.120   1.00 16.28 ? 16  LYS A NZ    1 
ATOM   112  N  N     . SER A 1 17  ? 5.581   -0.339  6.636   1.00 12.91 ? 17  SER A N     1 
ATOM   113  C  CA    . SER A 1 17  ? 5.678   -1.343  7.691   1.00 13.55 ? 17  SER A CA    1 
ATOM   114  C  C     . SER A 1 17  ? 4.678   -1.067  8.782   1.00 13.28 ? 17  SER A C     1 
ATOM   115  O  O     . SER A 1 17  ? 3.954   -1.973  9.187   1.00 14.14 ? 17  SER A O     1 
ATOM   116  C  CB    . SER A 1 17  ? 7.095   -1.399  8.263   1.00 12.90 ? 17  SER A CB    1 
ATOM   117  O  OG    . SER A 1 17  ? 7.992   -1.910  7.292   1.00 15.10 ? 17  SER A OG    1 
ATOM   118  N  N     . ALA A 1 18  ? 4.629   0.182   9.244   1.00 12.97 ? 18  ALA A N     1 
ATOM   119  C  CA    . ALA A 1 18  ? 3.661   0.590   10.253  1.00 12.10 ? 18  ALA A CA    1 
ATOM   120  C  C     . ALA A 1 18  ? 2.211   0.328   9.832   1.00 12.14 ? 18  ALA A C     1 
ATOM   121  O  O     . ALA A 1 18  ? 1.388   -0.116  10.654  1.00 11.57 ? 18  ALA A O     1 
ATOM   122  C  CB    . ALA A 1 18  ? 3.869   2.048   10.643  1.00 12.37 ? 18  ALA A CB    1 
ATOM   123  N  N     . LEU A 1 19  ? 1.905   0.564   8.559   1.00 12.85 ? 19  LEU A N     1 
ATOM   124  C  CA    . LEU A 1 19  ? 0.541   0.304   8.071   1.00 12.60 ? 19  LEU A CA    1 
ATOM   125  C  C     . LEU A 1 19  ? 0.192   -1.168  8.171   1.00 12.91 ? 19  LEU A C     1 
ATOM   126  O  O     . LEU A 1 19  ? -0.879  -1.540  8.662   1.00 12.83 ? 19  LEU A O     1 
ATOM   127  C  CB    . LEU A 1 19  ? 0.374   0.752   6.616   1.00 12.83 ? 19  LEU A CB    1 
ATOM   128  C  CG    . LEU A 1 19  ? 0.005   2.237   6.481   1.00 14.74 ? 19  LEU A CG    1 
ATOM   129  C  CD1   . LEU A 1 19  ? 0.168   2.693   5.036   1.00 15.03 ? 19  LEU A CD1   1 
ATOM   130  C  CD2   . LEU A 1 19  ? -1.401  2.581   6.988   1.00 14.03 ? 19  LEU A CD2   1 
ATOM   131  N  N     . THR A 1 20  ? 1.113   -1.989  7.685   1.00 13.44 ? 20  THR A N     1 
ATOM   132  C  CA    . THR A 1 20  ? 0.943   -3.439  7.682   1.00 14.43 ? 20  THR A CA    1 
ATOM   133  C  C     . THR A 1 20  ? 0.836   -3.969  9.109   1.00 15.26 ? 20  THR A C     1 
ATOM   134  O  O     . THR A 1 20  ? -0.053  -4.764  9.416   1.00 15.18 ? 20  THR A O     1 
ATOM   135  C  CB    . THR A 1 20  ? 2.097   -4.122  6.917   1.00 14.71 ? 20  THR A CB    1 
ATOM   136  O  OG1   . THR A 1 20  ? 2.232   -3.527  5.613   1.00 14.69 ? 20  THR A OG1   1 
ATOM   137  C  CG2   . THR A 1 20  ? 1.820   -5.634  6.780   1.00 15.21 ? 20  THR A CG2   1 
ATOM   138  N  N     . ILE A 1 21  ? 1.701   -3.485  9.991   1.00 15.81 ? 21  ILE A N     1 
ATOM   139  C  CA    . ILE A 1 21  ? 1.674   -3.918  11.399  1.00 17.31 ? 21  ILE A CA    1 
ATOM   140  C  C     . ILE A 1 21  ? 0.370   -3.517  12.072  1.00 17.10 ? 21  ILE A C     1 
ATOM   141  O  O     . ILE A 1 21  ? -0.190  -4.287  12.856  1.00 16.38 ? 21  ILE A O     1 
ATOM   142  C  CB    . ILE A 1 21  ? 2.876   -3.360  12.242  1.00 18.38 ? 21  ILE A CB    1 
ATOM   143  C  CG1   . ILE A 1 21  ? 4.236   -3.594  11.588  1.00 21.22 ? 21  ILE A CG1   1 
ATOM   144  C  CG2   . ILE A 1 21  ? 2.877   -3.937  13.651  1.00 19.97 ? 21  ILE A CG2   1 
ATOM   145  C  CD1   . ILE A 1 21  ? 4.452   -4.937  11.067  1.00 24.29 ? 21  ILE A CD1   1 
ATOM   146  N  N     . GLN A 1 22  ? -0.120  -2.312  11.781  1.00 16.17 ? 22  GLN A N     1 
ATOM   147  C  CA    . GLN A 1 22  ? -1.379  -1.876  12.338  1.00 16.04 ? 22  GLN A CA    1 
ATOM   148  C  C     . GLN A 1 22  ? -2.511  -2.839  11.904  1.00 16.18 ? 22  GLN A C     1 
ATOM   149  O  O     . GLN A 1 22  ? -3.355  -3.243  12.726  1.00 16.30 ? 22  GLN A O     1 
ATOM   150  C  CB    . GLN A 1 22  ? -1.673  -0.428  11.928  1.00 16.58 ? 22  GLN A CB    1 
ATOM   151  C  CG    . GLN A 1 22  ? -2.985  0.135   12.450  1.00 17.96 ? 22  GLN A CG    1 
ATOM   152  C  CD    . GLN A 1 22  ? -3.066  0.192   13.976  1.00 20.02 ? 22  GLN A CD    1 
ATOM   153  O  OE1   . GLN A 1 22  ? -2.379  0.975   14.630  1.00 22.03 ? 22  GLN A OE1   1 
ATOM   154  N  NE2   . GLN A 1 22  ? -3.925  -0.626  14.538  1.00 17.82 ? 22  GLN A NE2   1 
ATOM   155  N  N     . LEU A 1 23  ? -2.535  -3.198  10.622  1.00 15.34 ? 23  LEU A N     1 
ATOM   156  C  CA    . LEU A 1 23  ? -3.569  -4.109  10.124  1.00 15.46 ? 23  LEU A CA    1 
ATOM   157  C  C     . LEU A 1 23  ? -3.493  -5.459  10.841  1.00 16.41 ? 23  LEU A C     1 
ATOM   158  O  O     . LEU A 1 23  ? -4.509  -5.987  11.290  1.00 17.32 ? 23  LEU A O     1 
ATOM   159  C  CB    . LEU A 1 23  ? -3.474  -4.309  8.610   1.00 14.35 ? 23  LEU A CB    1 
ATOM   160  C  CG    . LEU A 1 23  ? -4.597  -5.160  7.998   1.00 14.23 ? 23  LEU A CG    1 
ATOM   161  C  CD1   . LEU A 1 23  ? -5.831  -4.325  7.841   1.00 13.87 ? 23  LEU A CD1   1 
ATOM   162  C  CD2   . LEU A 1 23  ? -4.219  -5.743  6.651   1.00 14.16 ? 23  LEU A CD2   1 
ATOM   163  N  N     . ILE A 1 24  ? -2.282  -6.008  10.934  1.00 17.11 ? 24  ILE A N     1 
ATOM   164  C  CA    . ILE A 1 24  ? -2.067  -7.347  11.504  1.00 19.07 ? 24  ILE A CA    1 
ATOM   165  C  C     . ILE A 1 24  ? -2.236  -7.348  13.039  1.00 19.91 ? 24  ILE A C     1 
ATOM   166  O  O     . ILE A 1 24  ? -2.981  -8.175  13.590  1.00 20.13 ? 24  ILE A O     1 
ATOM   167  C  CB    . ILE A 1 24  ? -0.648  -7.898  11.120  1.00 19.32 ? 24  ILE A CB    1 
ATOM   168  C  CG1   . ILE A 1 24  ? -0.403  -7.912  9.596   1.00 20.47 ? 24  ILE A CG1   1 
ATOM   169  C  CG2   . ILE A 1 24  ? -0.365  -9.272  11.753  1.00 20.83 ? 24  ILE A CG2   1 
ATOM   170  C  CD1   . ILE A 1 24  ? -1.022  -9.047  8.825   1.00 21.99 ? 24  ILE A CD1   1 
ATOM   171  N  N     . GLN A 1 25  ? -1.574  -6.410  13.716  1.00 20.82 ? 25  GLN A N     1 
ATOM   172  C  CA    . GLN A 1 25  ? -1.431  -6.442  15.191  1.00 22.52 ? 25  GLN A CA    1 
ATOM   173  C  C     . GLN A 1 25  ? -2.268  -5.441  15.967  1.00 22.96 ? 25  GLN A C     1 
ATOM   174  O  O     . GLN A 1 25  ? -2.352  -5.536  17.190  1.00 23.35 ? 25  GLN A O     1 
ATOM   175  C  CB    . GLN A 1 25  ? 0.033   -6.258  15.599  1.00 23.10 ? 25  GLN A CB    1 
ATOM   176  C  CG    . GLN A 1 25  ? 1.009   -7.215  14.937  1.00 26.80 ? 25  GLN A CG    1 
ATOM   177  C  CD    . GLN A 1 25  ? 0.946   -8.641  15.491  1.00 31.46 ? 25  GLN A CD    1 
ATOM   178  O  OE1   . GLN A 1 25  ? 0.074   -8.983  16.295  1.00 34.53 ? 25  GLN A OE1   1 
ATOM   179  N  NE2   . GLN A 1 25  ? 1.888   -9.476  15.057  1.00 32.06 ? 25  GLN A NE2   1 
ATOM   180  N  N     . ASN A 1 26  ? -2.887  -4.482  15.281  1.00 23.13 ? 26  ASN A N     1 
ATOM   181  C  CA    . ASN A 1 26  ? -3.689  -3.441  15.942  1.00 24.49 ? 26  ASN A CA    1 
ATOM   182  C  C     . ASN A 1 26  ? -2.866  -2.575  16.903  1.00 24.22 ? 26  ASN A C     1 
ATOM   183  O  O     . ASN A 1 26  ? -3.358  -2.170  17.952  1.00 24.82 ? 26  ASN A O     1 
ATOM   184  C  CB    . ASN A 1 26  ? -4.906  -4.046  16.679  1.00 25.21 ? 26  ASN A CB    1 
ATOM   185  C  CG    . ASN A 1 26  ? -5.658  -5.067  15.832  1.00 28.49 ? 26  ASN A CG    1 
ATOM   186  O  OD1   . ASN A 1 26  ? -5.392  -6.274  15.903  1.00 33.22 ? 26  ASN A OD1   1 
ATOM   187  N  ND2   . ASN A 1 26  ? -6.593  -4.586  15.020  1.00 31.17 ? 26  ASN A ND2   1 
ATOM   188  N  N     . HIS A 1 27  ? -1.618  -2.307  16.517  1.00 23.89 ? 27  HIS A N     1 
ATOM   189  C  CA    . HIS A 1 27  ? -0.645  -1.572  17.315  1.00 23.47 ? 27  HIS A CA    1 
ATOM   190  C  C     . HIS A 1 27  ? 0.207   -0.746  16.353  1.00 22.75 ? 27  HIS A C     1 
ATOM   191  O  O     . HIS A 1 27  ? 0.446   -1.160  15.213  1.00 21.87 ? 27  HIS A O     1 
ATOM   192  C  CB    . HIS A 1 27  ? 0.242   -2.564  18.092  1.00 23.48 ? 27  HIS A CB    1 
ATOM   193  C  CG    . HIS A 1 27  ? 1.218   -1.919  19.031  1.00 25.45 ? 27  HIS A CG    1 
ATOM   194  N  ND1   . HIS A 1 27  ? 0.837   -1.345  20.225  1.00 26.41 ? 27  HIS A ND1   1 
ATOM   195  C  CD2   . HIS A 1 27  ? 2.565   -1.780  18.962  1.00 27.18 ? 27  HIS A CD2   1 
ATOM   196  C  CE1   . HIS A 1 27  ? 1.902   -0.869  20.846  1.00 27.70 ? 27  HIS A CE1   1 
ATOM   197  N  NE2   . HIS A 1 27  ? 2.965   -1.118  20.101  1.00 27.38 ? 27  HIS A NE2   1 
ATOM   198  N  N     . PHE A 1 28  ? 0.677   0.407   16.830  1.00 22.40 ? 28  PHE A N     1 
ATOM   199  C  CA    . PHE A 1 28  ? 1.575   1.277   16.067  1.00 22.61 ? 28  PHE A CA    1 
ATOM   200  C  C     . PHE A 1 28  ? 3.018   1.048   16.472  1.00 23.61 ? 28  PHE A C     1 
ATOM   201  O  O     . PHE A 1 28  ? 3.367   1.270   17.632  1.00 23.48 ? 28  PHE A O     1 
ATOM   202  C  CB    . PHE A 1 28  ? 1.208   2.741   16.310  1.00 21.66 ? 28  PHE A CB    1 
ATOM   203  C  CG    . PHE A 1 28  ? 2.160   3.739   15.671  1.00 19.32 ? 28  PHE A CG    1 
ATOM   204  C  CD1   . PHE A 1 28  ? 2.373   3.748   14.296  1.00 17.33 ? 28  PHE A CD1   1 
ATOM   205  C  CD2   . PHE A 1 28  ? 2.817   4.692   16.452  1.00 17.83 ? 28  PHE A CD2   1 
ATOM   206  C  CE1   . PHE A 1 28  ? 3.231   4.677   13.704  1.00 17.89 ? 28  PHE A CE1   1 
ATOM   207  C  CE2   . PHE A 1 28  ? 3.678   5.636   15.875  1.00 18.87 ? 28  PHE A CE2   1 
ATOM   208  C  CZ    . PHE A 1 28  ? 3.888   5.629   14.496  1.00 18.64 ? 28  PHE A CZ    1 
ATOM   209  N  N     . VAL A 1 29  ? 3.841   0.587   15.529  1.00 25.27 ? 29  VAL A N     1 
ATOM   210  C  CA    . VAL A 1 29  ? 5.284   0.429   15.757  1.00 27.35 ? 29  VAL A CA    1 
ATOM   211  C  C     . VAL A 1 29  ? 6.035   1.546   15.044  1.00 28.22 ? 29  VAL A C     1 
ATOM   212  O  O     . VAL A 1 29  ? 5.918   1.707   13.820  1.00 28.08 ? 29  VAL A O     1 
ATOM   213  C  CB    . VAL A 1 29  ? 5.851   -0.967  15.332  1.00 27.15 ? 29  VAL A CB    1 
ATOM   214  C  CG1   . VAL A 1 29  ? 5.099   -2.085  16.010  1.00 27.95 ? 29  VAL A CG1   1 
ATOM   215  C  CG2   . VAL A 1 29  ? 5.835   -1.162  13.808  1.00 29.04 ? 29  VAL A CG2   1 
ATOM   216  N  N     . ASP A 1 30  ? 6.797   2.317   15.814  1.00 29.35 ? 30  ASP A N     1 
ATOM   217  C  CA    . ASP A 1 30  ? 7.476   3.486   15.267  1.00 30.81 ? 30  ASP A CA    1 
ATOM   218  C  C     . ASP A 1 30  ? 8.956   3.318   14.931  1.00 31.20 ? 30  ASP A C     1 
ATOM   219  O  O     . ASP A 1 30  ? 9.592   4.267   14.475  1.00 31.45 ? 30  ASP A O     1 
ATOM   220  C  CB    . ASP A 1 30  ? 7.243   4.733   16.141  1.00 30.86 ? 30  ASP A CB    1 
ATOM   221  C  CG    . ASP A 1 30  ? 7.864   4.626   17.509  1.00 32.43 ? 30  ASP A CG    1 
ATOM   222  O  OD1   . ASP A 1 30  ? 8.476   3.588   17.828  1.00 34.06 ? 30  ASP A OD1   1 
ATOM   223  O  OD2   . ASP A 1 30  ? 7.723   5.599   18.280  1.00 34.57 ? 30  ASP A OD2   1 
ATOM   224  N  N     . GLU A 1 31  ? 9.500   2.123   15.136  1.00 31.61 ? 31  GLU A N     1 
ATOM   225  C  CA    . GLU A 1 31  ? 10.934  1.918   14.929  1.00 32.42 ? 31  GLU A CA    1 
ATOM   226  C  C     . GLU A 1 31  ? 11.222  0.672   14.112  1.00 31.36 ? 31  GLU A C     1 
ATOM   227  O  O     . GLU A 1 31  ? 12.310  0.087   14.201  1.00 31.99 ? 31  GLU A O     1 
ATOM   228  C  CB    . GLU A 1 31  ? 11.665  1.848   16.275  1.00 32.50 ? 31  GLU A CB    1 
ATOM   229  C  CG    . GLU A 1 31  ? 11.645  3.161   17.056  1.00 34.65 ? 31  GLU A CG    1 
ATOM   230  C  CD    . GLU A 1 31  ? 12.302  3.062   18.431  1.00 35.19 ? 31  GLU A CD    1 
ATOM   231  O  OE1   . GLU A 1 31  ? 13.071  2.104   18.671  1.00 38.31 ? 31  GLU A OE1   1 
ATOM   232  O  OE2   . GLU A 1 31  ? 12.045  3.957   19.270  1.00 38.67 ? 31  GLU A OE2   1 
ATOM   233  N  N     . TYR A 1 32  ? 10.249  0.268   13.304  1.00 30.20 ? 32  TYR A N     1 
ATOM   234  C  CA    . TYR A 1 32  ? 10.390  -0.949  12.543  1.00 29.12 ? 32  TYR A CA    1 
ATOM   235  C  C     . TYR A 1 32  ? 11.578  -0.881  11.590  1.00 28.79 ? 32  TYR A C     1 
ATOM   236  O  O     . TYR A 1 32  ? 11.648  -0.006  10.725  1.00 28.32 ? 32  TYR A O     1 
ATOM   237  C  CB    . TYR A 1 32  ? 9.107   -1.289  11.787  1.00 28.50 ? 32  TYR A CB    1 
ATOM   238  C  CG    . TYR A 1 32  ? 9.092   -2.721  11.333  1.00 28.34 ? 32  TYR A CG    1 
ATOM   239  C  CD1   . TYR A 1 32  ? 8.772   -3.745  12.225  1.00 27.07 ? 32  TYR A CD1   1 
ATOM   240  C  CD2   . TYR A 1 32  ? 9.425   -3.066  10.023  1.00 27.54 ? 32  TYR A CD2   1 
ATOM   241  C  CE1   . TYR A 1 32  ? 8.772   -5.062  11.824  1.00 27.75 ? 32  TYR A CE1   1 
ATOM   242  C  CE2   . TYR A 1 32  ? 9.423   -4.390  9.605   1.00 28.56 ? 32  TYR A CE2   1 
ATOM   243  C  CZ    . TYR A 1 32  ? 9.097   -5.382  10.521  1.00 28.27 ? 32  TYR A CZ    1 
ATOM   244  O  OH    . TYR A 1 32  ? 9.088   -6.695  10.137  1.00 28.68 ? 32  TYR A OH    1 
ATOM   245  N  N     . ASP A 1 33  ? 12.503  -1.816  11.763  1.00 28.44 ? 33  ASP A N     1 
ATOM   246  C  CA    . ASP A 1 33  ? 13.690  -1.908  10.927  1.00 28.42 ? 33  ASP A CA    1 
ATOM   247  C  C     . ASP A 1 33  ? 13.380  -1.539  9.469   1.00 28.47 ? 33  ASP A C     1 
ATOM   248  O  O     . ASP A 1 33  ? 12.600  -2.225  8.809   1.00 28.21 ? 33  ASP A O     1 
ATOM   249  C  CB    . ASP A 1 33  ? 14.256  -3.323  11.011  1.00 28.56 ? 33  ASP A CB    1 
ATOM   250  C  CG    . ASP A 1 33  ? 15.657  -3.432  10.459  1.00 28.94 ? 33  ASP A CG    1 
ATOM   251  O  OD1   . ASP A 1 33  ? 15.985  -2.766  9.456   1.00 28.54 ? 33  ASP A OD1   1 
ATOM   252  O  OD2   . ASP A 1 33  ? 16.440  -4.225  11.031  1.00 30.11 ? 33  ASP A OD2   1 
ATOM   253  N  N     . PRO A 1 34  ? 13.987  -0.440  8.965   1.00 28.39 ? 34  PRO A N     1 
ATOM   254  C  CA    . PRO A 1 34  ? 13.720  0.027   7.597   1.00 28.24 ? 34  PRO A CA    1 
ATOM   255  C  C     . PRO A 1 34  ? 14.127  -0.957  6.495   1.00 27.99 ? 34  PRO A C     1 
ATOM   256  O  O     . PRO A 1 34  ? 13.742  -0.769  5.346   1.00 28.08 ? 34  PRO A O     1 
ATOM   257  C  CB    . PRO A 1 34  ? 14.556  1.316   7.499   1.00 28.00 ? 34  PRO A CB    1 
ATOM   258  C  CG    . PRO A 1 34  ? 14.760  1.744   8.928   1.00 28.79 ? 34  PRO A CG    1 
ATOM   259  C  CD    . PRO A 1 34  ? 14.927  0.455   9.668   1.00 28.40 ? 34  PRO A CD    1 
ATOM   260  N  N     . THR A 1 35  ? 14.875  -2.003  6.851   1.00 28.06 ? 35  THR A N     1 
ATOM   261  C  CA    . THR A 1 35  ? 15.425  -2.940  5.867   1.00 28.33 ? 35  THR A CA    1 
ATOM   262  C  C     . THR A 1 35  ? 14.711  -4.300  5.833   1.00 27.85 ? 35  THR A C     1 
ATOM   263  O  O     . THR A 1 35  ? 14.902  -5.059  4.880   1.00 28.11 ? 35  THR A O     1 
ATOM   264  C  CB    . THR A 1 35  ? 16.952  -3.197  6.086   1.00 28.34 ? 35  THR A CB    1 
ATOM   265  O  OG1   . THR A 1 35  ? 17.156  -3.827  7.356   1.00 30.46 ? 35  THR A OG1   1 
ATOM   266  C  CG2   . THR A 1 35  ? 17.755  -1.902  6.022   1.00 28.92 ? 35  THR A CG2   1 
ATOM   267  N  N     . ILE A 1 36  ? 13.914  -4.616  6.857   1.00 27.66 ? 36  ILE A N     1 
ATOM   268  C  CA    . ILE A 1 36  ? 13.203  -5.908  6.892   1.00 27.23 ? 36  ILE A CA    1 
ATOM   269  C  C     . ILE A 1 36  ? 12.066  -5.926  5.859   1.00 26.92 ? 36  ILE A C     1 
ATOM   270  O  O     . ILE A 1 36  ? 11.119  -5.142  5.943   1.00 26.70 ? 36  ILE A O     1 
ATOM   271  C  CB    . ILE A 1 36  ? 12.640  -6.280  8.301   1.00 27.46 ? 36  ILE A CB    1 
ATOM   272  C  CG1   . ILE A 1 36  ? 13.757  -6.522  9.324   1.00 28.00 ? 36  ILE A CG1   1 
ATOM   273  C  CG2   . ILE A 1 36  ? 11.775  -7.550  8.228   1.00 27.02 ? 36  ILE A CG2   1 
ATOM   274  C  CD1   . ILE A 1 36  ? 13.234  -6.691  10.761  1.00 27.82 ? 36  ILE A CD1   1 
ATOM   275  N  N     . GLU A 1 37  ? 12.184  -6.831  4.891   1.00 26.28 ? 37  GLU A N     1 
ATOM   276  C  CA    . GLU A 1 37  ? 11.149  -7.070  3.893   1.00 26.01 ? 37  GLU A CA    1 
ATOM   277  C  C     . GLU A 1 37  ? 10.590  -8.477  4.087   1.00 25.86 ? 37  GLU A C     1 
ATOM   278  O  O     . GLU A 1 37  ? 11.342  -9.448  4.039   1.00 25.89 ? 37  GLU A O     1 
ATOM   279  C  CB    . GLU A 1 37  ? 11.737  -6.927  2.491   1.00 25.97 ? 37  GLU A CB    1 
ATOM   280  C  CG    . GLU A 1 37  ? 10.804  -7.341  1.365   1.00 25.70 ? 37  GLU A CG    1 
ATOM   281  C  CD    . GLU A 1 37  ? 11.387  -7.023  0.012   1.00 26.58 ? 37  GLU A CD    1 
ATOM   282  O  OE1   . GLU A 1 37  ? 11.405  -5.837  -0.357  1.00 27.28 ? 37  GLU A OE1   1 
ATOM   283  O  OE2   . GLU A 1 37  ? 11.841  -7.952  -0.687  1.00 27.97 ? 37  GLU A OE2   1 
ATOM   284  N  N     . ASP A 1 38  ? 9.286   -8.589  4.321   1.00 24.73 ? 38  ASP A N     1 
ATOM   285  C  CA    . ASP A 1 38  ? 8.686   -9.903  4.569   1.00 24.38 ? 38  ASP A CA    1 
ATOM   286  C  C     . ASP A 1 38  ? 7.212   -9.896  4.227   1.00 23.77 ? 38  ASP A C     1 
ATOM   287  O  O     . ASP A 1 38  ? 6.623   -8.834  4.002   1.00 22.93 ? 38  ASP A O     1 
ATOM   288  C  CB    . ASP A 1 38  ? 8.880   -10.335 6.032   1.00 24.60 ? 38  ASP A CB    1 
ATOM   289  C  CG    . ASP A 1 38  ? 8.844   -11.857 6.214   1.00 25.52 ? 38  ASP A CG    1 
ATOM   290  O  OD1   . ASP A 1 38  ? 8.847   -12.598 5.197   1.00 24.37 ? 38  ASP A OD1   1 
ATOM   291  O  OD2   . ASP A 1 38  ? 8.804   -12.301 7.387   1.00 27.17 ? 38  ASP A OD2   1 
ATOM   292  N  N     . SER A 1 39  ? 6.626   -11.088 4.172   1.00 23.27 ? 39  SER A N     1 
ATOM   293  C  CA    . SER A 1 39  ? 5.203   -11.222 3.917   1.00 22.84 ? 39  SER A CA    1 
ATOM   294  C  C     . SER A 1 39  ? 4.473   -11.671 5.167   1.00 21.72 ? 39  SER A C     1 
ATOM   295  O  O     . SER A 1 39  ? 5.045   -12.361 6.036   1.00 21.74 ? 39  SER A O     1 
ATOM   296  C  CB    . SER A 1 39  ? 4.928   -12.156 2.739   1.00 23.30 ? 39  SER A CB    1 
ATOM   297  O  OG    . SER A 1 39  ? 5.202   -13.505 3.071   1.00 25.27 ? 39  SER A OG    1 
ATOM   298  N  N     . TYR A 1 40  ? 3.217   -11.243 5.260   1.00 20.31 ? 40  TYR A N     1 
ATOM   299  C  CA    . TYR A 1 40  ? 2.397   -11.479 6.422   1.00 19.90 ? 40  TYR A CA    1 
ATOM   300  C  C     . TYR A 1 40  ? 1.043   -11.986 5.965   1.00 19.23 ? 40  TYR A C     1 
ATOM   301  O  O     . TYR A 1 40  ? 0.625   -11.730 4.823   1.00 18.36 ? 40  TYR A O     1 
ATOM   302  C  CB    . TYR A 1 40  ? 2.296   -10.201 7.269   1.00 20.53 ? 40  TYR A CB    1 
ATOM   303  C  CG    . TYR A 1 40  ? 3.680   -9.673  7.622   1.00 21.90 ? 40  TYR A CG    1 
ATOM   304  C  CD1   . TYR A 1 40  ? 4.230   -8.598  6.938   1.00 22.07 ? 40  TYR A CD1   1 
ATOM   305  C  CD2   . TYR A 1 40  ? 4.465   -10.303 8.598   1.00 22.59 ? 40  TYR A CD2   1 
ATOM   306  C  CE1   . TYR A 1 40  ? 5.515   -8.142  7.235   1.00 22.30 ? 40  TYR A CE1   1 
ATOM   307  C  CE2   . TYR A 1 40  ? 5.761   -9.855  8.900   1.00 23.30 ? 40  TYR A CE2   1 
ATOM   308  C  CZ    . TYR A 1 40  ? 6.273   -8.770  8.217   1.00 22.63 ? 40  TYR A CZ    1 
ATOM   309  O  OH    . TYR A 1 40  ? 7.537   -8.296  8.494   1.00 23.25 ? 40  TYR A OH    1 
ATOM   310  N  N     . ARG A 1 41  ? 0.404   -12.757 6.840   1.00 18.49 ? 41  ARG A N     1 
ATOM   311  C  CA    . ARG A 1 41  ? -0.926  -13.287 6.585   1.00 18.17 ? 41  ARG A CA    1 
ATOM   312  C  C     . ARG A 1 41  ? -1.908  -12.670 7.548   1.00 18.02 ? 41  ARG A C     1 
ATOM   313  O  O     . ARG A 1 41  ? -1.596  -12.400 8.720   1.00 16.73 ? 41  ARG A O     1 
ATOM   314  C  CB    . ARG A 1 41  ? -0.991  -14.823 6.717   1.00 18.28 ? 41  ARG A CB    1 
ATOM   315  C  CG    . ARG A 1 41  ? -0.039  -15.619 5.821   1.00 19.46 ? 41  ARG A CG    1 
ATOM   316  C  CD    . ARG A 1 41  ? -0.210  -15.309 4.350   1.00 23.28 ? 41  ARG A CD    1 
ATOM   317  N  NE    . ARG A 1 41  ? 0.707   -16.075 3.506   1.00 26.84 ? 41  ARG A NE    1 
ATOM   318  C  CZ    . ARG A 1 41  ? 2.011   -15.821 3.338   1.00 30.51 ? 41  ARG A CZ    1 
ATOM   319  N  NH1   . ARG A 1 41  ? 2.609   -14.818 3.975   1.00 31.92 ? 41  ARG A NH1   1 
ATOM   320  N  NH2   . ARG A 1 41  ? 2.734   -16.591 2.527   1.00 31.15 ? 41  ARG A NH2   1 
ATOM   321  N  N     . LYS A 1 42  ? -3.115  -12.455 7.049   1.00 17.73 ? 42  LYS A N     1 
ATOM   322  C  CA    . LYS A 1 42  ? -4.191  -11.944 7.861   1.00 17.94 ? 42  LYS A CA    1 
ATOM   323  C  C     . LYS A 1 42  ? -5.470  -12.648 7.444   1.00 17.13 ? 42  LYS A C     1 
ATOM   324  O  O     . LYS A 1 42  ? -5.871  -12.579 6.267   1.00 16.40 ? 42  LYS A O     1 
ATOM   325  C  CB    . LYS A 1 42  ? -4.290  -10.430 7.661   1.00 17.79 ? 42  LYS A CB    1 
ATOM   326  C  CG    . LYS A 1 42  ? -5.569  -9.751  8.156   1.00 20.57 ? 42  LYS A CG    1 
ATOM   327  C  CD    . LYS A 1 42  ? -5.395  -9.228  9.544   1.00 22.74 ? 42  LYS A CD    1 
ATOM   328  C  CE    . LYS A 1 42  ? -6.591  -8.420  9.976   1.00 23.47 ? 42  LYS A CE    1 
ATOM   329  N  NZ    . LYS A 1 42  ? -6.508  -8.247  11.438  1.00 24.01 ? 42  LYS A NZ    1 
ATOM   330  N  N     . GLN A 1 43  ? -6.088  -13.357 8.390   1.00 17.05 ? 43  GLN A N     1 
ATOM   331  C  CA    . GLN A 1 43  ? -7.400  -13.923 8.150   1.00 17.08 ? 43  GLN A CA    1 
ATOM   332  C  C     . GLN A 1 43  ? -8.469  -12.936 8.599   1.00 16.39 ? 43  GLN A C     1 
ATOM   333  O  O     . GLN A 1 43  ? -8.459  -12.474 9.734   1.00 16.72 ? 43  GLN A O     1 
ATOM   334  C  CB    . GLN A 1 43  ? -7.578  -15.265 8.865   1.00 17.97 ? 43  GLN A CB    1 
ATOM   335  C  CG    . GLN A 1 43  ? -8.849  -15.989 8.456   1.00 21.32 ? 43  GLN A CG    1 
ATOM   336  C  CD    . GLN A 1 43  ? -8.944  -17.381 9.025   1.00 25.81 ? 43  GLN A CD    1 
ATOM   337  O  OE1   . GLN A 1 43  ? -7.948  -18.099 9.096   1.00 29.38 ? 43  GLN A OE1   1 
ATOM   338  N  NE2   . GLN A 1 43  ? -10.149 -17.783 9.410   1.00 27.61 ? 43  GLN A NE2   1 
ATOM   339  N  N     . VAL A 1 44  ? -9.386  -12.612 7.696   1.00 14.66 ? 44  VAL A N     1 
ATOM   340  C  CA    . VAL A 1 44  ? -10.374 -11.573 7.953   1.00 14.53 ? 44  VAL A CA    1 
ATOM   341  C  C     . VAL A 1 44  ? -11.570 -11.812 7.040   1.00 14.09 ? 44  VAL A C     1 
ATOM   342  O  O     . VAL A 1 44  ? -11.404 -12.209 5.888   1.00 14.99 ? 44  VAL A O     1 
ATOM   343  C  CB    . VAL A 1 44  ? -9.761  -10.138 7.756   1.00 14.76 ? 44  VAL A CB    1 
ATOM   344  C  CG1   . VAL A 1 44  ? -9.218  -9.951  6.375   1.00 15.76 ? 44  VAL A CG1   1 
ATOM   345  C  CG2   . VAL A 1 44  ? -10.776 -9.058  8.088   1.00 15.83 ? 44  VAL A CG2   1 
ATOM   346  N  N     . VAL A 1 45  ? -12.771 -11.551 7.552   1.00 13.56 ? 45  VAL A N     1 
ATOM   347  C  CA    . VAL A 1 45  ? -13.987 -11.647 6.748   1.00 13.91 ? 45  VAL A CA    1 
ATOM   348  C  C     . VAL A 1 45  ? -14.200 -10.270 6.115   1.00 13.10 ? 45  VAL A C     1 
ATOM   349  O  O     . VAL A 1 45  ? -14.338 -9.261  6.809   1.00 13.44 ? 45  VAL A O     1 
ATOM   350  C  CB    . VAL A 1 45  ? -15.217 -12.037 7.597   1.00 14.32 ? 45  VAL A CB    1 
ATOM   351  C  CG1   . VAL A 1 45  ? -16.480 -12.125 6.728   1.00 14.07 ? 45  VAL A CG1   1 
ATOM   352  C  CG2   . VAL A 1 45  ? -14.979 -13.345 8.353   1.00 15.35 ? 45  VAL A CG2   1 
ATOM   353  N  N     . ILE A 1 46  ? -14.221 -10.239 4.788   1.00 12.21 ? 46  ILE A N     1 
ATOM   354  C  CA    . ILE A 1 46  ? -14.422 -8.994  4.049   1.00 11.98 ? 46  ILE A CA    1 
ATOM   355  C  C     . ILE A 1 46  ? -15.641 -9.186  3.168   1.00 12.08 ? 46  ILE A C     1 
ATOM   356  O  O     . ILE A 1 46  ? -15.655 -10.035 2.267   1.00 11.66 ? 46  ILE A O     1 
ATOM   357  C  CB    . ILE A 1 46  ? -13.166 -8.622  3.195   1.00 11.70 ? 46  ILE A CB    1 
ATOM   358  C  CG1   . ILE A 1 46  ? -11.921 -8.561  4.080   1.00 11.80 ? 46  ILE A CG1   1 
ATOM   359  C  CG2   . ILE A 1 46  ? -13.381 -7.275  2.482   1.00 12.19 ? 46  ILE A CG2   1 
ATOM   360  C  CD1   . ILE A 1 46  ? -10.626 -8.348  3.299   1.00 12.02 ? 46  ILE A CD1   1 
ATOM   361  N  N     . ASP A 1 47  ? -16.661 -8.374  3.447   1.00 12.50 ? 47  ASP A N     1 
ATOM   362  C  CA    . ASP A 1 47  ? -17.980 -8.459  2.770   1.00 13.74 ? 47  ASP A CA    1 
ATOM   363  C  C     . ASP A 1 47  ? -18.515 -9.885  2.760   1.00 13.84 ? 47  ASP A C     1 
ATOM   364  O  O     . ASP A 1 47  ? -18.952 -10.379 1.726   1.00 14.83 ? 47  ASP A O     1 
ATOM   365  C  CB    . ASP A 1 47  ? -17.912 -7.869  1.345   1.00 13.03 ? 47  ASP A CB    1 
ATOM   366  C  CG    . ASP A 1 47  ? -17.230 -6.545  1.323   1.00 13.55 ? 47  ASP A CG    1 
ATOM   367  O  OD1   . ASP A 1 47  ? -17.692 -5.650  2.060   1.00 13.87 ? 47  ASP A OD1   1 
ATOM   368  O  OD2   . ASP A 1 47  ? -16.213 -6.385  0.600   1.00 12.77 ? 47  ASP A OD2   1 
ATOM   369  N  N     . GLY A 1 48  ? -18.452 -10.552 3.916   1.00 14.22 ? 48  GLY A N     1 
ATOM   370  C  CA    . GLY A 1 48  ? -19.020 -11.903 4.065   1.00 14.10 ? 48  GLY A CA    1 
ATOM   371  C  C     . GLY A 1 48  ? -18.146 -13.066 3.597   1.00 15.10 ? 48  GLY A C     1 
ATOM   372  O  O     . GLY A 1 48  ? -18.513 -14.224 3.789   1.00 16.61 ? 48  GLY A O     1 
ATOM   373  N  N     . GLU A 1 49  ? -17.004 -12.778 2.967   1.00 14.76 ? 49  GLU A N     1 
ATOM   374  C  CA    . GLU A 1 49  ? -16.102 -13.814 2.467   1.00 15.06 ? 49  GLU A CA    1 
ATOM   375  C  C     . GLU A 1 49  ? -14.911 -13.917 3.400   1.00 15.05 ? 49  GLU A C     1 
ATOM   376  O  O     . GLU A 1 49  ? -14.285 -12.913 3.734   1.00 14.42 ? 49  GLU A O     1 
ATOM   377  C  CB    . GLU A 1 49  ? -15.628 -13.421 1.071   1.00 14.89 ? 49  GLU A CB    1 
ATOM   378  C  CG    . GLU A 1 49  ? -14.564 -14.314 0.448   1.00 14.66 ? 49  GLU A CG    1 
ATOM   379  C  CD    . GLU A 1 49  ? -14.205 -13.815 -0.937  1.00 14.49 ? 49  GLU A CD    1 
ATOM   380  O  OE1   . GLU A 1 49  ? -13.354 -12.917 -1.036  1.00 16.22 ? 49  GLU A OE1   1 
ATOM   381  O  OE2   . GLU A 1 49  ? -14.781 -14.309 -1.917  1.00 18.79 ? 49  GLU A OE2   1 
ATOM   382  N  N     . THR A 1 50  ? -14.591 -15.140 3.811   1.00 16.21 ? 50  THR A N     1 
ATOM   383  C  CA    . THR A 1 50  ? -13.409 -15.363 4.634   1.00 16.55 ? 50  THR A CA    1 
ATOM   384  C  C     . THR A 1 50  ? -12.183 -15.274 3.740   1.00 15.83 ? 50  THR A C     1 
ATOM   385  O  O     . THR A 1 50  ? -12.062 -16.028 2.770   1.00 16.53 ? 50  THR A O     1 
ATOM   386  C  CB    . THR A 1 50  ? -13.466 -16.712 5.401   1.00 16.83 ? 50  THR A CB    1 
ATOM   387  O  OG1   . THR A 1 50  ? -14.610 -16.698 6.264   1.00 19.94 ? 50  THR A OG1   1 
ATOM   388  C  CG2   . THR A 1 50  ? -12.225 -16.886 6.261   1.00 17.11 ? 50  THR A CG2   1 
ATOM   389  N  N     . CYS A 1 51  ? -11.305 -14.317 4.040   1.00 15.04 ? 51  CYS A N     1 
ATOM   390  C  CA    . CYS A 1 51  ? -10.113 -14.081 3.225   1.00 14.88 ? 51  CYS A CA    1 
ATOM   391  C  C     . CYS A 1 51  ? -8.834  -14.393 3.980   1.00 14.32 ? 51  CYS A C     1 
ATOM   392  O  O     . CYS A 1 51  ? -8.760  -14.194 5.184   1.00 14.76 ? 51  CYS A O     1 
ATOM   393  C  CB    . CYS A 1 51  ? -10.027 -12.622 2.771   1.00 13.86 ? 51  CYS A CB    1 
ATOM   394  S  SG    . CYS A 1 51  ? -11.496 -11.981 1.931   1.00 14.39 ? 51  CYS A SG    1 
ATOM   395  N  N     . LEU A 1 52  ? -7.833  -14.883 3.262   1.00 14.13 ? 52  LEU A N     1 
ATOM   396  C  CA    . LEU A 1 52  ? -6.497  -14.952 3.794   1.00 14.18 ? 52  LEU A CA    1 
ATOM   397  C  C     . LEU A 1 52  ? -5.631  -14.031 2.952   1.00 14.19 ? 52  LEU A C     1 
ATOM   398  O  O     . LEU A 1 52  ? -5.273  -14.355 1.818   1.00 13.68 ? 52  LEU A O     1 
ATOM   399  C  CB    . LEU A 1 52  ? -5.974  -16.380 3.782   1.00 13.94 ? 52  LEU A CB    1 
ATOM   400  C  CG    . LEU A 1 52  ? -4.677  -16.547 4.572   1.00 14.63 ? 52  LEU A CG    1 
ATOM   401  C  CD1   . LEU A 1 52  ? -4.880  -16.302 6.065   1.00 14.27 ? 52  LEU A CD1   1 
ATOM   402  C  CD2   . LEU A 1 52  ? -4.124  -17.933 4.314   1.00 17.23 ? 52  LEU A CD2   1 
ATOM   403  N  N     . LEU A 1 53  ? -5.338  -12.866 3.520   1.00 14.18 ? 53  LEU A N     1 
ATOM   404  C  CA    . LEU A 1 53  ? -4.535  -11.871 2.830   1.00 14.66 ? 53  LEU A CA    1 
ATOM   405  C  C     . LEU A 1 53  ? -3.091  -12.306 2.940   1.00 15.00 ? 53  LEU A C     1 
ATOM   406  O  O     . LEU A 1 53  ? -2.659  -12.739 4.005   1.00 16.72 ? 53  LEU A O     1 
ATOM   407  C  CB    . LEU A 1 53  ? -4.704  -10.486 3.440   1.00 14.35 ? 53  LEU A CB    1 
ATOM   408  C  CG    . LEU A 1 53  ? -6.139  -9.983  3.592   1.00 13.30 ? 53  LEU A CG    1 
ATOM   409  C  CD1   . LEU A 1 53  ? -6.149  -8.527  4.044   1.00 14.94 ? 53  LEU A CD1   1 
ATOM   410  C  CD2   . LEU A 1 53  ? -6.936  -10.119 2.299   1.00 13.53 ? 53  LEU A CD2   1 
ATOM   411  N  N     . ASP A 1 54  ? -2.365  -12.161 1.843   1.00 15.00 ? 54  ASP A N     1 
ATOM   412  C  CA    . ASP A 1 54  ? -0.960  -12.472 1.768   1.00 14.72 ? 54  ASP A CA    1 
ATOM   413  C  C     . ASP A 1 54  ? -0.298  -11.155 1.371   1.00 14.87 ? 54  ASP A C     1 
ATOM   414  O  O     . ASP A 1 54  ? -0.388  -10.735 0.224   1.00 15.43 ? 54  ASP A O     1 
ATOM   415  C  CB    . ASP A 1 54  ? -0.772  -13.537 0.695   1.00 14.88 ? 54  ASP A CB    1 
ATOM   416  C  CG    . ASP A 1 54  ? 0.665   -13.949 0.513   1.00 16.89 ? 54  ASP A CG    1 
ATOM   417  O  OD1   . ASP A 1 54  ? 1.561   -13.412 1.212   1.00 20.52 ? 54  ASP A OD1   1 
ATOM   418  O  OD2   . ASP A 1 54  ? 0.884   -14.828 -0.352  1.00 21.21 ? 54  ASP A OD2   1 
ATOM   419  N  N     . ILE A 1 55  ? 0.334   -10.499 2.334   1.00 14.60 ? 55  ILE A N     1 
ATOM   420  C  CA    . ILE A 1 55  ? 0.763   -9.116  2.170   1.00 15.47 ? 55  ILE A CA    1 
ATOM   421  C  C     . ILE A 1 55  ? 2.280   -9.023  2.211   1.00 15.35 ? 55  ILE A C     1 
ATOM   422  O  O     . ILE A 1 55  ? 2.880   -9.355  3.232   1.00 15.80 ? 55  ILE A O     1 
ATOM   423  C  CB    . ILE A 1 55  ? 0.181   -8.213  3.289   1.00 15.29 ? 55  ILE A CB    1 
ATOM   424  C  CG1   . ILE A 1 55  ? -1.346  -8.361  3.372   1.00 14.54 ? 55  ILE A CG1   1 
ATOM   425  C  CG2   . ILE A 1 55  ? 0.617   -6.729  3.100   1.00 15.48 ? 55  ILE A CG2   1 
ATOM   426  C  CD1   . ILE A 1 55  ? -1.946  -7.843  4.655   1.00 15.27 ? 55  ILE A CD1   1 
ATOM   427  N  N     . LEU A 1 56  ? 2.884   -8.562  1.112   1.00 15.20 ? 56  LEU A N     1 
ATOM   428  C  CA    . LEU A 1 56  ? 4.319   -8.266  1.092   1.00 15.11 ? 56  LEU A CA    1 
ATOM   429  C  C     . LEU A 1 56  ? 4.584   -6.809  1.423   1.00 15.63 ? 56  LEU A C     1 
ATOM   430  O  O     . LEU A 1 56  ? 4.137   -5.908  0.715   1.00 15.38 ? 56  LEU A O     1 
ATOM   431  C  CB    . LEU A 1 56  ? 4.989   -8.617  -0.240  1.00 14.78 ? 56  LEU A CB    1 
ATOM   432  C  CG    . LEU A 1 56  ? 6.518   -8.386  -0.209  1.00 15.94 ? 56  LEU A CG    1 
ATOM   433  C  CD1   . LEU A 1 56  ? 7.264   -9.393  0.676   1.00 18.46 ? 56  LEU A CD1   1 
ATOM   434  C  CD2   . LEU A 1 56  ? 7.115   -8.402  -1.587  1.00 16.63 ? 56  LEU A CD2   1 
ATOM   435  N  N     . ASP A 1 57  ? 5.345   -6.611  2.487   1.00 15.50 ? 57  ASP A N     1 
ATOM   436  C  CA    . ASP A 1 57  ? 5.758   -5.285  2.920   1.00 16.45 ? 57  ASP A CA    1 
ATOM   437  C  C     . ASP A 1 57  ? 7.144   -5.068  2.337   1.00 17.48 ? 57  ASP A C     1 
ATOM   438  O  O     . ASP A 1 57  ? 8.116   -5.613  2.858   1.00 17.36 ? 57  ASP A O     1 
ATOM   439  C  CB    . ASP A 1 57  ? 5.761   -5.256  4.452   1.00 16.11 ? 57  ASP A CB    1 
ATOM   440  C  CG    . ASP A 1 57  ? 6.372   -3.997  5.030   1.00 17.31 ? 57  ASP A CG    1 
ATOM   441  O  OD1   . ASP A 1 57  ? 6.290   -2.935  4.377   1.00 17.79 ? 57  ASP A OD1   1 
ATOM   442  O  OD2   . ASP A 1 57  ? 6.918   -4.076  6.161   1.00 17.66 ? 57  ASP A OD2   1 
ATOM   443  N  N     . THR A 1 58  ? 7.248   -4.318  1.241   1.00 17.55 ? 58  THR A N     1 
ATOM   444  C  CA    . THR A 1 58  ? 8.544   -4.181  0.549   1.00 19.08 ? 58  THR A CA    1 
ATOM   445  C  C     . THR A 1 58  ? 9.489   -3.243  1.301   1.00 20.83 ? 58  THR A C     1 
ATOM   446  O  O     . THR A 1 58  ? 9.050   -2.334  1.998   1.00 20.28 ? 58  THR A O     1 
ATOM   447  C  CB    . THR A 1 58  ? 8.392   -3.686  -0.905  1.00 18.65 ? 58  THR A CB    1 
ATOM   448  O  OG1   . THR A 1 58  ? 7.781   -2.390  -0.896  1.00 18.81 ? 58  THR A OG1   1 
ATOM   449  C  CG2   . THR A 1 58  ? 7.541   -4.637  -1.734  1.00 17.97 ? 58  THR A CG2   1 
ATOM   450  N  N     . ALA A 1 59  ? 10.793  -3.479  1.158   1.00 23.55 ? 59  ALA A N     1 
ATOM   451  C  CA    . ALA A 1 59  ? 11.811  -2.652  1.805   1.00 27.07 ? 59  ALA A CA    1 
ATOM   452  C  C     . ALA A 1 59  ? 13.109  -2.730  1.028   1.00 29.78 ? 59  ALA A C     1 
ATOM   453  O  O     . ALA A 1 59  ? 13.570  -3.829  0.694   1.00 30.37 ? 59  ALA A O     1 
ATOM   454  C  CB    . ALA A 1 59  ? 12.041  -3.107  3.242   1.00 27.08 ? 59  ALA A CB    1 
ATOM   455  N  N     . GLY A 1 60  ? 13.691  -1.573  0.718   1.00 32.39 ? 60  GLY A N     1 
ATOM   456  C  CA    . GLY A 1 60  ? 15.036  -1.543  0.124   1.00 35.40 ? 60  GLY A CA    1 
ATOM   457  C  C     . GLY A 1 60  ? 15.137  -0.988  -1.282  1.00 37.35 ? 60  GLY A C     1 
ATOM   458  O  O     . GLY A 1 60  ? 14.148  -0.927  -2.010  1.00 37.69 ? 60  GLY A O     1 
ATOM   459  N  N     . GLN A 1 61  ? 16.355  -0.602  -1.655  0.50 39.37 ? 61  GLN A N     1 
ATOM   460  C  CA    . GLN A 1 61  ? 16.634  0.030   -2.943  0.50 41.39 ? 61  GLN A CA    1 
ATOM   461  C  C     . GLN A 1 61  ? 17.887  -0.545  -3.600  0.50 42.67 ? 61  GLN A C     1 
ATOM   462  O  O     . GLN A 1 61  ? 18.758  -1.095  -2.927  0.50 42.84 ? 61  GLN A O     1 
ATOM   463  C  CB    . GLN A 1 61  ? 16.796  1.546   -2.768  0.50 41.33 ? 61  GLN A CB    1 
ATOM   464  C  CG    . GLN A 1 61  ? 17.865  1.957   -1.745  0.50 41.66 ? 61  GLN A CG    1 
ATOM   465  C  CD    . GLN A 1 61  ? 18.271  3.417   -1.857  0.50 41.62 ? 61  GLN A CD    1 
ATOM   466  O  OE1   . GLN A 1 61  ? 17.451  4.287   -2.161  0.50 42.24 ? 61  GLN A OE1   1 
ATOM   467  N  NE2   . GLN A 1 61  ? 19.544  3.693   -1.600  0.50 42.26 ? 61  GLN A NE2   1 
ATOM   468  N  N     . GLU A 1 62  ? 17.971  -0.406  -4.918  0.50 44.31 ? 62  GLU A N     1 
ATOM   469  C  CA    . GLU A 1 62  ? 19.137  -0.860  -5.681  0.50 46.01 ? 62  GLU A CA    1 
ATOM   470  C  C     . GLU A 1 62  ? 19.718  -2.197  -5.180  0.50 47.13 ? 62  GLU A C     1 
ATOM   471  O  O     . GLU A 1 62  ? 20.940  -2.365  -5.079  0.50 47.29 ? 62  GLU A O     1 
ATOM   472  C  CB    . GLU A 1 62  ? 20.211  0.237   -5.731  0.50 45.93 ? 62  GLU A CB    1 
ATOM   473  C  CG    . GLU A 1 62  ? 21.103  0.170   -6.967  0.50 46.17 ? 62  GLU A CG    1 
ATOM   474  C  CD    . GLU A 1 62  ? 22.206  1.212   -6.961  0.50 46.21 ? 62  GLU A CD    1 
ATOM   475  O  OE1   . GLU A 1 62  ? 21.893  2.422   -6.937  0.50 46.83 ? 62  GLU A OE1   1 
ATOM   476  O  OE2   . GLU A 1 62  ? 23.390  0.816   -6.993  0.50 46.43 ? 62  GLU A OE2   1 
ATOM   477  N  N     . GLU A 1 63  ? 18.826  -3.137  -4.874  1.00 48.58 ? 63  GLU A N     1 
ATOM   478  C  CA    . GLU A 1 63  ? 19.190  -4.515  -4.532  1.00 49.98 ? 63  GLU A CA    1 
ATOM   479  C  C     . GLU A 1 63  ? 17.999  -5.411  -4.844  1.00 50.37 ? 63  GLU A C     1 
ATOM   480  O  O     . GLU A 1 63  ? 16.852  -5.021  -4.602  1.00 50.57 ? 63  GLU A O     1 
ATOM   481  C  CB    . GLU A 1 63  ? 19.596  -4.646  -3.053  1.00 50.02 ? 63  GLU A CB    1 
ATOM   482  C  CG    . GLU A 1 63  ? 18.607  -4.041  -2.049  1.00 50.85 ? 63  GLU A CG    1 
ATOM   483  C  CD    . GLU A 1 63  ? 18.811  -4.551  -0.626  1.00 51.16 ? 63  GLU A CD    1 
ATOM   484  O  OE1   . GLU A 1 63  ? 19.972  -4.584  -0.148  1.00 52.30 ? 63  GLU A OE1   1 
ATOM   485  O  OE2   . GLU A 1 63  ? 17.799  -4.915  0.016   1.00 52.76 ? 63  GLU A OE2   1 
ATOM   486  N  N     . TYR A 1 64  ? 18.263  -6.598  -5.386  1.00 50.79 ? 64  TYR A N     1 
ATOM   487  C  CA    . TYR A 1 64  ? 17.182  -7.513  -5.770  1.00 51.32 ? 64  TYR A CA    1 
ATOM   488  C  C     . TYR A 1 64  ? 16.787  -8.518  -4.689  1.00 50.80 ? 64  TYR A C     1 
ATOM   489  O  O     . TYR A 1 64  ? 17.566  -8.792  -3.771  1.00 50.90 ? 64  TYR A O     1 
ATOM   490  C  CB    . TYR A 1 64  ? 17.510  -8.242  -7.081  1.00 52.19 ? 64  TYR A CB    1 
ATOM   491  C  CG    . TYR A 1 64  ? 16.547  -7.927  -8.209  1.00 53.51 ? 64  TYR A CG    1 
ATOM   492  C  CD1   . TYR A 1 64  ? 16.565  -6.677  -8.848  1.00 54.36 ? 64  TYR A CD1   1 
ATOM   493  C  CD2   . TYR A 1 64  ? 15.614  -8.878  -8.640  1.00 54.37 ? 64  TYR A CD2   1 
ATOM   494  C  CE1   . TYR A 1 64  ? 15.677  -6.384  -9.891  1.00 54.85 ? 64  TYR A CE1   1 
ATOM   495  C  CE2   . TYR A 1 64  ? 14.721  -8.595  -9.683  1.00 54.96 ? 64  TYR A CE2   1 
ATOM   496  C  CZ    . TYR A 1 64  ? 14.760  -7.346  -10.302 1.00 54.37 ? 64  TYR A CZ    1 
ATOM   497  O  OH    . TYR A 1 64  ? 13.886  -7.059  -11.327 1.00 54.34 ? 64  TYR A OH    1 
ATOM   498  N  N     . SER A 1 65  ? 15.569  -9.053  -4.819  1.00 49.89 ? 65  SER A N     1 
ATOM   499  C  CA    . SER A 1 65  ? 15.029  -10.055 -3.898  1.00 49.03 ? 65  SER A CA    1 
ATOM   500  C  C     . SER A 1 65  ? 14.127  -11.049 -4.630  1.00 48.32 ? 65  SER A C     1 
ATOM   501  O  O     . SER A 1 65  ? 13.204  -10.651 -5.345  1.00 48.29 ? 65  SER A O     1 
ATOM   502  C  CB    . SER A 1 65  ? 14.253  -9.381  -2.757  1.00 49.31 ? 65  SER A CB    1 
ATOM   503  O  OG    . SER A 1 65  ? 13.461  -10.320 -2.034  1.00 49.66 ? 65  SER A OG    1 
ATOM   504  N  N     . ALA A 1 66  ? 14.397  -12.337 -4.434  1.00 47.29 ? 66  ALA A N     1 
ATOM   505  C  CA    . ALA A 1 66  ? 13.619  -13.415 -5.049  1.00 46.34 ? 66  ALA A CA    1 
ATOM   506  C  C     . ALA A 1 66  ? 12.148  -13.374 -4.638  1.00 45.59 ? 66  ALA A C     1 
ATOM   507  O  O     . ALA A 1 66  ? 11.256  -13.569 -5.471  1.00 45.47 ? 66  ALA A O     1 
ATOM   508  C  CB    . ALA A 1 66  ? 14.228  -14.771 -4.702  1.00 46.49 ? 66  ALA A CB    1 
ATOM   509  N  N     . MET A 1 67  ? 11.910  -13.124 -3.350  1.00 44.51 ? 67  MET A N     1 
ATOM   510  C  CA    . MET A 1 67  ? 10.555  -13.016 -2.805  1.00 43.58 ? 67  MET A CA    1 
ATOM   511  C  C     . MET A 1 67  ? 9.796   -11.807 -3.382  1.00 42.19 ? 67  MET A C     1 
ATOM   512  O  O     . MET A 1 67  ? 8.649   -11.954 -3.809  1.00 41.85 ? 67  MET A O     1 
ATOM   513  C  CB    . MET A 1 67  ? 10.584  -12.984 -1.268  1.00 43.52 ? 67  MET A CB    1 
ATOM   514  C  CG    . MET A 1 67  ? 9.213   -12.900 -0.591  1.00 43.86 ? 67  MET A CG    1 
ATOM   515  S  SD    . MET A 1 67  ? 9.276   -12.783 1.219   1.00 44.76 ? 67  MET A SD    1 
ATOM   516  C  CE    . MET A 1 67  ? 10.412  -11.412 1.469   1.00 44.73 ? 67  MET A CE    1 
ATOM   517  N  N     . ARG A 1 68  ? 10.436  -10.633 -3.405  1.00 40.66 ? 68  ARG A N     1 
ATOM   518  C  CA    . ARG A 1 68  ? 9.799   -9.421  -3.944  1.00 39.35 ? 68  ARG A CA    1 
ATOM   519  C  C     . ARG A 1 68  ? 9.483   -9.537  -5.430  1.00 38.04 ? 68  ARG A C     1 
ATOM   520  O  O     . ARG A 1 68  ? 8.400   -9.148  -5.883  1.00 37.29 ? 68  ARG A O     1 
ATOM   521  C  CB    . ARG A 1 68  ? 10.636  -8.162  -3.710  1.00 39.50 ? 68  ARG A CB    1 
ATOM   522  C  CG    . ARG A 1 68  ? 9.774   -6.906  -3.835  1.00 40.76 ? 68  ARG A CG    1 
ATOM   523  C  CD    . ARG A 1 68  ? 10.522  -5.686  -4.320  1.00 43.41 ? 68  ARG A CD    1 
ATOM   524  N  NE    . ARG A 1 68  ? 11.091  -4.905  -3.230  1.00 45.42 ? 68  ARG A NE    1 
ATOM   525  C  CZ    . ARG A 1 68  ? 12.394  -4.810  -2.975  1.00 47.46 ? 68  ARG A CZ    1 
ATOM   526  N  NH1   . ARG A 1 68  ? 13.285  -5.450  -3.735  1.00 48.18 ? 68  ARG A NH1   1 
ATOM   527  N  NH2   . ARG A 1 68  ? 12.808  -4.077  -1.956  1.00 47.76 ? 68  ARG A NH2   1 
ATOM   528  N  N     . ASP A 1 69  ? 10.439  -10.072 -6.180  1.00 36.87 ? 69  ASP A N     1 
ATOM   529  C  CA    . ASP A 1 69  ? 10.257  -10.312 -7.597  1.00 35.89 ? 69  ASP A CA    1 
ATOM   530  C  C     . ASP A 1 69  ? 9.024   -11.186 -7.829  1.00 34.79 ? 69  ASP A C     1 
ATOM   531  O  O     . ASP A 1 69  ? 8.192   -10.874 -8.681  1.00 34.45 ? 69  ASP A O     1 
ATOM   532  C  CB    . ASP A 1 69  ? 11.503  -10.985 -8.167  1.00 36.64 ? 69  ASP A CB    1 
ATOM   533  C  CG    . ASP A 1 69  ? 11.648  -10.783 -9.657  1.00 37.84 ? 69  ASP A CG    1 
ATOM   534  O  OD1   . ASP A 1 69  ? 10.718  -10.238 -10.289 1.00 39.11 ? 69  ASP A OD1   1 
ATOM   535  O  OD2   . ASP A 1 69  ? 12.710  -11.173 -10.198 1.00 41.06 ? 69  ASP A OD2   1 
ATOM   536  N  N     . GLN A 1 70  ? 8.902   -12.257 -7.044  1.00 33.25 ? 70  GLN A N     1 
ATOM   537  C  CA    . GLN A 1 70  ? 7.764   -13.166 -7.141  1.00 32.14 ? 70  GLN A CA    1 
ATOM   538  C  C     . GLN A 1 70  ? 6.445   -12.459 -6.837  1.00 30.25 ? 70  GLN A C     1 
ATOM   539  O  O     . GLN A 1 70  ? 5.464   -12.648 -7.559  1.00 30.48 ? 70  GLN A O     1 
ATOM   540  C  CB    . GLN A 1 70  ? 7.948   -14.378 -6.212  1.00 32.87 ? 70  GLN A CB    1 
ATOM   541  C  CG    . GLN A 1 70  ? 7.003   -15.553 -6.506  1.00 35.35 ? 70  GLN A CG    1 
ATOM   542  C  CD    . GLN A 1 70  ? 7.310   -16.246 -7.836  1.00 39.11 ? 70  GLN A CD    1 
ATOM   543  O  OE1   . GLN A 1 70  ? 6.530   -16.166 -8.793  1.00 40.80 ? 70  GLN A OE1   1 
ATOM   544  N  NE2   . GLN A 1 70  ? 8.456   -16.921 -7.900  1.00 40.03 ? 70  GLN A NE2   1 
ATOM   545  N  N     . TYR A 1 71  ? 6.429   -11.649 -5.777  1.00 28.40 ? 71  TYR A N     1 
ATOM   546  C  CA    . TYR A 1 71  ? 5.223   -10.904 -5.394  1.00 26.32 ? 71  TYR A CA    1 
ATOM   547  C  C     . TYR A 1 71  ? 4.871   -9.822  -6.407  1.00 25.12 ? 71  TYR A C     1 
ATOM   548  O  O     . TYR A 1 71  ? 3.691   -9.605  -6.682  1.00 24.45 ? 71  TYR A O     1 
ATOM   549  C  CB    . TYR A 1 71  ? 5.340   -10.292 -3.996  1.00 26.24 ? 71  TYR A CB    1 
ATOM   550  C  CG    . TYR A 1 71  ? 4.961   -11.212 -2.855  1.00 25.71 ? 71  TYR A CG    1 
ATOM   551  C  CD1   . TYR A 1 71  ? 5.870   -12.149 -2.358  1.00 25.21 ? 71  TYR A CD1   1 
ATOM   552  C  CD2   . TYR A 1 71  ? 3.697   -11.139 -2.261  1.00 25.78 ? 71  TYR A CD2   1 
ATOM   553  C  CE1   . TYR A 1 71  ? 5.533   -12.994 -1.293  1.00 25.48 ? 71  TYR A CE1   1 
ATOM   554  C  CE2   . TYR A 1 71  ? 3.348   -11.979 -1.191  1.00 25.60 ? 71  TYR A CE2   1 
ATOM   555  C  CZ    . TYR A 1 71  ? 4.273   -12.907 -0.719  1.00 26.37 ? 71  TYR A CZ    1 
ATOM   556  O  OH    . TYR A 1 71  ? 3.940   -13.747 0.322   1.00 24.87 ? 71  TYR A OH    1 
ATOM   557  N  N     . MET A 1 72  ? 5.873   -9.145  -6.969  1.00 23.43 ? 72  MET A N     1 
ATOM   558  C  CA    . MET A 1 72  ? 5.577   -8.170  -8.021  1.00 22.62 ? 72  MET A CA    1 
ATOM   559  C  C     . MET A 1 72  ? 4.877   -8.875  -9.187  1.00 22.36 ? 72  MET A C     1 
ATOM   560  O  O     . MET A 1 72  ? 3.859   -8.399  -9.685  1.00 21.90 ? 72  MET A O     1 
ATOM   561  C  CB    . MET A 1 72  ? 6.833   -7.427  -8.500  1.00 22.02 ? 72  MET A CB    1 
ATOM   562  C  CG    . MET A 1 72  ? 7.442   -6.467  -7.474  1.00 22.10 ? 72  MET A CG    1 
ATOM   563  S  SD    . MET A 1 72  ? 6.315   -5.195  -6.840  1.00 21.58 ? 72  MET A SD    1 
ATOM   564  C  CE    . MET A 1 72  ? 6.158   -4.128  -8.272  1.00 20.50 ? 72  MET A CE    1 
ATOM   565  N  N     . ARG A 1 73  ? 5.408   -10.034 -9.573  1.00 22.04 ? 73  ARG A N     1 
ATOM   566  C  CA    . ARG A 1 73  ? 4.892   -10.774 -10.721 1.00 22.76 ? 73  ARG A CA    1 
ATOM   567  C  C     . ARG A 1 73  ? 3.521   -11.381 -10.477 1.00 21.96 ? 73  ARG A C     1 
ATOM   568  O  O     . ARG A 1 73  ? 2.647   -11.290 -11.340 1.00 22.71 ? 73  ARG A O     1 
ATOM   569  C  CB    . ARG A 1 73  ? 5.868   -11.872 -11.148 1.00 23.30 ? 73  ARG A CB    1 
ATOM   570  C  CG    . ARG A 1 73  ? 7.204   -11.338 -11.599 1.00 25.85 ? 73  ARG A CG    1 
ATOM   571  C  CD    . ARG A 1 73  ? 8.030   -12.399 -12.313 1.00 29.07 ? 73  ARG A CD    1 
ATOM   572  N  NE    . ARG A 1 73  ? 9.344   -11.851 -12.649 1.00 33.64 ? 73  ARG A NE    1 
ATOM   573  C  CZ    . ARG A 1 73  ? 9.598   -11.101 -13.721 1.00 34.87 ? 73  ARG A CZ    1 
ATOM   574  N  NH1   . ARG A 1 73  ? 8.626   -10.813 -14.585 1.00 34.17 ? 73  ARG A NH1   1 
ATOM   575  N  NH2   . ARG A 1 73  ? 10.829  -10.640 -13.936 1.00 35.68 ? 73  ARG A NH2   1 
ATOM   576  N  N     . THR A 1 74  ? 3.343   -11.999 -9.309  1.00 21.75 ? 74  THR A N     1 
ATOM   577  C  CA    . THR A 1 74  ? 2.101   -12.706 -8.975  1.00 21.03 ? 74  THR A CA    1 
ATOM   578  C  C     . THR A 1 74  ? 1.134   -11.903 -8.092  1.00 19.89 ? 74  THR A C     1 
ATOM   579  O  O     . THR A 1 74  ? 0.002   -12.337 -7.876  1.00 19.91 ? 74  THR A O     1 
ATOM   580  C  CB    . THR A 1 74  ? 2.356   -14.071 -8.282  1.00 21.03 ? 74  THR A CB    1 
ATOM   581  O  OG1   . THR A 1 74  ? 2.979   -13.863 -7.007  1.00 22.60 ? 74  THR A OG1   1 
ATOM   582  C  CG2   . THR A 1 74  ? 3.232   -14.994 -9.163  1.00 22.49 ? 74  THR A CG2   1 
ATOM   583  N  N     . GLY A 1 75  ? 1.581   -10.751 -7.581  1.00 18.25 ? 75  GLY A N     1 
ATOM   584  C  CA    . GLY A 1 75  ? 0.717   -9.870  -6.785  1.00 16.98 ? 75  GLY A CA    1 
ATOM   585  C  C     . GLY A 1 75  ? -0.558  -9.496  -7.510  1.00 15.67 ? 75  GLY A C     1 
ATOM   586  O  O     . GLY A 1 75  ? -0.532  -9.166  -8.683  1.00 15.90 ? 75  GLY A O     1 
ATOM   587  N  N     . GLU A 1 76  ? -1.685  -9.522  -6.811  1.00 14.56 ? 76  GLU A N     1 
ATOM   588  C  CA    . GLU A 1 76  ? -2.946  -9.219  -7.471  1.00 14.37 ? 76  GLU A CA    1 
ATOM   589  C  C     . GLU A 1 76  ? -3.334  -7.763  -7.345  1.00 13.61 ? 76  GLU A C     1 
ATOM   590  O  O     . GLU A 1 76  ? -4.072  -7.247  -8.179  1.00 13.89 ? 76  GLU A O     1 
ATOM   591  C  CB    . GLU A 1 76  ? -4.078  -10.088 -6.932  1.00 15.04 ? 76  GLU A CB    1 
ATOM   592  C  CG    . GLU A 1 76  ? -3.852  -11.579 -7.136  1.00 16.32 ? 76  GLU A CG    1 
ATOM   593  C  CD    . GLU A 1 76  ? -4.819  -12.385 -6.312  1.00 19.35 ? 76  GLU A CD    1 
ATOM   594  O  OE1   . GLU A 1 76  ? -4.546  -12.615 -5.118  1.00 18.60 ? 76  GLU A OE1   1 
ATOM   595  O  OE2   . GLU A 1 76  ? -5.877  -12.760 -6.848  1.00 23.97 ? 76  GLU A OE2   1 
ATOM   596  N  N     . GLY A 1 77  ? -2.858  -7.108  -6.295  1.00 12.61 ? 77  GLY A N     1 
ATOM   597  C  CA    . GLY A 1 77  ? -3.158  -5.684  -6.123  1.00 11.65 ? 77  GLY A CA    1 
ATOM   598  C  C     . GLY A 1 77  ? -2.066  -4.982  -5.365  1.00 10.96 ? 77  GLY A C     1 
ATOM   599  O  O     . GLY A 1 77  ? -1.354  -5.615  -4.588  1.00 9.81  ? 77  GLY A O     1 
ATOM   600  N  N     . PHE A 1 78  ? -1.956  -3.671  -5.556  1.00 9.65  ? 78  PHE A N     1 
ATOM   601  C  CA    . PHE A 1 78  ? -0.870  -2.897  -4.960  1.00 10.34 ? 78  PHE A CA    1 
ATOM   602  C  C     . PHE A 1 78  ? -1.378  -1.747  -4.113  1.00 10.82 ? 78  PHE A C     1 
ATOM   603  O  O     . PHE A 1 78  ? -2.237  -0.993  -4.559  1.00 11.02 ? 78  PHE A O     1 
ATOM   604  C  CB    . PHE A 1 78  ? 0.021   -2.360  -6.081  1.00 10.83 ? 78  PHE A CB    1 
ATOM   605  C  CG    . PHE A 1 78  ? 0.687   -3.463  -6.864  1.00 12.41 ? 78  PHE A CG    1 
ATOM   606  C  CD1   . PHE A 1 78  ? -0.012  -4.131  -7.880  1.00 13.06 ? 78  PHE A CD1   1 
ATOM   607  C  CD2   . PHE A 1 78  ? 1.980   -3.872  -6.542  1.00 13.81 ? 78  PHE A CD2   1 
ATOM   608  C  CE1   . PHE A 1 78  ? 0.575   -5.187  -8.573  1.00 12.99 ? 78  PHE A CE1   1 
ATOM   609  C  CE2   . PHE A 1 78  ? 2.594   -4.927  -7.234  1.00 13.69 ? 78  PHE A CE2   1 
ATOM   610  C  CZ    . PHE A 1 78  ? 1.900   -5.589  -8.249  1.00 11.09 ? 78  PHE A CZ    1 
ATOM   611  N  N     . LEU A 1 79  ? -0.871  -1.621  -2.889  1.00 10.87 ? 79  LEU A N     1 
ATOM   612  C  CA    . LEU A 1 79  ? -1.021  -0.376  -2.124  1.00 11.02 ? 79  LEU A CA    1 
ATOM   613  C  C     . LEU A 1 79  ? 0.185   0.508   -2.432  1.00 11.37 ? 79  LEU A C     1 
ATOM   614  O  O     . LEU A 1 79  ? 1.328   0.116   -2.172  1.00 11.61 ? 79  LEU A O     1 
ATOM   615  C  CB    . LEU A 1 79  ? -1.097  -0.643  -0.627  1.00 11.93 ? 79  LEU A CB    1 
ATOM   616  C  CG    . LEU A 1 79  ? -2.354  -1.073  0.114   1.00 12.94 ? 79  LEU A CG    1 
ATOM   617  C  CD1   . LEU A 1 79  ? -2.083  -0.798  1.587   1.00 13.71 ? 79  LEU A CD1   1 
ATOM   618  C  CD2   . LEU A 1 79  ? -3.630  -0.350  -0.346  1.00 12.92 ? 79  LEU A CD2   1 
ATOM   619  N  N     . CYS A 1 80  ? -0.048  1.656   -3.049  1.00 10.06 ? 80  CYS A N     1 
ATOM   620  C  CA    . CYS A 1 80  ? 1.001   2.606   -3.407  0.50 8.45  ? 80  CYS A CA    1 
ATOM   621  C  C     . CYS A 1 80  ? 0.993   3.723   -2.386  1.00 9.46  ? 80  CYS A C     1 
ATOM   622  O  O     . CYS A 1 80  ? 0.114   4.597   -2.401  1.00 10.86 ? 80  CYS A O     1 
ATOM   623  C  CB    . CYS A 1 80  ? 0.790   3.153   -4.813  0.50 8.61  ? 80  CYS A CB    1 
ATOM   624  S  SG    . CYS A 1 80  ? 1.094   1.893   -6.061  0.50 9.35  ? 80  CYS A SG    1 
ATOM   625  N  N     . VAL A 1 81  ? 1.968   3.677   -1.491  1.00 8.59  ? 81  VAL A N     1 
ATOM   626  C  CA    . VAL A 1 81  ? 1.970   4.472   -0.280  1.00 8.86  ? 81  VAL A CA    1 
ATOM   627  C  C     . VAL A 1 81  ? 2.940   5.654   -0.361  1.00 8.00  ? 81  VAL A C     1 
ATOM   628  O  O     . VAL A 1 81  ? 4.113   5.497   -0.706  1.00 8.71  ? 81  VAL A O     1 
ATOM   629  C  CB    . VAL A 1 81  ? 2.268   3.617   0.993   1.00 8.64  ? 81  VAL A CB    1 
ATOM   630  C  CG1   . VAL A 1 81  ? 2.149   4.466   2.261   1.00 10.52 ? 81  VAL A CG1   1 
ATOM   631  C  CG2   . VAL A 1 81  ? 1.336   2.405   1.075   1.00 9.32  ? 81  VAL A CG2   1 
ATOM   632  N  N     . PHE A 1 82  ? 2.435   6.841   -0.036  1.00 8.29  ? 82  PHE A N     1 
ATOM   633  C  CA    . PHE A 1 82  ? 3.266   8.022   0.247   1.00 7.63  ? 82  PHE A CA    1 
ATOM   634  C  C     . PHE A 1 82  ? 2.830   8.573   1.605   1.00 8.13  ? 82  PHE A C     1 
ATOM   635  O  O     . PHE A 1 82  ? 1.816   8.109   2.171   1.00 6.85  ? 82  PHE A O     1 
ATOM   636  C  CB    . PHE A 1 82  ? 3.125   9.107   -0.849  1.00 7.67  ? 82  PHE A CB    1 
ATOM   637  C  CG    . PHE A 1 82  ? 1.776   9.795   -0.861  1.00 7.53  ? 82  PHE A CG    1 
ATOM   638  C  CD1   . PHE A 1 82  ? 0.682   9.227   -1.511  1.00 7.60  ? 82  PHE A CD1   1 
ATOM   639  C  CD2   . PHE A 1 82  ? 1.620   11.020  -0.232  1.00 7.11  ? 82  PHE A CD2   1 
ATOM   640  C  CE1   . PHE A 1 82  ? -0.577  9.872   -1.503  1.00 8.89  ? 82  PHE A CE1   1 
ATOM   641  C  CE2   . PHE A 1 82  ? 0.377   11.676  -0.212  1.00 7.72  ? 82  PHE A CE2   1 
ATOM   642  C  CZ    . PHE A 1 82  ? -0.722  11.098  -0.852  1.00 9.13  ? 82  PHE A CZ    1 
ATOM   643  N  N     . ALA A 1 83  ? 3.597   9.510   2.157   1.00 8.07  ? 83  ALA A N     1 
ATOM   644  C  CA    . ALA A 1 83  ? 3.210   10.175  3.410   1.00 8.27  ? 83  ALA A CA    1 
ATOM   645  C  C     . ALA A 1 83  ? 2.754   11.608  3.092   1.00 8.97  ? 83  ALA A C     1 
ATOM   646  O  O     . ALA A 1 83  ? 3.402   12.314  2.304   1.00 8.84  ? 83  ALA A O     1 
ATOM   647  C  CB    . ALA A 1 83  ? 4.364   10.149  4.461   1.00 9.03  ? 83  ALA A CB    1 
ATOM   648  N  N     . ILE A 1 84  ? 1.662   12.042  3.720   1.00 9.38  ? 84  ILE A N     1 
ATOM   649  C  CA    . ILE A 1 84  ? 1.120   13.378  3.438   1.00 9.42  ? 84  ILE A CA    1 
ATOM   650  C  C     . ILE A 1 84  ? 2.008   14.521  3.911   1.00 9.70  ? 84  ILE A C     1 
ATOM   651  O  O     . ILE A 1 84  ? 1.737   15.678  3.586   1.00 10.20 ? 84  ILE A O     1 
ATOM   652  C  CB    . ILE A 1 84  ? -0.340  13.561  3.925   1.00 9.01  ? 84  ILE A CB    1 
ATOM   653  C  CG1   . ILE A 1 84  ? -0.433  13.665  5.444   1.00 8.34  ? 84  ILE A CG1   1 
ATOM   654  C  CG2   . ILE A 1 84  ? -1.243  12.442  3.344   1.00 9.47  ? 84  ILE A CG2   1 
ATOM   655  C  CD1   . ILE A 1 84  ? -1.782  14.289  5.890   1.00 10.42 ? 84  ILE A CD1   1 
ATOM   656  N  N     . ASN A 1 85  ? 3.063   14.197  4.660   1.00 8.99  ? 85  ASN A N     1 
ATOM   657  C  CA    . ASN A 1 85  ? 4.073   15.162  5.081   1.00 10.09 ? 85  ASN A CA    1 
ATOM   658  C  C     . ASN A 1 85  ? 5.446   14.797  4.497   1.00 10.19 ? 85  ASN A C     1 
ATOM   659  O  O     . ASN A 1 85  ? 6.485   15.091  5.100   1.00 9.60  ? 85  ASN A O     1 
ATOM   660  C  CB    . ASN A 1 85  ? 4.127   15.232  6.619   1.00 10.71 ? 85  ASN A CB    1 
ATOM   661  C  CG    . ASN A 1 85  ? 4.718   13.965  7.240   1.00 15.06 ? 85  ASN A CG    1 
ATOM   662  O  OD1   . ASN A 1 85  ? 4.390   12.849  6.833   1.00 14.89 ? 85  ASN A OD1   1 
ATOM   663  N  ND2   . ASN A 1 85  ? 5.599   14.143  8.242   1.00 17.95 ? 85  ASN A ND2   1 
ATOM   664  N  N     . ASN A 1 86  ? 5.445   14.155  3.322   1.00 9.73  ? 86  ASN A N     1 
ATOM   665  C  CA    . ASN A 1 86  ? 6.654   13.824  2.617   1.00 10.11 ? 86  ASN A CA    1 
ATOM   666  C  C     . ASN A 1 86  ? 6.352   14.044  1.135   1.00 9.38  ? 86  ASN A C     1 
ATOM   667  O  O     . ASN A 1 86  ? 5.887   13.162  0.427   1.00 8.15  ? 86  ASN A O     1 
ATOM   668  C  CB    . ASN A 1 86  ? 7.037   12.368  2.916   1.00 10.01 ? 86  ASN A CB    1 
ATOM   669  C  CG    . ASN A 1 86  ? 8.396   11.942  2.320   1.00 12.23 ? 86  ASN A CG    1 
ATOM   670  O  OD1   . ASN A 1 86  ? 8.866   12.446  1.299   1.00 9.64  ? 86  ASN A OD1   1 
ATOM   671  N  ND2   . ASN A 1 86  ? 8.998   10.944  2.963   1.00 15.93 ? 86  ASN A ND2   1 
ATOM   672  N  N     . THR A 1 87  ? 6.621   15.262  0.684   1.00 8.82  ? 87  THR A N     1 
ATOM   673  C  CA    . THR A 1 87  ? 6.384   15.637  -0.711  1.00 8.96  ? 87  THR A CA    1 
ATOM   674  C  C     . THR A 1 87  ? 7.130   14.731  -1.713  1.00 9.27  ? 87  THR A C     1 
ATOM   675  O  O     . THR A 1 87  ? 6.567   14.274  -2.705  1.00 9.52  ? 87  THR A O     1 
ATOM   676  C  CB    . THR A 1 87  ? 6.720   17.138  -0.919  1.00 8.72  ? 87  THR A CB    1 
ATOM   677  O  OG1   . THR A 1 87  ? 5.835   17.939  -0.108  1.00 10.97 ? 87  THR A OG1   1 
ATOM   678  C  CG2   . THR A 1 87  ? 6.528   17.530  -2.364  1.00 10.11 ? 87  THR A CG2   1 
ATOM   679  N  N     . LYS A 1 88  ? 8.397   14.471  -1.450  1.00 9.17  ? 88  LYS A N     1 
ATOM   680  C  CA    . LYS A 1 88  ? 9.154   13.622  -2.354  1.00 9.30  ? 88  LYS A CA    1 
ATOM   681  C  C     . LYS A 1 88  ? 8.495   12.238  -2.500  1.00 7.99  ? 88  LYS A C     1 
ATOM   682  O  O     . LYS A 1 88  ? 8.441   11.701  -3.599  1.00 8.99  ? 88  LYS A O     1 
ATOM   683  C  CB    . LYS A 1 88  ? 10.596  13.499  -1.871  1.00 10.34 ? 88  LYS A CB    1 
ATOM   684  C  CG    . LYS A 1 88  ? 11.441  12.425  -2.541  1.00 14.30 ? 88  LYS A CG    1 
ATOM   685  C  CD    . LYS A 1 88  ? 12.138  12.885  -3.774  1.00 21.37 ? 88  LYS A CD    1 
ATOM   686  C  CE    . LYS A 1 88  ? 13.377  12.003  -4.062  1.00 22.29 ? 88  LYS A CE    1 
ATOM   687  N  NZ    . LYS A 1 88  ? 13.072  10.536  -4.145  1.00 24.88 ? 88  LYS A NZ    1 
ATOM   688  N  N     . SER A 1 89  ? 8.021   11.661  -1.392  1.00 7.56  ? 89  SER A N     1 
ATOM   689  C  CA    . SER A 1 89  ? 7.363   10.333  -1.463  1.00 7.97  ? 89  SER A CA    1 
ATOM   690  C  C     . SER A 1 89  ? 6.127   10.332  -2.369  1.00 8.17  ? 89  SER A C     1 
ATOM   691  O  O     . SER A 1 89  ? 5.861   9.349   -3.065  1.00 8.70  ? 89  SER A O     1 
ATOM   692  C  CB    . SER A 1 89  ? 7.035   9.779   -0.076  1.00 7.98  ? 89  SER A CB    1 
ATOM   693  O  OG    . SER A 1 89  ? 5.932   10.457  0.520   1.00 8.62  ? 89  SER A OG    1 
ATOM   694  N  N     . PHE A 1 90  ? 5.373   11.438  -2.327  1.00 8.73  ? 90  PHE A N     1 
ATOM   695  C  CA    . PHE A 1 90  ? 4.252   11.635  -3.250  1.00 8.52  ? 90  PHE A CA    1 
ATOM   696  C  C     . PHE A 1 90  ? 4.701   11.712  -4.705  1.00 8.33  ? 90  PHE A C     1 
ATOM   697  O  O     . PHE A 1 90  ? 4.120   11.076  -5.590  1.00 8.29  ? 90  PHE A O     1 
ATOM   698  C  CB    . PHE A 1 90  ? 3.522   12.912  -2.886  1.00 8.45  ? 90  PHE A CB    1 
ATOM   699  C  CG    . PHE A 1 90  ? 2.301   13.182  -3.738  1.00 7.46  ? 90  PHE A CG    1 
ATOM   700  C  CD1   . PHE A 1 90  ? 1.170   12.372  -3.662  1.00 8.45  ? 90  PHE A CD1   1 
ATOM   701  C  CD2   . PHE A 1 90  ? 2.287   14.269  -4.606  1.00 10.15 ? 90  PHE A CD2   1 
ATOM   702  C  CE1   . PHE A 1 90  ? 0.014   12.643  -4.439  1.00 9.74  ? 90  PHE A CE1   1 
ATOM   703  C  CE2   . PHE A 1 90  ? 1.146   14.554  -5.401  1.00 11.87 ? 90  PHE A CE2   1 
ATOM   704  C  CZ    . PHE A 1 90  ? 0.006   13.742  -5.310  1.00 9.78  ? 90  PHE A CZ    1 
ATOM   705  N  N     . GLU A 1 91  ? 5.743   12.503  -4.941  1.00 8.55  ? 91  GLU A N     1 
ATOM   706  C  CA    . GLU A 1 91  ? 6.330   12.623  -6.275  1.00 8.89  ? 91  GLU A CA    1 
ATOM   707  C  C     . GLU A 1 91  ? 6.921   11.305  -6.800  1.00 9.93  ? 91  GLU A C     1 
ATOM   708  O  O     . GLU A 1 91  ? 6.903   11.054  -8.016  1.00 10.84 ? 91  GLU A O     1 
ATOM   709  C  CB    . GLU A 1 91  ? 7.385   13.718  -6.257  1.00 8.90  ? 91  GLU A CB    1 
ATOM   710  C  CG    . GLU A 1 91  ? 6.795   15.093  -5.956  1.00 9.31  ? 91  GLU A CG    1 
ATOM   711  C  CD    . GLU A 1 91  ? 7.860   16.125  -5.633  1.00 10.18 ? 91  GLU A CD    1 
ATOM   712  O  OE1   . GLU A 1 91  ? 9.024   15.740  -5.395  1.00 9.58  ? 91  GLU A OE1   1 
ATOM   713  O  OE2   . GLU A 1 91  ? 7.561   17.321  -5.634  1.00 9.45  ? 91  GLU A OE2   1 
ATOM   714  N  N     . ASP A 1 92  ? 7.424   10.468  -5.892  1.00 9.84  ? 92  ASP A N     1 
ATOM   715  C  CA    . ASP A 1 92  ? 7.917   9.137   -6.240  1.00 10.34 ? 92  ASP A CA    1 
ATOM   716  C  C     . ASP A 1 92  ? 6.807   8.199   -6.749  1.00 9.67  ? 92  ASP A C     1 
ATOM   717  O  O     . ASP A 1 92  ? 7.071   7.221   -7.426  1.00 10.63 ? 92  ASP A O     1 
ATOM   718  C  CB    . ASP A 1 92  ? 8.546   8.474   -5.003  1.00 10.59 ? 92  ASP A CB    1 
ATOM   719  C  CG    . ASP A 1 92  ? 9.945   9.006   -4.659  1.00 13.69 ? 92  ASP A CG    1 
ATOM   720  O  OD1   . ASP A 1 92  ? 10.511  9.821   -5.419  1.00 13.99 ? 92  ASP A OD1   1 
ATOM   721  O  OD2   . ASP A 1 92  ? 10.465  8.561   -3.610  1.00 17.73 ? 92  ASP A OD2   1 
ATOM   722  N  N     . ILE A 1 93  ? 5.555   8.484   -6.418  1.00 9.69  ? 93  ILE A N     1 
ATOM   723  C  CA    . ILE A 1 93  ? 4.466   7.564   -6.791  1.00 10.03 ? 93  ILE A CA    1 
ATOM   724  C  C     . ILE A 1 93  ? 4.408   7.274   -8.292  1.00 10.11 ? 93  ILE A C     1 
ATOM   725  O  O     . ILE A 1 93  ? 4.118   6.152   -8.710  1.00 10.28 ? 93  ILE A O     1 
ATOM   726  C  CB    . ILE A 1 93  ? 3.084   8.070   -6.310  1.00 9.77  ? 93  ILE A CB    1 
ATOM   727  C  CG1   . ILE A 1 93  ? 2.975   8.044   -4.788  1.00 10.23 ? 93  ILE A CG1   1 
ATOM   728  C  CG2   . ILE A 1 93  ? 1.892   7.262   -6.945  1.00 10.38 ? 93  ILE A CG2   1 
ATOM   729  C  CD1   . ILE A 1 93  ? 2.995   6.616   -4.179  1.00 10.47 ? 93  ILE A CD1   1 
ATOM   730  N  N     . HIS A 1 94  ? 4.693   8.289   -9.098  1.00 10.85 ? 94  HIS A N     1 
ATOM   731  C  CA    . HIS A 1 94  ? 4.735   8.110   -10.538 1.00 12.01 ? 94  HIS A CA    1 
ATOM   732  C  C     . HIS A 1 94  ? 5.628   6.946   -10.951 1.00 12.88 ? 94  HIS A C     1 
ATOM   733  O  O     . HIS A 1 94  ? 5.221   6.131   -11.776 1.00 13.08 ? 94  HIS A O     1 
ATOM   734  C  CB    . HIS A 1 94  ? 5.192   9.401   -11.212 1.00 13.01 ? 94  HIS A CB    1 
ATOM   735  C  CG    . HIS A 1 94  ? 5.266   9.278   -12.693 1.00 13.40 ? 94  HIS A CG    1 
ATOM   736  N  ND1   . HIS A 1 94  ? 6.446   9.398   -13.396 1.00 18.07 ? 94  HIS A ND1   1 
ATOM   737  C  CD2   . HIS A 1 94  ? 4.307   9.005   -13.604 1.00 14.50 ? 94  HIS A CD2   1 
ATOM   738  C  CE1   . HIS A 1 94  ? 6.202   9.218   -14.684 1.00 17.28 ? 94  HIS A CE1   1 
ATOM   739  N  NE2   . HIS A 1 94  ? 4.913   8.975   -14.833 1.00 18.98 ? 94  HIS A NE2   1 
ATOM   740  N  N     . GLN A 1 95  ? 6.811   6.844   -10.350 1.00 13.00 ? 95  GLN A N     1 
ATOM   741  C  CA    . GLN A 1 95  ? 7.762   5.777   -10.676 1.00 14.46 ? 95  GLN A CA    1 
ATOM   742  C  C     . GLN A 1 95  ? 7.323   4.411   -10.157 1.00 13.39 ? 95  GLN A C     1 
ATOM   743  O  O     . GLN A 1 95  ? 7.585   3.388   -10.807 1.00 13.54 ? 95  GLN A O     1 
ATOM   744  C  CB    . GLN A 1 95  ? 9.192   6.117   -10.220 1.00 15.75 ? 95  GLN A CB    1 
ATOM   745  C  CG    . GLN A 1 95  ? 9.879   7.192   -11.079 1.00 20.10 ? 95  GLN A CG    1 
ATOM   746  C  CD    . GLN A 1 95  ? 9.918   6.853   -12.574 1.00 26.23 ? 95  GLN A CD    1 
ATOM   747  O  OE1   . GLN A 1 95  ? 9.714   7.728   -13.425 1.00 29.08 ? 95  GLN A OE1   1 
ATOM   748  N  NE2   . GLN A 1 95  ? 10.183  5.580   -12.902 1.00 28.58 ? 95  GLN A NE2   1 
ATOM   749  N  N     . TYR A 1 96  ? 6.654   4.378   -9.005  1.00 12.71 ? 96  TYR A N     1 
ATOM   750  C  CA    . TYR A 1 96  ? 6.048   3.135   -8.534  1.00 12.63 ? 96  TYR A CA    1 
ATOM   751  C  C     . TYR A 1 96  ? 4.912   2.670   -9.443  1.00 13.11 ? 96  TYR A C     1 
ATOM   752  O  O     . TYR A 1 96  ? 4.786   1.481   -9.734  1.00 13.26 ? 96  TYR A O     1 
ATOM   753  C  CB    . TYR A 1 96  ? 5.579   3.245   -7.070  1.00 12.42 ? 96  TYR A CB    1 
ATOM   754  C  CG    . TYR A 1 96  ? 6.754   3.339   -6.126  1.00 12.42 ? 96  TYR A CG    1 
ATOM   755  C  CD1   . TYR A 1 96  ? 7.552   2.218   -5.869  1.00 13.97 ? 96  TYR A CD1   1 
ATOM   756  C  CD2   . TYR A 1 96  ? 7.111   4.558   -5.543  1.00 12.75 ? 96  TYR A CD2   1 
ATOM   757  C  CE1   . TYR A 1 96  ? 8.661   2.302   -5.029  1.00 15.26 ? 96  TYR A CE1   1 
ATOM   758  C  CE2   . TYR A 1 96  ? 8.217   4.656   -4.703  1.00 14.89 ? 96  TYR A CE2   1 
ATOM   759  C  CZ    . TYR A 1 96  ? 8.992   3.530   -4.459  1.00 16.17 ? 96  TYR A CZ    1 
ATOM   760  O  OH    . TYR A 1 96  ? 10.075  3.664   -3.619  1.00 16.83 ? 96  TYR A OH    1 
ATOM   761  N  N     . ARG A 1 97  ? 4.083   3.607   -9.889  1.00 13.95 ? 97  ARG A N     1 
ATOM   762  C  CA    . ARG A 1 97  ? 3.025   3.302   -10.852 1.00 14.64 ? 97  ARG A CA    1 
ATOM   763  C  C     . ARG A 1 97  ? 3.603   2.789   -12.182 1.00 15.21 ? 97  ARG A C     1 
ATOM   764  O  O     . ARG A 1 97  ? 3.085   1.822   -12.754 1.00 15.41 ? 97  ARG A O     1 
ATOM   765  C  CB    . ARG A 1 97  ? 2.149   4.544   -11.062 1.00 14.94 ? 97  ARG A CB    1 
ATOM   766  C  CG    . ARG A 1 97  ? 1.285   4.577   -12.340 1.00 16.76 ? 97  ARG A CG    1 
ATOM   767  C  CD    . ARG A 1 97  ? -0.085  4.050   -12.054 1.00 17.21 ? 97  ARG A CD    1 
ATOM   768  N  NE    . ARG A 1 97  ? -0.921  3.996   -13.249 1.00 17.82 ? 97  ARG A NE    1 
ATOM   769  C  CZ    . ARG A 1 97  ? -1.936  3.144   -13.394 1.00 18.08 ? 97  ARG A CZ    1 
ATOM   770  N  NH1   . ARG A 1 97  ? -2.248  2.294   -12.413 1.00 16.72 ? 97  ARG A NH1   1 
ATOM   771  N  NH2   . ARG A 1 97  ? -2.650  3.147   -14.510 1.00 19.13 ? 97  ARG A NH2   1 
ATOM   772  N  N     . GLU A 1 98  ? 4.676   3.417   -12.666 1.00 14.52 ? 98  GLU A N     1 
ATOM   773  C  CA    . GLU A 1 98  ? 5.311   2.971   -13.913 1.00 15.09 ? 98  GLU A CA    1 
ATOM   774  C  C     . GLU A 1 98  ? 5.903   1.569   -13.763 1.00 15.51 ? 98  GLU A C     1 
ATOM   775  O  O     . GLU A 1 98  ? 5.802   0.738   -14.688 1.00 14.89 ? 98  GLU A O     1 
ATOM   776  C  CB    . GLU A 1 98  ? 6.399   3.949   -14.355 1.00 14.97 ? 98  GLU A CB    1 
ATOM   777  C  CG    . GLU A 1 98  ? 5.864   5.275   -14.899 1.00 15.57 ? 98  GLU A CG    1 
ATOM   778  C  CD    . GLU A 1 98  ? 4.957   5.104   -16.092 1.00 18.68 ? 98  GLU A CD    1 
ATOM   779  O  OE1   . GLU A 1 98  ? 5.346   4.429   -17.074 1.00 20.12 ? 98  GLU A OE1   1 
ATOM   780  O  OE2   . GLU A 1 98  ? 3.854   5.678   -16.070 1.00 19.90 ? 98  GLU A OE2   1 
ATOM   781  N  N     . GLN A 1 99  ? 6.539   1.303   -12.622 1.00 15.19 ? 99  GLN A N     1 
ATOM   782  C  CA    . GLN A 1 99  ? 7.069   -0.038  -12.322 1.00 16.63 ? 99  GLN A CA    1 
ATOM   783  C  C     . GLN A 1 99  ? 5.960   -1.082  -12.355 1.00 15.65 ? 99  GLN A C     1 
ATOM   784  O  O     . GLN A 1 99  ? 6.113   -2.159  -12.924 1.00 15.11 ? 99  GLN A O     1 
ATOM   785  C  CB    . GLN A 1 99  ? 7.761   -0.056  -10.957 1.00 16.55 ? 99  GLN A CB    1 
ATOM   786  C  CG    . GLN A 1 99  ? 8.266   -1.445  -10.529 1.00 19.82 ? 99  GLN A CG    1 
ATOM   787  C  CD    . GLN A 1 99  ? 8.860   -1.503  -9.122  1.00 20.03 ? 99  GLN A CD    1 
ATOM   788  O  OE1   . GLN A 1 99  ? 9.745   -2.321  -8.867  1.00 25.98 ? 99  GLN A OE1   1 
ATOM   789  N  NE2   . GLN A 1 99  ? 8.385   -0.656  -8.212  1.00 21.07 ? 99  GLN A NE2   1 
ATOM   790  N  N     . ILE A 1 100 ? 4.835   -0.776  -11.724 1.00 14.88 ? 100 ILE A N     1 
ATOM   791  C  CA    . ILE A 1 100 ? 3.719   -1.715  -11.680 1.00 15.12 ? 100 ILE A CA    1 
ATOM   792  C  C     . ILE A 1 100 ? 3.144   -1.954  -13.082 1.00 14.48 ? 100 ILE A C     1 
ATOM   793  O  O     . ILE A 1 100 ? 2.831   -3.091  -13.451 1.00 13.81 ? 100 ILE A O     1 
ATOM   794  C  CB    . ILE A 1 100 ? 2.634   -1.247  -10.691 1.00 15.61 ? 100 ILE A CB    1 
ATOM   795  C  CG1   . ILE A 1 100 ? 3.174   -1.403  -9.267  1.00 16.64 ? 100 ILE A CG1   1 
ATOM   796  C  CG2   . ILE A 1 100 ? 1.328   -2.042  -10.898 1.00 16.35 ? 100 ILE A CG2   1 
ATOM   797  C  CD1   . ILE A 1 100 ? 2.414   -0.560  -8.248  1.00 17.69 ? 100 ILE A CD1   1 
ATOM   798  N  N     . LYS A 1 101 ? 3.004   -0.880  -13.856 1.00 14.43 ? 101 LYS A N     1 
ATOM   799  C  CA    . LYS A 1 101 ? 2.506   -1.009  -15.226 1.00 15.06 ? 101 LYS A CA    1 
ATOM   800  C  C     . LYS A 1 101 ? 3.427   -1.917  -16.046 1.00 15.42 ? 101 LYS A C     1 
ATOM   801  O  O     . LYS A 1 101 ? 2.941   -2.754  -16.806 1.00 14.74 ? 101 LYS A O     1 
ATOM   802  C  CB    . LYS A 1 101 ? 2.322   0.362   -15.880 1.00 14.81 ? 101 LYS A CB    1 
ATOM   803  C  CG    . LYS A 1 101 ? 1.155   1.176   -15.308 1.00 14.88 ? 101 LYS A CG    1 
ATOM   804  C  CD    . LYS A 1 101 ? 0.733   2.315   -16.248 1.00 16.46 ? 101 LYS A CD    1 
ATOM   805  C  CE    . LYS A 1 101 ? 1.757   3.425   -16.307 1.00 18.47 ? 101 LYS A CE    1 
ATOM   806  N  NZ    . LYS A 1 101 ? 1.267   4.556   -17.159 1.00 19.27 ? 101 LYS A NZ    1 
ATOM   807  N  N     . ARG A 1 102 ? 4.738   -1.750  -15.887 1.00 15.45 ? 102 ARG A N     1 
ATOM   808  C  CA    . ARG A 1 102 ? 5.715   -2.593  -16.573 1.00 17.58 ? 102 ARG A CA    1 
ATOM   809  C  C     . ARG A 1 102 ? 5.621   -4.066  -16.124 1.00 17.26 ? 102 ARG A C     1 
ATOM   810  O  O     . ARG A 1 102 ? 5.557   -4.971  -16.963 1.00 16.56 ? 102 ARG A O     1 
ATOM   811  C  CB    . ARG A 1 102 ? 7.131   -2.034  -16.392 1.00 17.41 ? 102 ARG A CB    1 
ATOM   812  C  CG    . ARG A 1 102 ? 8.228   -2.897  -17.005 1.00 20.29 ? 102 ARG A CG    1 
ATOM   813  C  CD    . ARG A 1 102 ? 9.615   -2.276  -16.865 1.00 20.99 ? 102 ARG A CD    1 
ATOM   814  N  NE    . ARG A 1 102 ? 10.068  -2.191  -15.473 1.00 29.33 ? 102 ARG A NE    1 
ATOM   815  C  CZ    . ARG A 1 102 ? 10.009  -1.085  -14.727 1.00 32.05 ? 102 ARG A CZ    1 
ATOM   816  N  NH1   . ARG A 1 102 ? 9.522   0.055   -15.228 1.00 32.73 ? 102 ARG A NH1   1 
ATOM   817  N  NH2   . ARG A 1 102 ? 10.436  -1.116  -13.470 1.00 34.71 ? 102 ARG A NH2   1 
ATOM   818  N  N     . VAL A 1 103 ? 5.600   -4.309  -14.814 1.00 16.97 ? 103 VAL A N     1 
ATOM   819  C  CA    . VAL A 1 103 ? 5.553   -5.685  -14.313 1.00 18.03 ? 103 VAL A CA    1 
ATOM   820  C  C     . VAL A 1 103 ? 4.314   -6.428  -14.830 1.00 17.54 ? 103 VAL A C     1 
ATOM   821  O  O     . VAL A 1 103 ? 4.386   -7.617  -15.128 1.00 17.56 ? 103 VAL A O     1 
ATOM   822  C  CB    . VAL A 1 103 ? 5.714   -5.764  -12.747 1.00 17.80 ? 103 VAL A CB    1 
ATOM   823  C  CG1   . VAL A 1 103 ? 4.472   -5.284  -12.042 1.00 21.59 ? 103 VAL A CG1   1 
ATOM   824  C  CG2   . VAL A 1 103 ? 5.985   -7.188  -12.304 1.00 21.07 ? 103 VAL A CG2   1 
ATOM   825  N  N     . LYS A 1 104 ? 3.197   -5.714  -14.970 1.00 17.42 ? 104 LYS A N     1 
ATOM   826  C  CA    . LYS A 1 104 ? 1.932   -6.315  -15.396 1.00 17.19 ? 104 LYS A CA    1 
ATOM   827  C  C     . LYS A 1 104 ? 1.616   -6.147  -16.886 1.00 17.03 ? 104 LYS A C     1 
ATOM   828  O  O     . LYS A 1 104 ? 0.602   -6.664  -17.371 1.00 17.00 ? 104 LYS A O     1 
ATOM   829  C  CB    . LYS A 1 104 ? 0.780   -5.731  -14.577 1.00 17.69 ? 104 LYS A CB    1 
ATOM   830  C  CG    . LYS A 1 104 ? 0.903   -5.950  -13.083 1.00 17.81 ? 104 LYS A CG    1 
ATOM   831  C  CD    . LYS A 1 104 ? 0.904   -7.437  -12.757 1.00 17.45 ? 104 LYS A CD    1 
ATOM   832  C  CE    . LYS A 1 104 ? 0.914   -7.676  -11.261 1.00 18.69 ? 104 LYS A CE    1 
ATOM   833  N  NZ    . LYS A 1 104 ? 0.804   -9.136  -10.962 1.00 19.20 ? 104 LYS A NZ    1 
ATOM   834  N  N     . ASP A 1 105 ? 2.465   -5.403  -17.591 1.00 16.63 ? 105 ASP A N     1 
ATOM   835  C  CA    . ASP A 1 105 ? 2.188   -4.980  -18.971 1.00 16.71 ? 105 ASP A CA    1 
ATOM   836  C  C     . ASP A 1 105 ? 0.747   -4.468  -19.125 1.00 16.71 ? 105 ASP A C     1 
ATOM   837  O  O     . ASP A 1 105 ? 0.018   -4.859  -20.047 1.00 16.34 ? 105 ASP A O     1 
ATOM   838  C  CB    . ASP A 1 105 ? 2.495   -6.118  -19.960 1.00 16.84 ? 105 ASP A CB    1 
ATOM   839  C  CG    . ASP A 1 105 ? 2.446   -5.660  -21.403 1.00 18.73 ? 105 ASP A CG    1 
ATOM   840  O  OD1   . ASP A 1 105 ? 2.856   -4.516  -21.690 1.00 20.32 ? 105 ASP A OD1   1 
ATOM   841  O  OD2   . ASP A 1 105 ? 1.993   -6.451  -22.251 1.00 19.99 ? 105 ASP A OD2   1 
ATOM   842  N  N     . SER A 1 106 ? 0.325   -3.603  -18.202 1.00 15.57 ? 106 SER A N     1 
ATOM   843  C  CA    . SER A 1 106 ? -1.046  -3.124  -18.218 1.00 16.05 ? 106 SER A CA    1 
ATOM   844  C  C     . SER A 1 106 ? -1.157  -1.797  -17.485 1.00 15.94 ? 106 SER A C     1 
ATOM   845  O  O     . SER A 1 106 ? -0.451  -1.572  -16.504 1.00 14.16 ? 106 SER A O     1 
ATOM   846  C  CB    . SER A 1 106 ? -1.956  -4.145  -17.537 1.00 15.71 ? 106 SER A CB    1 
ATOM   847  O  OG    . SER A 1 106 ? -3.302  -3.706  -17.566 1.00 17.86 ? 106 SER A OG    1 
ATOM   848  N  N     . ASP A 1 107 ? -2.070  -0.948  -17.948 1.00 16.91 ? 107 ASP A N     1 
ATOM   849  C  CA    . ASP A 1 107 ? -2.429  0.268   -17.203 1.00 18.31 ? 107 ASP A CA    1 
ATOM   850  C  C     . ASP A 1 107 ? -3.692  0.068   -16.365 1.00 17.73 ? 107 ASP A C     1 
ATOM   851  O  O     . ASP A 1 107 ? -4.213  1.013   -15.776 1.00 17.66 ? 107 ASP A O     1 
ATOM   852  C  CB    . ASP A 1 107 ? -2.519  1.508   -18.120 1.00 19.15 ? 107 ASP A CB    1 
ATOM   853  C  CG    . ASP A 1 107 ? -3.619  1.419   -19.163 1.00 22.44 ? 107 ASP A CG    1 
ATOM   854  O  OD1   . ASP A 1 107 ? -4.340  0.400   -19.243 1.00 24.06 ? 107 ASP A OD1   1 
ATOM   855  O  OD2   . ASP A 1 107 ? -3.762  2.403   -19.923 1.00 26.51 ? 107 ASP A OD2   1 
ATOM   856  N  N     . ASP A 1 108 ? -4.161  -1.179  -16.312 1.00 16.76 ? 108 ASP A N     1 
ATOM   857  C  CA    . ASP A 1 108 ? -5.379  -1.550  -15.615 1.00 16.81 ? 108 ASP A CA    1 
ATOM   858  C  C     . ASP A 1 108 ? -5.031  -2.608  -14.564 1.00 15.90 ? 108 ASP A C     1 
ATOM   859  O  O     . ASP A 1 108 ? -5.201  -3.818  -14.794 1.00 16.55 ? 108 ASP A O     1 
ATOM   860  C  CB    . ASP A 1 108 ? -6.397  -2.090  -16.630 1.00 17.60 ? 108 ASP A CB    1 
ATOM   861  C  CG    . ASP A 1 108 ? -7.767  -2.286  -16.041 1.00 19.88 ? 108 ASP A CG    1 
ATOM   862  O  OD1   . ASP A 1 108 ? -7.998  -1.804  -14.913 1.00 20.44 ? 108 ASP A OD1   1 
ATOM   863  O  OD2   . ASP A 1 108 ? -8.615  -2.928  -16.713 1.00 22.75 ? 108 ASP A OD2   1 
ATOM   864  N  N     . VAL A 1 109 ? -4.525  -2.148  -13.423 1.00 13.99 ? 109 VAL A N     1 
ATOM   865  C  CA    . VAL A 1 109 ? -3.998  -3.029  -12.368 1.00 12.96 ? 109 VAL A CA    1 
ATOM   866  C  C     . VAL A 1 109 ? -4.676  -2.633  -11.055 1.00 12.21 ? 109 VAL A C     1 
ATOM   867  O  O     . VAL A 1 109 ? -4.655  -1.445  -10.718 1.00 11.24 ? 109 VAL A O     1 
ATOM   868  C  CB    . VAL A 1 109 ? -2.444  -2.884  -12.202 1.00 12.30 ? 109 VAL A CB    1 
ATOM   869  C  CG1   . VAL A 1 109 ? -1.892  -3.796  -11.089 1.00 12.75 ? 109 VAL A CG1   1 
ATOM   870  C  CG2   . VAL A 1 109 ? -1.717  -3.167  -13.516 1.00 13.84 ? 109 VAL A CG2   1 
ATOM   871  N  N     . PRO A 1 110 ? -5.226  -3.615  -10.293 1.00 11.34 ? 110 PRO A N     1 
ATOM   872  C  CA    . PRO A 1 110 ? -5.804  -3.245  -8.983  1.00 11.42 ? 110 PRO A CA    1 
ATOM   873  C  C     . PRO A 1 110 ? -4.782  -2.518  -8.103  1.00 10.42 ? 110 PRO A C     1 
ATOM   874  O  O     . PRO A 1 110 ? -3.689  -3.029  -7.813  1.00 10.85 ? 110 PRO A O     1 
ATOM   875  C  CB    . PRO A 1 110 ? -6.208  -4.590  -8.366  1.00 11.77 ? 110 PRO A CB    1 
ATOM   876  C  CG    . PRO A 1 110 ? -6.435  -5.498  -9.597  1.00 11.02 ? 110 PRO A CG    1 
ATOM   877  C  CD    . PRO A 1 110 ? -5.352  -5.063  -10.555 1.00 11.42 ? 110 PRO A CD    1 
ATOM   878  N  N     . MET A 1 111 ? -5.147  -1.310  -7.707  1.00 10.40 ? 111 MET A N     1 
ATOM   879  C  CA    . MET A 1 111 ? -4.241  -0.393  -7.033  1.00 11.62 ? 111 MET A CA    1 
ATOM   880  C  C     . MET A 1 111 ? -5.024  0.600   -6.182  1.00 10.13 ? 111 MET A C     1 
ATOM   881  O  O     . MET A 1 111 ? -6.136  1.021   -6.547  1.00 10.43 ? 111 MET A O     1 
ATOM   882  C  CB    . MET A 1 111 ? -3.445  0.356   -8.107  1.00 12.00 ? 111 MET A CB    1 
ATOM   883  C  CG    . MET A 1 111 ? -2.316  1.164   -7.601  1.00 14.60 ? 111 MET A CG    1 
ATOM   884  S  SD    . MET A 1 111 ? -1.456  1.906   -9.006  1.00 16.80 ? 111 MET A SD    1 
ATOM   885  C  CE    . MET A 1 111 ? -0.727  0.478   -9.734  1.00 18.23 ? 111 MET A CE    1 
ATOM   886  N  N     . VAL A 1 112 ? -4.462  0.984   -5.048  1.00 8.88  ? 112 VAL A N     1 
ATOM   887  C  CA    . VAL A 1 112 ? -5.046  2.065   -4.228  1.00 8.51  ? 112 VAL A CA    1 
ATOM   888  C  C     . VAL A 1 112 ? -3.921  3.002   -3.842  1.00 8.50  ? 112 VAL A C     1 
ATOM   889  O  O     . VAL A 1 112 ? -2.844  2.539   -3.447  1.00 8.47  ? 112 VAL A O     1 
ATOM   890  C  CB    . VAL A 1 112 ? -5.721  1.538   -2.940  1.00 8.86  ? 112 VAL A CB    1 
ATOM   891  C  CG1   . VAL A 1 112 ? -6.123  2.691   -1.992  1.00 9.21  ? 112 VAL A CG1   1 
ATOM   892  C  CG2   . VAL A 1 112 ? -6.965  0.696   -3.285  1.00 8.72  ? 112 VAL A CG2   1 
ATOM   893  N  N     . LEU A 1 113 ? -4.137  4.302   -3.991  1.00 8.43  ? 113 LEU A N     1 
ATOM   894  C  CA    . LEU A 1 113 ? -3.138  5.291   -3.588  1.00 7.88  ? 113 LEU A CA    1 
ATOM   895  C  C     . LEU A 1 113 ? -3.380  5.600   -2.139  1.00 8.90  ? 113 LEU A C     1 
ATOM   896  O  O     . LEU A 1 113 ? -4.496  5.932   -1.778  1.00 8.97  ? 113 LEU A O     1 
ATOM   897  C  CB    . LEU A 1 113 ? -3.272  6.559   -4.418  1.00 8.74  ? 113 LEU A CB    1 
ATOM   898  C  CG    . LEU A 1 113 ? -2.335  7.708   -4.087  1.00 7.47  ? 113 LEU A CG    1 
ATOM   899  C  CD1   . LEU A 1 113 ? -0.872  7.333   -4.405  1.00 8.39  ? 113 LEU A CD1   1 
ATOM   900  C  CD2   . LEU A 1 113 ? -2.733  8.995   -4.828  1.00 7.87  ? 113 LEU A CD2   1 
ATOM   901  N  N     . VAL A 1 114 ? -2.357  5.486   -1.293  1.00 7.92  ? 114 VAL A N     1 
ATOM   902  C  CA    . VAL A 1 114 ? -2.519  5.692   0.146   1.00 8.99  ? 114 VAL A CA    1 
ATOM   903  C  C     . VAL A 1 114 ? -1.647  6.853   0.612   1.00 8.55  ? 114 VAL A C     1 
ATOM   904  O  O     . VAL A 1 114 ? -0.433  6.846   0.379   1.00 10.25 ? 114 VAL A O     1 
ATOM   905  C  CB    . VAL A 1 114 ? -2.191  4.428   0.946   1.00 9.54  ? 114 VAL A CB    1 
ATOM   906  C  CG1   . VAL A 1 114 ? -2.316  4.727   2.427   1.00 9.69  ? 114 VAL A CG1   1 
ATOM   907  C  CG2   . VAL A 1 114 ? -3.137  3.291   0.562   1.00 9.50  ? 114 VAL A CG2   1 
ATOM   908  N  N     . GLY A 1 115 ? -2.276  7.835   1.259   1.00 8.82  ? 115 GLY A N     1 
ATOM   909  C  CA    . GLY A 1 115 ? -1.566  8.955   1.876   1.00 7.27  ? 115 GLY A CA    1 
ATOM   910  C  C     . GLY A 1 115 ? -1.541  8.755   3.368   1.00 7.71  ? 115 GLY A C     1 
ATOM   911  O  O     . GLY A 1 115 ? -2.552  8.948   4.057   1.00 9.39  ? 115 GLY A O     1 
ATOM   912  N  N     . ASN A 1 116 ? -0.389  8.303   3.864   1.00 7.85  ? 116 ASN A N     1 
ATOM   913  C  CA    . ASN A 1 116 ? -0.234  7.912   5.254   1.00 8.22  ? 116 ASN A CA    1 
ATOM   914  C  C     . ASN A 1 116 ? 0.296   9.048   6.146   1.00 8.76  ? 116 ASN A C     1 
ATOM   915  O  O     . ASN A 1 116 ? 0.735   10.116  5.669   1.00 8.77  ? 116 ASN A O     1 
ATOM   916  C  CB    . ASN A 1 116 ? 0.684   6.681   5.327   1.00 8.69  ? 116 ASN A CB    1 
ATOM   917  C  CG    . ASN A 1 116 ? 0.723   6.068   6.709   1.00 9.86  ? 116 ASN A CG    1 
ATOM   918  O  OD1   . ASN A 1 116 ? -0.321  5.860   7.343   1.00 10.28 ? 116 ASN A OD1   1 
ATOM   919  N  ND2   . ASN A 1 116 ? 1.927   5.763   7.182   1.00 10.11 ? 116 ASN A ND2   1 
ATOM   920  N  N     . ARG A 1 117 ? 0.212   8.810   7.455   1.00 9.68  ? 117 ARG A N     1 
ATOM   921  C  CA    . ARG A 1 117 ? 0.642   9.773   8.472   1.00 10.36 ? 117 ARG A CA    1 
ATOM   922  C  C     . ARG A 1 117 ? -0.308  10.973  8.575   1.00 10.54 ? 117 ARG A C     1 
ATOM   923  O  O     . ARG A 1 117 ? 0.098   12.112  8.880   1.00 11.29 ? 117 ARG A O     1 
ATOM   924  C  CB    . ARG A 1 117 ? 2.121   10.175  8.273   1.00 10.74 ? 117 ARG A CB    1 
ATOM   925  C  CG    . ARG A 1 117 ? 3.079   8.998   8.161   1.00 12.98 ? 117 ARG A CG    1 
ATOM   926  C  CD    . ARG A 1 117 ? 4.396   9.359   8.823   1.00 16.22 ? 117 ARG A CD    1 
ATOM   927  N  NE    . ARG A 1 117 ? 5.114   10.335  8.019   1.00 18.03 ? 117 ARG A NE    1 
ATOM   928  C  CZ    . ARG A 1 117 ? 6.336   10.134  7.544   1.00 22.88 ? 117 ARG A CZ    1 
ATOM   929  N  NH1   . ARG A 1 117 ? 6.985   9.011   7.837   1.00 24.98 ? 117 ARG A NH1   1 
ATOM   930  N  NH2   . ARG A 1 117 ? 6.918   11.059  6.787   1.00 25.58 ? 117 ARG A NH2   1 
ATOM   931  N  N     . CYS A 1 118 ? -1.600  10.702  8.385   1.00 10.61 ? 118 CYS A N     1 
ATOM   932  C  CA    . CYS A 1 118 ? -2.576  11.778  8.354   1.00 11.81 ? 118 CYS A CA    1 
ATOM   933  C  C     . CYS A 1 118 ? -2.886  12.369  9.738   1.00 12.95 ? 118 CYS A C     1 
ATOM   934  O  O     . CYS A 1 118 ? -3.627  13.343  9.841   1.00 14.01 ? 118 CYS A O     1 
ATOM   935  C  CB    . CYS A 1 118 ? -3.836  11.344  7.596   1.00 11.69 ? 118 CYS A CB    1 
ATOM   936  S  SG    . CYS A 1 118 ? -4.900  10.232  8.513   1.00 13.75 ? 118 CYS A SG    1 
ATOM   937  N  N     . ASP A 1 119 ? -2.276  11.818  10.786  1.00 13.10 ? 119 ASP A N     1 
ATOM   938  C  CA    . ASP A 1 119 ? -2.478  12.298  12.161  1.00 13.38 ? 119 ASP A CA    1 
ATOM   939  C  C     . ASP A 1 119 ? -1.585  13.487  12.484  1.00 13.83 ? 119 ASP A C     1 
ATOM   940  O  O     . ASP A 1 119 ? -1.790  14.169  13.503  1.00 14.51 ? 119 ASP A O     1 
ATOM   941  C  CB    . ASP A 1 119 ? -2.186  11.186  13.172  1.00 13.66 ? 119 ASP A CB    1 
ATOM   942  C  CG    . ASP A 1 119 ? -0.786  10.593  13.004  1.00 13.35 ? 119 ASP A CG    1 
ATOM   943  O  OD1   . ASP A 1 119 ? -0.591  9.815   12.038  1.00 12.89 ? 119 ASP A OD1   1 
ATOM   944  O  OD2   . ASP A 1 119 ? 0.125   10.914  13.816  1.00 13.73 ? 119 ASP A OD2   1 
ATOM   945  N  N     . LEU A 1 120 ? -0.575  13.715  11.645  1.00 13.49 ? 120 LEU A N     1 
ATOM   946  C  CA    . LEU A 1 120 ? 0.384   14.809  11.850  1.00 13.76 ? 120 LEU A CA    1 
ATOM   947  C  C     . LEU A 1 120 ? -0.123  16.096  11.228  1.00 14.11 ? 120 LEU A C     1 
ATOM   948  O  O     . LEU A 1 120 ? -0.775  16.077  10.171  1.00 14.36 ? 120 LEU A O     1 
ATOM   949  C  CB    . LEU A 1 120 ? 1.747   14.434  11.265  1.00 14.10 ? 120 LEU A CB    1 
ATOM   950  C  CG    . LEU A 1 120 ? 2.399   13.199  11.897  1.00 14.34 ? 120 LEU A CG    1 
ATOM   951  C  CD1   . LEU A 1 120 ? 3.698   12.882  11.202  1.00 16.07 ? 120 LEU A CD1   1 
ATOM   952  C  CD2   . LEU A 1 120 ? 2.615   13.339  13.424  1.00 15.39 ? 120 LEU A CD2   1 
ATOM   953  N  N     . ALA A 1 121 ? 0.191   17.217  11.877  1.00 13.98 ? 121 ALA A N     1 
ATOM   954  C  CA    . ALA A 1 121 ? -0.271  18.517  11.400  1.00 13.91 ? 121 ALA A CA    1 
ATOM   955  C  C     . ALA A 1 121 ? 0.568   19.000  10.232  1.00 13.52 ? 121 ALA A C     1 
ATOM   956  O  O     . ALA A 1 121 ? 1.613   18.439  9.934   1.00 12.94 ? 121 ALA A O     1 
ATOM   957  C  CB    . ALA A 1 121 ? -0.238  19.539  12.516  1.00 15.11 ? 121 ALA A CB    1 
ATOM   958  N  N     . ALA A 1 122 ? 0.086   20.053  9.586   1.00 13.30 ? 122 ALA A N     1 
ATOM   959  C  CA    . ALA A 1 122 ? 0.794   20.773  8.538   1.00 13.63 ? 122 ALA A CA    1 
ATOM   960  C  C     . ALA A 1 122 ? 1.234   19.878  7.379   1.00 14.04 ? 122 ALA A C     1 
ATOM   961  O  O     . ALA A 1 122 ? 2.397   19.860  6.986   1.00 14.76 ? 122 ALA A O     1 
ATOM   962  C  CB    . ALA A 1 122 ? 1.961   21.551  9.115   1.00 13.41 ? 122 ALA A CB    1 
ATOM   963  N  N     . ARG A 1 123 ? 0.278   19.163  6.818   1.00 13.54 ? 123 ARG A N     1 
ATOM   964  C  CA    . ARG A 1 123 ? 0.535   18.379  5.612   1.00 12.05 ? 123 ARG A CA    1 
ATOM   965  C  C     . ARG A 1 123 ? 1.144   19.221  4.508   1.00 11.39 ? 123 ARG A C     1 
ATOM   966  O  O     . ARG A 1 123 ? 0.811   20.407  4.352   1.00 11.80 ? 123 ARG A O     1 
ATOM   967  C  CB    . ARG A 1 123 ? -0.756  17.770  5.085   1.00 11.36 ? 123 ARG A CB    1 
ATOM   968  C  CG    . ARG A 1 123 ? -1.853  18.783  4.719   1.00 12.64 ? 123 ARG A CG    1 
ATOM   969  C  CD    . ARG A 1 123 ? -3.211  18.104  4.663   1.00 14.48 ? 123 ARG A CD    1 
ATOM   970  N  NE    . ARG A 1 123 ? -3.210  17.090  3.633   1.00 17.57 ? 123 ARG A NE    1 
ATOM   971  C  CZ    . ARG A 1 123 ? -3.977  16.014  3.628   1.00 13.77 ? 123 ARG A CZ    1 
ATOM   972  N  NH1   . ARG A 1 123 ? -4.847  15.775  4.617   1.00 14.05 ? 123 ARG A NH1   1 
ATOM   973  N  NH2   . ARG A 1 123 ? -3.860  15.181  2.625   1.00 13.98 ? 123 ARG A NH2   1 
ATOM   974  N  N     . THR A 1 124 ? 2.046   18.609  3.757   1.00 11.19 ? 124 THR A N     1 
ATOM   975  C  CA    . THR A 1 124 ? 2.646   19.250  2.581   1.00 10.01 ? 124 THR A CA    1 
ATOM   976  C  C     . THR A 1 124 ? 2.094   18.687  1.266   1.00 9.61  ? 124 THR A C     1 
ATOM   977  O  O     . THR A 1 124 ? 2.422   19.208  0.192   1.00 10.07 ? 124 THR A O     1 
ATOM   978  C  CB    . THR A 1 124 ? 4.148   19.099  2.608   1.00 10.72 ? 124 THR A CB    1 
ATOM   979  O  OG1   . THR A 1 124 ? 4.440   17.761  3.020   1.00 12.41 ? 124 THR A OG1   1 
ATOM   980  C  CG2   . THR A 1 124 ? 4.765   20.049  3.630   1.00 12.02 ? 124 THR A CG2   1 
ATOM   981  N  N     . VAL A 1 125 ? 1.258   17.644  1.359   1.00 8.39  ? 125 VAL A N     1 
ATOM   982  C  CA    . VAL A 1 125 ? 0.509   17.153  0.193   1.00 8.91  ? 125 VAL A CA    1 
ATOM   983  C  C     . VAL A 1 125 ? -0.984  17.309  0.482   1.00 9.02  ? 125 VAL A C     1 
ATOM   984  O  O     . VAL A 1 125 ? -1.494  16.736  1.441   1.00 8.54  ? 125 VAL A O     1 
ATOM   985  C  CB    . VAL A 1 125 ? 0.841   15.668  -0.174  1.00 8.73  ? 125 VAL A CB    1 
ATOM   986  C  CG1   . VAL A 1 125 ? 0.072   15.247  -1.432  1.00 9.58  ? 125 VAL A CG1   1 
ATOM   987  C  CG2   . VAL A 1 125 ? 2.371   15.444  -0.314  1.00 11.37 ? 125 VAL A CG2   1 
ATOM   988  N  N     . GLU A 1 126 ? -1.651  18.146  -0.306  1.00 10.37 ? 126 GLU A N     1 
ATOM   989  C  CA    . GLU A 1 126 ? -3.070  18.409  -0.121  1.00 11.19 ? 126 GLU A CA    1 
ATOM   990  C  C     . GLU A 1 126 ? -3.892  17.207  -0.579  1.00 11.74 ? 126 GLU A C     1 
ATOM   991  O  O     . GLU A 1 126 ? -3.500  16.488  -1.518  1.00 12.53 ? 126 GLU A O     1 
ATOM   992  C  CB    . GLU A 1 126 ? -3.502  19.663  -0.865  1.00 12.97 ? 126 GLU A CB    1 
ATOM   993  C  CG    . GLU A 1 126 ? -2.894  20.962  -0.297  1.00 15.11 ? 126 GLU A CG    1 
ATOM   994  C  CD    . GLU A 1 126 ? -3.270  21.230  1.177   1.00 20.42 ? 126 GLU A CD    1 
ATOM   995  O  OE1   . GLU A 1 126 ? -4.432  20.991  1.580   1.00 25.14 ? 126 GLU A OE1   1 
ATOM   996  O  OE2   . GLU A 1 126 ? -2.404  21.710  1.931   1.00 25.75 ? 126 GLU A OE2   1 
ATOM   997  N  N     . SER A 1 127 ? -4.996  16.961  0.114   1.00 11.84 ? 127 SER A N     1 
ATOM   998  C  CA    . SER A 1 127 ? -5.935  15.919  -0.312  1.00 12.20 ? 127 SER A CA    1 
ATOM   999  C  C     . SER A 1 127 ? -6.252  16.060  -1.813  1.00 12.78 ? 127 SER A C     1 
ATOM   1000 O  O     . SER A 1 127 ? -6.214  15.080  -2.552  1.00 13.81 ? 127 SER A O     1 
ATOM   1001 C  CB    . SER A 1 127 ? -7.216  15.996  0.518   1.00 12.54 ? 127 SER A CB    1 
ATOM   1002 O  OG    . SER A 1 127 ? -8.060  14.916  0.180   1.00 13.35 ? 127 SER A OG    1 
ATOM   1003 N  N     . ARG A 1 128 ? -6.541  17.291  -2.244  1.00 13.01 ? 128 ARG A N     1 
ATOM   1004 C  CA    . ARG A 1 128 ? -6.831  17.618  -3.651  1.00 14.61 ? 128 ARG A CA    1 
ATOM   1005 C  C     . ARG A 1 128 ? -5.742  17.086  -4.591  1.00 12.84 ? 128 ARG A C     1 
ATOM   1006 O  O     . ARG A 1 128 ? -6.055  16.513  -5.639  1.00 12.65 ? 128 ARG A O     1 
ATOM   1007 C  CB    . ARG A 1 128 ? -7.012  19.149  -3.825  1.00 14.62 ? 128 ARG A CB    1 
ATOM   1008 C  CG    . ARG A 1 128 ? -6.934  19.690  -5.268  1.00 18.55 ? 128 ARG A CG    1 
ATOM   1009 C  CD    . ARG A 1 128 ? -6.796  21.234  -5.301  1.00 20.51 ? 128 ARG A CD    1 
ATOM   1010 N  NE    . ARG A 1 128 ? -5.577  21.680  -4.609  1.00 29.78 ? 128 ARG A NE    1 
ATOM   1011 C  CZ    . ARG A 1 128 ? -4.369  21.801  -5.169  1.00 33.00 ? 128 ARG A CZ    1 
ATOM   1012 N  NH1   . ARG A 1 128 ? -4.182  21.525  -6.462  1.00 33.40 ? 128 ARG A NH1   1 
ATOM   1013 N  NH2   . ARG A 1 128 ? -3.337  22.202  -4.426  1.00 34.28 ? 128 ARG A NH2   1 
ATOM   1014 N  N     . GLN A 1 129 ? -4.470  17.278  -4.216  1.00 12.19 ? 129 GLN A N     1 
ATOM   1015 C  CA    . GLN A 1 129 ? -3.343  16.835  -5.047  1.00 11.39 ? 129 GLN A CA    1 
ATOM   1016 C  C     . GLN A 1 129 ? -3.358  15.334  -5.236  1.00 10.99 ? 129 GLN A C     1 
ATOM   1017 O  O     . GLN A 1 129 ? -3.237  14.840  -6.350  1.00 10.42 ? 129 GLN A O     1 
ATOM   1018 C  CB    . GLN A 1 129 ? -2.010  17.258  -4.425  1.00 11.77 ? 129 GLN A CB    1 
ATOM   1019 C  CG    . GLN A 1 129 ? -1.690  18.731  -4.595  1.00 12.05 ? 129 GLN A CG    1 
ATOM   1020 C  CD    . GLN A 1 129 ? -0.434  19.139  -3.832  1.00 11.90 ? 129 GLN A CD    1 
ATOM   1021 O  OE1   . GLN A 1 129 ? -0.414  19.143  -2.595  1.00 12.16 ? 129 GLN A OE1   1 
ATOM   1022 N  NE2   . GLN A 1 129 ? 0.599   19.530  -4.568  1.00 11.05 ? 129 GLN A NE2   1 
ATOM   1023 N  N     . ALA A 1 130 ? -3.528  14.617  -4.133  1.00 10.85 ? 130 ALA A N     1 
ATOM   1024 C  CA    . ALA A 1 130 ? -3.578  13.148  -4.181  1.00 11.11 ? 130 ALA A CA    1 
ATOM   1025 C  C     . ALA A 1 130 ? -4.822  12.639  -4.901  1.00 10.98 ? 130 ALA A C     1 
ATOM   1026 O  O     . ALA A 1 130 ? -4.769  11.675  -5.654  1.00 11.92 ? 130 ALA A O     1 
ATOM   1027 C  CB    . ALA A 1 130 ? -3.489  12.575  -2.789  1.00 11.38 ? 130 ALA A CB    1 
ATOM   1028 N  N     . GLN A 1 131 ? -5.957  13.287  -4.665  1.00 11.18 ? 131 GLN A N     1 
ATOM   1029 C  CA    . GLN A 1 131 ? -7.160  12.904  -5.397  1.00 11.07 ? 131 GLN A CA    1 
ATOM   1030 C  C     . GLN A 1 131 ? -6.939  13.056  -6.905  1.00 11.05 ? 131 GLN A C     1 
ATOM   1031 O  O     . GLN A 1 131 ? -7.373  12.197  -7.679  1.00 11.15 ? 131 GLN A O     1 
ATOM   1032 C  CB    . GLN A 1 131 ? -8.365  13.757  -5.001  1.00 10.75 ? 131 GLN A CB    1 
ATOM   1033 C  CG    . GLN A 1 131 ? -8.897  13.552  -3.594  1.00 10.74 ? 131 GLN A CG    1 
ATOM   1034 C  CD    . GLN A 1 131 ? -9.991  14.546  -3.288  1.00 11.40 ? 131 GLN A CD    1 
ATOM   1035 O  OE1   . GLN A 1 131 ? -10.859 14.772  -4.109  1.00 13.90 ? 131 GLN A OE1   1 
ATOM   1036 N  NE2   . GLN A 1 131 ? -9.966  15.120  -2.096  1.00 13.48 ? 131 GLN A NE2   1 
ATOM   1037 N  N     . ASP A 1 132 ? -6.271  14.142  -7.307  1.00 11.34 ? 132 ASP A N     1 
ATOM   1038 C  CA    . ASP A 1 132 ? -5.977  14.397  -8.717  1.00 12.32 ? 132 ASP A CA    1 
ATOM   1039 C  C     . ASP A 1 132 ? -5.090  13.313  -9.297  1.00 11.86 ? 132 ASP A C     1 
ATOM   1040 O  O     . ASP A 1 132 ? -5.312  12.834  -10.413 1.00 12.52 ? 132 ASP A O     1 
ATOM   1041 C  CB    . ASP A 1 132 ? -5.319  15.760  -8.882  1.00 12.75 ? 132 ASP A CB    1 
ATOM   1042 C  CG    . ASP A 1 132 ? -6.305  16.921  -8.735  1.00 17.03 ? 132 ASP A CG    1 
ATOM   1043 O  OD1   . ASP A 1 132 ? -7.522  16.682  -8.561  1.00 18.06 ? 132 ASP A OD1   1 
ATOM   1044 O  OD2   . ASP A 1 132 ? -5.849  18.089  -8.797  1.00 20.05 ? 132 ASP A OD2   1 
ATOM   1045 N  N     . LEU A 1 133 ? -4.084  12.917  -8.528  1.00 10.95 ? 133 LEU A N     1 
ATOM   1046 C  CA    . LEU A 1 133 ? -3.182  11.866  -9.002  1.00 10.69 ? 133 LEU A CA    1 
ATOM   1047 C  C     . LEU A 1 133 ? -3.931  10.543  -9.185  1.00 11.10 ? 133 LEU A C     1 
ATOM   1048 O  O     . LEU A 1 133 ? -3.829  9.888   -10.227 1.00 10.48 ? 133 LEU A O     1 
ATOM   1049 C  CB    . LEU A 1 133 ? -2.006  11.689  -8.055  1.00 10.42 ? 133 LEU A CB    1 
ATOM   1050 C  CG    . LEU A 1 133 ? -0.956  10.719  -8.590  1.00 11.09 ? 133 LEU A CG    1 
ATOM   1051 C  CD1   . LEU A 1 133 ? -0.355  11.237  -9.869  1.00 9.79  ? 133 LEU A CD1   1 
ATOM   1052 C  CD2   . LEU A 1 133 ? 0.106   10.536  -7.534  1.00 12.73 ? 133 LEU A CD2   1 
ATOM   1053 N  N     . ALA A 1 134 ? -4.724  10.170  -8.189  1.00 10.32 ? 134 ALA A N     1 
ATOM   1054 C  CA    . ALA A 1 134 ? -5.460  8.907   -8.260  1.00 10.93 ? 134 ALA A CA    1 
ATOM   1055 C  C     . ALA A 1 134 ? -6.458  8.897   -9.420  1.00 11.36 ? 134 ALA A C     1 
ATOM   1056 O  O     . ALA A 1 134 ? -6.591  7.897   -10.145 1.00 11.12 ? 134 ALA A O     1 
ATOM   1057 C  CB    . ALA A 1 134 ? -6.152  8.618   -6.927  1.00 11.02 ? 134 ALA A CB    1 
ATOM   1058 N  N     . ARG A 1 135 ? -7.142  10.022  -9.621  1.00 12.15 ? 135 ARG A N     1 
ATOM   1059 C  CA    . ARG A 1 135 ? -8.048  10.191  -10.750 1.00 13.15 ? 135 ARG A CA    1 
ATOM   1060 C  C     . ARG A 1 135 ? -7.328  9.967   -12.075 1.00 13.11 ? 135 ARG A C     1 
ATOM   1061 O  O     . ARG A 1 135 ? -7.848  9.275   -12.959 1.00 13.12 ? 135 ARG A O     1 
ATOM   1062 C  CB    . ARG A 1 135 ? -8.703  11.567  -10.723 1.00 13.78 ? 135 ARG A CB    1 
ATOM   1063 C  CG    . ARG A 1 135 ? -9.502  11.912  -11.992 1.00 16.30 ? 135 ARG A CG    1 
ATOM   1064 C  CD    . ARG A 1 135 ? -10.327 13.180  -11.774 1.00 22.94 ? 135 ARG A CD    1 
ATOM   1065 N  NE    . ARG A 1 135 ? -10.902 13.668  -13.026 1.00 32.65 ? 135 ARG A NE    1 
ATOM   1066 C  CZ    . ARG A 1 135 ? -11.382 14.900  -13.220 1.00 37.68 ? 135 ARG A CZ    1 
ATOM   1067 N  NH1   . ARG A 1 135 ? -11.372 15.802  -12.231 1.00 40.45 ? 135 ARG A NH1   1 
ATOM   1068 N  NH2   . ARG A 1 135 ? -11.879 15.237  -14.408 1.00 38.93 ? 135 ARG A NH2   1 
ATOM   1069 N  N     . SER A 1 136 ? -6.114  10.504  -12.204 1.00 11.93 ? 136 SER A N     1 
ATOM   1070 C  CA    . SER A 1 136 ? -5.335  10.320  -13.441 1.00 12.61 ? 136 SER A CA    1 
ATOM   1071 C  C     . SER A 1 136 ? -4.981  8.855   -13.713 1.00 12.75 ? 136 SER A C     1 
ATOM   1072 O  O     . SER A 1 136 ? -4.784  8.467   -14.868 1.00 12.99 ? 136 SER A O     1 
ATOM   1073 C  CB    . SER A 1 136 ? -4.083  11.210  -13.429 1.00 12.36 ? 136 SER A CB    1 
ATOM   1074 O  OG    . SER A 1 136 ? -3.017  10.627  -12.705 1.00 14.36 ? 136 SER A OG    1 
ATOM   1075 N  N     . TYR A 1 137 ? -4.896  8.061   -12.645 1.00 12.36 ? 137 TYR A N     1 
ATOM   1076 C  CA    . TYR A 1 137 ? -4.624  6.622   -12.728 1.00 12.62 ? 137 TYR A CA    1 
ATOM   1077 C  C     . TYR A 1 137 ? -5.871  5.742   -12.778 1.00 12.55 ? 137 TYR A C     1 
ATOM   1078 O  O     . TYR A 1 137 ? -5.767  4.532   -12.978 1.00 13.45 ? 137 TYR A O     1 
ATOM   1079 C  CB    . TYR A 1 137 ? -3.819  6.178   -11.511 1.00 12.60 ? 137 TYR A CB    1 
ATOM   1080 C  CG    . TYR A 1 137 ? -2.434  6.795   -11.365 1.00 12.25 ? 137 TYR A CG    1 
ATOM   1081 C  CD1   . TYR A 1 137 ? -1.806  7.464   -12.423 1.00 11.36 ? 137 TYR A CD1   1 
ATOM   1082 C  CD2   . TYR A 1 137 ? -1.762  6.702   -10.151 1.00 13.48 ? 137 TYR A CD2   1 
ATOM   1083 C  CE1   . TYR A 1 137 ? -0.514  8.013   -12.263 1.00 10.74 ? 137 TYR A CE1   1 
ATOM   1084 C  CE2   . TYR A 1 137 ? -0.508  7.241   -9.980  1.00 14.13 ? 137 TYR A CE2   1 
ATOM   1085 C  CZ    . TYR A 1 137 ? 0.116   7.899   -11.033 1.00 13.27 ? 137 TYR A CZ    1 
ATOM   1086 O  OH    . TYR A 1 137 ? 1.384   8.406   -10.830 1.00 13.33 ? 137 TYR A OH    1 
ATOM   1087 N  N     . GLY A 1 138 ? -7.042  6.344   -12.539 1.00 10.87 ? 138 GLY A N     1 
ATOM   1088 C  CA    . GLY A 1 138 ? -8.287  5.599   -12.434 1.00 11.05 ? 138 GLY A CA    1 
ATOM   1089 C  C     . GLY A 1 138 ? -8.409  4.726   -11.204 1.00 10.78 ? 138 GLY A C     1 
ATOM   1090 O  O     . GLY A 1 138 ? -8.992  3.640   -11.278 1.00 11.49 ? 138 GLY A O     1 
ATOM   1091 N  N     . ILE A 1 139 ? -7.838  5.188   -10.084 1.00 10.08 ? 139 ILE A N     1 
ATOM   1092 C  CA    . ILE A 1 139 ? -7.817  4.407   -8.824  1.00 9.35  ? 139 ILE A CA    1 
ATOM   1093 C  C     . ILE A 1 139 ? -8.342  5.246   -7.649  1.00 9.76  ? 139 ILE A C     1 
ATOM   1094 O  O     . ILE A 1 139 ? -8.383  6.468   -7.750  1.00 9.41  ? 139 ILE A O     1 
ATOM   1095 C  CB    . ILE A 1 139 ? -6.387  3.840   -8.519  1.00 10.35 ? 139 ILE A CB    1 
ATOM   1096 C  CG1   . ILE A 1 139 ? -5.412  4.953   -8.104  1.00 7.68  ? 139 ILE A CG1   1 
ATOM   1097 C  CG2   . ILE A 1 139 ? -5.884  3.017   -9.732  1.00 10.81 ? 139 ILE A CG2   1 
ATOM   1098 C  CD1   . ILE A 1 139 ? -3.973  4.460   -7.816  1.00 9.19  ? 139 ILE A CD1   1 
ATOM   1099 N  N     . PRO A 1 140 ? -8.750  4.600   -6.543  1.00 9.94  ? 140 PRO A N     1 
ATOM   1100 C  CA    . PRO A 1 140 ? -9.100  5.374   -5.335  1.00 9.82  ? 140 PRO A CA    1 
ATOM   1101 C  C     . PRO A 1 140 ? -7.917  5.979   -4.584  1.00 9.95  ? 140 PRO A C     1 
ATOM   1102 O  O     . PRO A 1 140 ? -6.800  5.436   -4.612  1.00 10.31 ? 140 PRO A O     1 
ATOM   1103 C  CB    . PRO A 1 140 ? -9.775  4.347   -4.421  1.00 10.75 ? 140 PRO A CB    1 
ATOM   1104 C  CG    . PRO A 1 140 ? -9.962  3.095   -5.255  1.00 10.42 ? 140 PRO A CG    1 
ATOM   1105 C  CD    . PRO A 1 140 ? -8.975  3.153   -6.367  1.00 9.84  ? 140 PRO A CD    1 
ATOM   1106 N  N     . TYR A 1 141 ? -8.176  7.082   -3.890  1.00 8.77  ? 141 TYR A N     1 
ATOM   1107 C  CA    . TYR A 1 141 ? -7.245  7.662   -2.925  1.00 9.49  ? 141 TYR A CA    1 
ATOM   1108 C  C     . TYR A 1 141 ? -7.818  7.518   -1.527  1.00 9.59  ? 141 TYR A C     1 
ATOM   1109 O  O     . TYR A 1 141 ? -8.966  7.896   -1.284  1.00 10.07 ? 141 TYR A O     1 
ATOM   1110 C  CB    . TYR A 1 141 ? -6.985  9.147   -3.207  1.00 9.34  ? 141 TYR A CB    1 
ATOM   1111 C  CG    . TYR A 1 141 ? -6.176  9.809   -2.103  1.00 10.17 ? 141 TYR A CG    1 
ATOM   1112 C  CD1   . TYR A 1 141 ? -4.892  9.333   -1.779  1.00 8.92  ? 141 TYR A CD1   1 
ATOM   1113 C  CD2   . TYR A 1 141 ? -6.682  10.908  -1.388  1.00 10.63 ? 141 TYR A CD2   1 
ATOM   1114 C  CE1   . TYR A 1 141 ? -4.145  9.918   -0.754  1.00 11.37 ? 141 TYR A CE1   1 
ATOM   1115 C  CE2   . TYR A 1 141 ? -5.948  11.514  -0.371  1.00 12.89 ? 141 TYR A CE2   1 
ATOM   1116 C  CZ    . TYR A 1 141 ? -4.665  11.020  -0.063  1.00 13.09 ? 141 TYR A CZ    1 
ATOM   1117 O  OH    . TYR A 1 141 ? -3.864  11.579  0.938   1.00 13.74 ? 141 TYR A OH    1 
ATOM   1118 N  N     . ILE A 1 142 ? -7.033  6.958   -0.618  1.00 8.32  ? 142 ILE A N     1 
ATOM   1119 C  CA    . ILE A 1 142 ? -7.423  6.788   0.783   1.00 9.32  ? 142 ILE A CA    1 
ATOM   1120 C  C     . ILE A 1 142 ? -6.326  7.300   1.714   1.00 8.94  ? 142 ILE A C     1 
ATOM   1121 O  O     . ILE A 1 142 ? -5.156  6.929   1.554   1.00 8.81  ? 142 ILE A O     1 
ATOM   1122 C  CB    . ILE A 1 142 ? -7.768  5.305   1.099   1.00 8.21  ? 142 ILE A CB    1 
ATOM   1123 C  CG1   . ILE A 1 142 ? -8.936  4.834   0.191   1.00 8.68  ? 142 ILE A CG1   1 
ATOM   1124 C  CG2   . ILE A 1 142 ? -8.217  5.158   2.563   1.00 9.44  ? 142 ILE A CG2   1 
ATOM   1125 C  CD1   . ILE A 1 142 ? -9.253  3.371   0.257   1.00 10.19 ? 142 ILE A CD1   1 
ATOM   1126 N  N     . GLU A 1 143 ? -6.687  8.164   2.655   1.00 9.00  ? 143 GLU A N     1 
ATOM   1127 C  CA    . GLU A 1 143 ? -5.745  8.644   3.656   1.00 9.43  ? 143 GLU A CA    1 
ATOM   1128 C  C     . GLU A 1 143 ? -5.763  7.776   4.905   1.00 9.49  ? 143 GLU A C     1 
ATOM   1129 O  O     . GLU A 1 143 ? -6.812  7.278   5.327   1.00 10.83 ? 143 GLU A O     1 
ATOM   1130 C  CB    . GLU A 1 143 ? -6.104  10.058  4.063   1.00 9.53  ? 143 GLU A CB    1 
ATOM   1131 C  CG    . GLU A 1 143 ? -5.765  11.019  3.008   1.00 12.74 ? 143 GLU A CG    1 
ATOM   1132 C  CD    . GLU A 1 143 ? -5.399  12.416  3.492   1.00 10.58 ? 143 GLU A CD    1 
ATOM   1133 O  OE1   . GLU A 1 143 ? -5.665  12.837  4.661   1.00 14.07 ? 143 GLU A OE1   1 
ATOM   1134 O  OE2   . GLU A 1 143 ? -4.870  13.088  2.617   1.00 16.65 ? 143 GLU A OE2   1 
ATOM   1135 N  N     . THR A 1 144 ? -4.589  7.589   5.488   1.00 10.30 ? 144 THR A N     1 
ATOM   1136 C  CA    . THR A 1 144 ? -4.446  6.685   6.617   1.00 9.84  ? 144 THR A CA    1 
ATOM   1137 C  C     . THR A 1 144 ? -3.545  7.254   7.698   1.00 9.72  ? 144 THR A C     1 
ATOM   1138 O  O     . THR A 1 144 ? -2.713  8.134   7.464   1.00 9.57  ? 144 THR A O     1 
ATOM   1139 C  CB    . THR A 1 144 ? -3.833  5.347   6.180   1.00 10.13 ? 144 THR A CB    1 
ATOM   1140 O  OG1   . THR A 1 144 ? -2.538  5.599   5.635   1.00 11.25 ? 144 THR A OG1   1 
ATOM   1141 C  CG2   . THR A 1 144 ? -4.724  4.655   5.112   1.00 8.95  ? 144 THR A CG2   1 
ATOM   1142 N  N     . SER A 1 145 ? -3.719  6.702   8.889   1.00 10.65 ? 145 SER A N     1 
ATOM   1143 C  CA    . SER A 1 145 ? -2.756  6.866   9.950   1.00 11.73 ? 145 SER A CA    1 
ATOM   1144 C  C     . SER A 1 145 ? -2.493  5.493   10.557  1.00 11.65 ? 145 SER A C     1 
ATOM   1145 O  O     . SER A 1 145 ? -3.381  4.884   11.164  1.00 11.60 ? 145 SER A O     1 
ATOM   1146 C  CB    . SER A 1 145 ? -3.274  7.825   11.009  1.00 11.71 ? 145 SER A CB    1 
ATOM   1147 O  OG    . SER A 1 145 ? -2.397  7.847   12.117  1.00 12.20 ? 145 SER A OG    1 
ATOM   1148 N  N     . ALA A 1 146 ? -1.271  4.994   10.393  1.00 12.72 ? 146 ALA A N     1 
ATOM   1149 C  CA    . ALA A 1 146 ? -0.862  3.774   11.086  1.00 14.23 ? 146 ALA A CA    1 
ATOM   1150 C  C     . ALA A 1 146 ? -0.816  3.982   12.605  1.00 14.83 ? 146 ALA A C     1 
ATOM   1151 O  O     . ALA A 1 146 ? -0.881  3.022   13.360  1.00 16.47 ? 146 ALA A O     1 
ATOM   1152 C  CB    . ALA A 1 146 ? 0.473   3.327   10.580  1.00 12.89 ? 146 ALA A CB    1 
ATOM   1153 N  N     . LYS A 1 147 ? -0.703  5.233   13.043  1.00 15.27 ? 147 LYS A N     1 
ATOM   1154 C  CA    . LYS A 1 147 ? -0.684  5.555   14.480  1.00 16.33 ? 147 LYS A CA    1 
ATOM   1155 C  C     . LYS A 1 147 ? -2.059  5.418   15.121  1.00 16.07 ? 147 LYS A C     1 
ATOM   1156 O  O     . LYS A 1 147 ? -2.212  4.733   16.132  1.00 16.81 ? 147 LYS A O     1 
ATOM   1157 C  CB    . LYS A 1 147 ? -0.113  6.967   14.720  1.00 16.78 ? 147 LYS A CB    1 
ATOM   1158 C  CG    . LYS A 1 147 ? 0.217   7.271   16.190  1.00 18.63 ? 147 LYS A CG    1 
ATOM   1159 C  CD    . LYS A 1 147 ? 0.470   8.752   16.388  1.00 21.98 ? 147 LYS A CD    1 
ATOM   1160 C  CE    . LYS A 1 147 ? 0.448   9.143   17.857  1.00 23.83 ? 147 LYS A CE    1 
ATOM   1161 N  NZ    . LYS A 1 147 ? 1.803   8.949   18.413  1.00 28.13 ? 147 LYS A NZ    1 
ATOM   1162 N  N     . THR A 1 148 ? -3.059  6.083   14.550  1.00 15.08 ? 148 THR A N     1 
ATOM   1163 C  CA    . THR A 1 148 ? -4.396  6.076   15.111  1.00 14.81 ? 148 THR A CA    1 
ATOM   1164 C  C     . THR A 1 148 ? -5.303  4.969   14.547  1.00 14.48 ? 148 THR A C     1 
ATOM   1165 O  O     . THR A 1 148 ? -6.401  4.715   15.082  1.00 15.23 ? 148 THR A O     1 
ATOM   1166 C  CB    . THR A 1 148 ? -5.111  7.387   14.842  1.00 14.62 ? 148 THR A CB    1 
ATOM   1167 O  OG1   . THR A 1 148 ? -5.422  7.467   13.439  1.00 13.32 ? 148 THR A OG1   1 
ATOM   1168 C  CG2   . THR A 1 148 ? -4.263  8.606   15.293  1.00 15.31 ? 148 THR A CG2   1 
ATOM   1169 N  N     . ARG A 1 149 ? -4.848  4.350   13.458  1.00 13.55 ? 149 ARG A N     1 
ATOM   1170 C  CA    . ARG A 1 149 ? -5.590  3.318   12.715  0.50 12.36 ? 149 ARG A CA    1 
ATOM   1171 C  C     . ARG A 1 149 ? -6.598  3.899   11.719  1.00 12.63 ? 149 ARG A C     1 
ATOM   1172 O  O     . ARG A 1 149 ? -7.218  3.144   10.938  1.00 12.57 ? 149 ARG A O     1 
ATOM   1173 C  CB    . ARG A 1 149 ? -6.250  2.281   13.642  0.50 11.94 ? 149 ARG A CB    1 
ATOM   1174 C  CG    . ARG A 1 149 ? -6.506  0.948   12.965  0.50 12.84 ? 149 ARG A CG    1 
ATOM   1175 C  CD    . ARG A 1 149 ? -6.764  -0.158  13.979  0.50 15.28 ? 149 ARG A CD    1 
ATOM   1176 N  NE    . ARG A 1 149 ? -6.532  -1.471  13.377  0.50 17.86 ? 149 ARG A NE    1 
ATOM   1177 C  CZ    . ARG A 1 149 ? -7.480  -2.192  12.809  0.50 17.97 ? 149 ARG A CZ    1 
ATOM   1178 N  NH1   . ARG A 1 149 ? -8.712  -1.728  12.790  0.50 20.68 ? 149 ARG A NH1   1 
ATOM   1179 N  NH2   . ARG A 1 149 ? -7.206  -3.370  12.270  0.50 18.61 ? 149 ARG A NH2   1 
ATOM   1180 N  N     . GLN A 1 150 ? -6.755  5.227   11.696  1.00 13.22 ? 150 GLN A N     1 
ATOM   1181 C  CA    . GLN A 1 150 ? -7.676  5.845   10.739  1.00 13.09 ? 150 GLN A CA    1 
ATOM   1182 C  C     . GLN A 1 150 ? -7.372  5.353   9.324   1.00 11.96 ? 150 GLN A C     1 
ATOM   1183 O  O     . GLN A 1 150 ? -6.230  5.394   8.883   1.00 11.63 ? 150 GLN A O     1 
ATOM   1184 C  CB    . GLN A 1 150 ? -7.584  7.365   10.774  1.00 12.92 ? 150 GLN A CB    1 
ATOM   1185 C  CG    . GLN A 1 150 ? -8.559  8.043   9.832   1.00 17.21 ? 150 GLN A CG    1 
ATOM   1186 C  CD    . GLN A 1 150 ? -8.634  9.539   10.052  1.00 21.25 ? 150 GLN A CD    1 
ATOM   1187 O  OE1   . GLN A 1 150 ? -7.687  10.163  10.549  1.00 22.47 ? 150 GLN A OE1   1 
ATOM   1188 N  NE2   . GLN A 1 150 ? -9.774  10.128  9.692   1.00 22.33 ? 150 GLN A NE2   1 
ATOM   1189 N  N     . GLY A 1 151 ? -8.396  4.861   8.629   1.00 11.17 ? 151 GLY A N     1 
ATOM   1190 C  CA    . GLY A 1 151 ? -8.258  4.490   7.216   1.00 10.45 ? 151 GLY A CA    1 
ATOM   1191 C  C     . GLY A 1 151 ? -7.529  3.196   6.891   1.00 10.62 ? 151 GLY A C     1 
ATOM   1192 O  O     . GLY A 1 151 ? -7.516  2.782   5.735   1.00 9.80  ? 151 GLY A O     1 
ATOM   1193 N  N     . VAL A 1 152 ? -6.953  2.545   7.896   1.00 10.87 ? 152 VAL A N     1 
ATOM   1194 C  CA    . VAL A 1 152 ? -6.092  1.411   7.614   1.00 10.47 ? 152 VAL A CA    1 
ATOM   1195 C  C     . VAL A 1 152 ? -6.877  0.236   7.031   1.00 10.61 ? 152 VAL A C     1 
ATOM   1196 O  O     . VAL A 1 152 ? -6.539  -0.301  5.973   1.00 10.99 ? 152 VAL A O     1 
ATOM   1197 C  CB    . VAL A 1 152 ? -5.308  0.983   8.863   1.00 10.11 ? 152 VAL A CB    1 
ATOM   1198 C  CG1   . VAL A 1 152 ? -4.502  -0.312  8.582   1.00 10.86 ? 152 VAL A CG1   1 
ATOM   1199 C  CG2   . VAL A 1 152 ? -4.352  2.113   9.291   1.00 9.92  ? 152 VAL A CG2   1 
ATOM   1200 N  N     . GLU A 1 153 ? -7.931  -0.170  7.728   1.00 11.76 ? 153 GLU A N     1 
ATOM   1201 C  CA    . GLU A 1 153 ? -8.828  -1.199  7.180   1.00 13.12 ? 153 GLU A CA    1 
ATOM   1202 C  C     . GLU A 1 153 ? -9.415  -0.768  5.837   1.00 12.25 ? 153 GLU A C     1 
ATOM   1203 O  O     . GLU A 1 153 ? -9.485  -1.566  4.908   1.00 12.26 ? 153 GLU A O     1 
ATOM   1204 C  CB    . GLU A 1 153 ? -9.938  -1.543  8.171   1.00 13.12 ? 153 GLU A CB    1 
ATOM   1205 C  CG    . GLU A 1 153 ? -9.418  -2.298  9.402   1.00 15.01 ? 153 GLU A CG    1 
ATOM   1206 C  CD    . GLU A 1 153 ? -10.526 -2.796  10.326  1.00 17.28 ? 153 GLU A CD    1 
ATOM   1207 O  OE1   . GLU A 1 153 ? -11.713 -2.635  9.978   1.00 22.00 ? 153 GLU A OE1   1 
ATOM   1208 O  OE2   . GLU A 1 153 ? -10.200 -3.367  11.382  1.00 21.59 ? 153 GLU A OE2   1 
ATOM   1209 N  N     . ASP A 1 154 ? -9.823  0.498   5.734   1.00 11.48 ? 154 ASP A N     1 
ATOM   1210 C  CA    . ASP A 1 154 ? -10.351 1.036   4.484   0.50 10.72 ? 154 ASP A CA    1 
ATOM   1211 C  C     . ASP A 1 154 ? -9.395  0.790   3.322   1.00 10.53 ? 154 ASP A C     1 
ATOM   1212 O  O     . ASP A 1 154 ? -9.809  0.381   2.248   1.00 11.47 ? 154 ASP A O     1 
ATOM   1213 C  CB    . ASP A 1 154 ? -10.592 2.534   4.605   0.50 10.52 ? 154 ASP A CB    1 
ATOM   1214 C  CG    . ASP A 1 154 ? -12.021 2.872   4.891   0.50 13.20 ? 154 ASP A CG    1 
ATOM   1215 O  OD1   . ASP A 1 154 ? -12.704 2.068   5.570   0.50 14.10 ? 154 ASP A OD1   1 
ATOM   1216 O  OD2   . ASP A 1 154 ? -12.448 3.965   4.437   0.50 13.61 ? 154 ASP A OD2   1 
ATOM   1217 N  N     . ALA A 1 155 ? -8.107  1.073   3.539   1.00 9.93  ? 155 ALA A N     1 
ATOM   1218 C  CA    . ALA A 1 155 ? -7.124  1.018   2.471   1.00 10.27 ? 155 ALA A CA    1 
ATOM   1219 C  C     . ALA A 1 155 ? -6.941  -0.433  2.014   1.00 9.97  ? 155 ALA A C     1 
ATOM   1220 O  O     . ALA A 1 155 ? -7.024  -0.731  0.834   1.00 9.15  ? 155 ALA A O     1 
ATOM   1221 C  CB    . ALA A 1 155 ? -5.804  1.606   2.955   1.00 9.90  ? 155 ALA A CB    1 
ATOM   1222 N  N     . PHE A 1 156 ? -6.733  -1.341  2.958   1.00 10.89 ? 156 PHE A N     1 
ATOM   1223 C  CA    . PHE A 1 156 ? -6.493  -2.741  2.589   1.00 11.09 ? 156 PHE A CA    1 
ATOM   1224 C  C     . PHE A 1 156 ? -7.743  -3.400  2.013   1.00 11.09 ? 156 PHE A C     1 
ATOM   1225 O  O     . PHE A 1 156 ? -7.651  -4.132  1.022   1.00 11.23 ? 156 PHE A O     1 
ATOM   1226 C  CB    . PHE A 1 156 ? -5.952  -3.546  3.775   1.00 10.94 ? 156 PHE A CB    1 
ATOM   1227 C  CG    . PHE A 1 156 ? -4.497  -3.279  4.076   1.00 10.81 ? 156 PHE A CG    1 
ATOM   1228 C  CD1   . PHE A 1 156 ? -4.129  -2.280  4.968   1.00 10.45 ? 156 PHE A CD1   1 
ATOM   1229 C  CD2   . PHE A 1 156 ? -3.485  -4.041  3.463   1.00 11.43 ? 156 PHE A CD2   1 
ATOM   1230 C  CE1   . PHE A 1 156 ? -2.777  -2.030  5.271   1.00 12.20 ? 156 PHE A CE1   1 
ATOM   1231 C  CE2   . PHE A 1 156 ? -2.115  -3.805  3.749   1.00 13.65 ? 156 PHE A CE2   1 
ATOM   1232 C  CZ    . PHE A 1 156 ? -1.768  -2.805  4.671   1.00 12.77 ? 156 PHE A CZ    1 
ATOM   1233 N  N     . TYR A 1 157 ? -8.899  -3.161  2.639   1.00 11.64 ? 157 TYR A N     1 
ATOM   1234 C  CA    . TYR A 1 157 ? -10.153 -3.790  2.175   1.00 11.56 ? 157 TYR A CA    1 
ATOM   1235 C  C     . TYR A 1 157 ? -10.638 -3.224  0.840   1.00 10.89 ? 157 TYR A C     1 
ATOM   1236 O  O     . TYR A 1 157 ? -11.158 -3.969  0.002   1.00 11.53 ? 157 TYR A O     1 
ATOM   1237 C  CB    . TYR A 1 157 ? -11.262 -3.776  3.241   1.00 13.52 ? 157 TYR A CB    1 
ATOM   1238 C  CG    . TYR A 1 157 ? -10.840 -4.396  4.563   1.00 15.03 ? 157 TYR A CG    1 
ATOM   1239 C  CD1   . TYR A 1 157 ? -9.674  -5.151  4.650   1.00 17.36 ? 157 TYR A CD1   1 
ATOM   1240 C  CD2   . TYR A 1 157 ? -11.609 -4.229  5.718   1.00 19.41 ? 157 TYR A CD2   1 
ATOM   1241 C  CE1   . TYR A 1 157 ? -9.262  -5.713  5.844   1.00 21.52 ? 157 TYR A CE1   1 
ATOM   1242 C  CE2   . TYR A 1 157 ? -11.204 -4.812  6.937   1.00 21.51 ? 157 TYR A CE2   1 
ATOM   1243 C  CZ    . TYR A 1 157 ? -10.024 -5.534  6.982   1.00 19.52 ? 157 TYR A CZ    1 
ATOM   1244 O  OH    . TYR A 1 157 ? -9.575  -6.121  8.165   1.00 22.85 ? 157 TYR A OH    1 
ATOM   1245 N  N     . THR A 1 158 ? -10.448 -1.925  0.631   1.00 10.01 ? 158 THR A N     1 
ATOM   1246 C  CA    . THR A 1 158 ? -10.689 -1.349  -0.689  1.00 10.06 ? 158 THR A CA    1 
ATOM   1247 C  C     . THR A 1 158 ? -9.826  -2.046  -1.748  1.00 9.37  ? 158 THR A C     1 
ATOM   1248 O  O     . THR A 1 158 ? -10.322 -2.308  -2.828  1.00 9.43  ? 158 THR A O     1 
ATOM   1249 C  CB    . THR A 1 158 ? -10.426 0.149   -0.693  1.00 9.88  ? 158 THR A CB    1 
ATOM   1250 O  OG1   . THR A 1 158 ? -11.359 0.743   0.215   1.00 11.21 ? 158 THR A OG1   1 
ATOM   1251 C  CG2   . THR A 1 158 ? -10.646 0.725   -2.100  1.00 9.36  ? 158 THR A CG2   1 
ATOM   1252 N  N     . LEU A 1 159 ? -8.548  -2.325  -1.441  1.00 9.78  ? 159 LEU A N     1 
ATOM   1253 C  CA    . LEU A 1 159 ? -7.679  -2.978  -2.405  1.00 9.29  ? 159 LEU A CA    1 
ATOM   1254 C  C     . LEU A 1 159 ? -8.212  -4.382  -2.760  1.00 8.44  ? 159 LEU A C     1 
ATOM   1255 O  O     . LEU A 1 159 ? -8.219  -4.780  -3.928  1.00 8.61  ? 159 LEU A O     1 
ATOM   1256 C  CB    . LEU A 1 159 ? -6.252  -3.047  -1.886  1.00 9.40  ? 159 LEU A CB    1 
ATOM   1257 C  CG    . LEU A 1 159 ? -5.313  -3.723  -2.885  1.00 7.70  ? 159 LEU A CG    1 
ATOM   1258 C  CD1   . LEU A 1 159 ? -5.292  -3.087  -4.298  1.00 7.66  ? 159 LEU A CD1   1 
ATOM   1259 C  CD2   . LEU A 1 159 ? -3.925  -3.683  -2.286  1.00 10.07 ? 159 LEU A CD2   1 
ATOM   1260 N  N     . VAL A 1 160 ? -8.720  -5.091  -1.758  1.00 9.45  ? 160 VAL A N     1 
ATOM   1261 C  CA    . VAL A 1 160 ? -9.346  -6.394  -2.020  1.00 9.59  ? 160 VAL A CA    1 
ATOM   1262 C  C     . VAL A 1 160 ? -10.554 -6.217  -2.938  1.00 9.22  ? 160 VAL A C     1 
ATOM   1263 O  O     . VAL A 1 160 ? -10.740 -6.964  -3.901  1.00 10.40 ? 160 VAL A O     1 
ATOM   1264 C  CB    . VAL A 1 160 ? -9.738  -7.116  -0.717  1.00 9.24  ? 160 VAL A CB    1 
ATOM   1265 C  CG1   . VAL A 1 160 ? -10.684 -8.285  -1.010  1.00 8.39  ? 160 VAL A CG1   1 
ATOM   1266 C  CG2   . VAL A 1 160 ? -8.480  -7.622  0.000   1.00 8.72  ? 160 VAL A CG2   1 
ATOM   1267 N  N     . ARG A 1 161 ? -11.358 -5.191  -2.667  1.00 9.82  ? 161 ARG A N     1 
ATOM   1268 C  CA    . ARG A 1 161 ? -12.546 -4.930  -3.474  1.00 10.49 ? 161 ARG A CA    1 
ATOM   1269 C  C     . ARG A 1 161 ? -12.189 -4.516  -4.909  1.00 9.61  ? 161 ARG A C     1 
ATOM   1270 O  O     . ARG A 1 161 ? -12.951 -4.784  -5.842  1.00 9.96  ? 161 ARG A O     1 
ATOM   1271 C  CB    . ARG A 1 161 ? -13.394 -3.875  -2.785  1.00 10.57 ? 161 ARG A CB    1 
ATOM   1272 C  CG    . ARG A 1 161 ? -14.055 -4.421  -1.551  1.00 10.74 ? 161 ARG A CG    1 
ATOM   1273 C  CD    . ARG A 1 161 ? -14.649 -3.319  -0.714  1.00 11.92 ? 161 ARG A CD    1 
ATOM   1274 N  NE    . ARG A 1 161 ? -15.209 -3.872  0.512   1.00 12.87 ? 161 ARG A NE    1 
ATOM   1275 C  CZ    . ARG A 1 161 ? -15.195 -3.266  1.694   1.00 14.91 ? 161 ARG A CZ    1 
ATOM   1276 N  NH1   . ARG A 1 161 ? -14.622 -2.073  1.828   1.00 16.71 ? 161 ARG A NH1   1 
ATOM   1277 N  NH2   . ARG A 1 161 ? -15.765 -3.865  2.735   1.00 14.71 ? 161 ARG A NH2   1 
ATOM   1278 N  N     . GLU A 1 162 ? -11.020 -3.884  -5.087  1.00 9.76  ? 162 GLU A N     1 
ATOM   1279 C  CA    . GLU A 1 162 ? -10.522 -3.509  -6.407  1.00 9.97  ? 162 GLU A CA    1 
ATOM   1280 C  C     . GLU A 1 162 ? -10.113 -4.758  -7.163  1.00 10.64 ? 162 GLU A C     1 
ATOM   1281 O  O     . GLU A 1 162 ? -10.377 -4.871  -8.361  1.00 11.43 ? 162 GLU A O     1 
ATOM   1282 C  CB    . GLU A 1 162 ? -9.318  -2.562  -6.297  1.00 10.28 ? 162 GLU A CB    1 
ATOM   1283 C  CG    . GLU A 1 162 ? -9.700  -1.129  -5.868  1.00 10.82 ? 162 GLU A CG    1 
ATOM   1284 C  CD    . GLU A 1 162 ? -10.609 -0.430  -6.868  1.00 13.41 ? 162 GLU A CD    1 
ATOM   1285 O  OE1   . GLU A 1 162 ? -10.251 -0.329  -8.063  1.00 13.85 ? 162 GLU A OE1   1 
ATOM   1286 O  OE2   . GLU A 1 162 ? -11.694 0.008   -6.453  1.00 14.47 ? 162 GLU A OE2   1 
ATOM   1287 N  N     . ILE A 1 163 ? -9.495  -5.697  -6.451  1.00 10.58 ? 163 ILE A N     1 
ATOM   1288 C  CA    . ILE A 1 163 ? -9.038  -6.934  -7.091  1.00 10.25 ? 163 ILE A CA    1 
ATOM   1289 C  C     . ILE A 1 163 ? -10.271 -7.719  -7.566  1.00 10.77 ? 163 ILE A C     1 
ATOM   1290 O  O     . ILE A 1 163 ? -10.281 -8.282  -8.663  1.00 10.93 ? 163 ILE A O     1 
ATOM   1291 C  CB    . ILE A 1 163 ? -8.188  -7.783  -6.123  1.00 9.88  ? 163 ILE A CB    1 
ATOM   1292 C  CG1   . ILE A 1 163 ? -6.833  -7.112  -5.863  1.00 9.02  ? 163 ILE A CG1   1 
ATOM   1293 C  CG2   . ILE A 1 163 ? -8.002  -9.214  -6.641  1.00 10.34 ? 163 ILE A CG2   1 
ATOM   1294 C  CD1   . ILE A 1 163 ? -6.138  -7.646  -4.636  1.00 11.04 ? 163 ILE A CD1   1 
ATOM   1295 N  N     . ARG A 1 164 ? -11.317 -7.727  -6.741  1.00 10.79 ? 164 ARG A N     1 
ATOM   1296 C  CA    . ARG A 1 164 ? -12.529 -8.455  -7.101  1.00 11.55 ? 164 ARG A CA    1 
ATOM   1297 C  C     . ARG A 1 164 ? -13.213 -7.927  -8.360  1.00 13.09 ? 164 ARG A C     1 
ATOM   1298 O  O     . ARG A 1 164 ? -14.031 -8.626  -8.945  1.00 14.00 ? 164 ARG A O     1 
ATOM   1299 C  CB    . ARG A 1 164 ? -13.527 -8.416  -5.956  1.00 11.33 ? 164 ARG A CB    1 
ATOM   1300 C  CG    . ARG A 1 164 ? -13.058 -9.176  -4.736  1.00 11.61 ? 164 ARG A CG    1 
ATOM   1301 C  CD    . ARG A 1 164 ? -13.986 -8.839  -3.594  1.00 10.65 ? 164 ARG A CD    1 
ATOM   1302 N  NE    . ARG A 1 164 ? -13.748 -9.647  -2.403  1.00 9.29  ? 164 ARG A NE    1 
ATOM   1303 C  CZ    . ARG A 1 164 ? -14.282 -9.365  -1.213  1.00 10.95 ? 164 ARG A CZ    1 
ATOM   1304 N  NH1   . ARG A 1 164 ? -15.109 -8.319  -1.096  1.00 10.29 ? 164 ARG A NH1   1 
ATOM   1305 N  NH2   . ARG A 1 164 ? -14.044 -10.136 -0.156  1.00 11.43 ? 164 ARG A NH2   1 
ATOM   1306 N  N     . GLN A 1 165 ? -12.903 -6.697  -8.760  1.00 14.76 ? 165 GLN A N     1 
ATOM   1307 C  CA    . GLN A 1 165 ? -13.465 -6.147  -9.996  1.00 16.84 ? 165 GLN A CA    1 
ATOM   1308 C  C     . GLN A 1 165 ? -12.685 -6.553  -11.246 1.00 18.13 ? 165 GLN A C     1 
ATOM   1309 O  O     . GLN A 1 165 ? -13.115 -6.289  -12.366 1.00 17.34 ? 165 GLN A O     1 
ATOM   1310 C  CB    . GLN A 1 165 ? -13.500 -4.630  -9.917  1.00 17.33 ? 165 GLN A CB    1 
ATOM   1311 C  CG    . GLN A 1 165 ? -14.411 -4.091  -8.849  1.00 17.62 ? 165 GLN A CG    1 
ATOM   1312 C  CD    . GLN A 1 165 ? -14.410 -2.586  -8.826  1.00 19.55 ? 165 GLN A CD    1 
ATOM   1313 O  OE1   . GLN A 1 165 ? -14.630 -1.944  -9.849  1.00 18.83 ? 165 GLN A OE1   1 
ATOM   1314 N  NE2   . GLN A 1 165 ? -14.144 -2.014  -7.664  1.00 19.62 ? 165 GLN A NE2   1 
ATOM   1315 N  N     . HIS A 1 166 ? -11.533 -7.191  -11.046 1.00 20.52 ? 166 HIS A N     1 
ATOM   1316 C  CA    . HIS A 1 166 ? -10.606 -7.433  -12.133 1.00 23.44 ? 166 HIS A CA    1 
ATOM   1317 C  C     . HIS A 1 166 ? -10.890 -8.747  -12.819 1.00 24.22 ? 166 HIS A C     1 
ATOM   1318 O  O     . HIS A 1 166 ? -11.167 -8.754  -14.026 1.00 27.29 ? 166 HIS A O     1 
ATOM   1319 C  CB    . HIS A 1 166 ? -9.169  -7.392  -11.624 1.00 23.61 ? 166 HIS A CB    1 
ATOM   1320 C  CG    . HIS A 1 166 ? -8.190  -6.900  -12.640 1.00 26.19 ? 166 HIS A CG    1 
ATOM   1321 N  ND1   . HIS A 1 166 ? -8.216  -5.614  -13.136 1.00 26.72 ? 166 HIS A ND1   1 
ATOM   1322 C  CD2   . HIS A 1 166 ? -7.151  -7.520  -13.250 1.00 28.69 ? 166 HIS A CD2   1 
ATOM   1323 C  CE1   . HIS A 1 166 ? -7.242  -5.466  -14.017 1.00 28.70 ? 166 HIS A CE1   1 
ATOM   1324 N  NE2   . HIS A 1 166 ? -6.580  -6.606  -14.104 1.00 29.22 ? 166 HIS A NE2   1 
HETATM 1325 MG MG    . MG  B 2 .   ? 9.474   -0.838  6.269   1.00 14.60 ? 273 MG  A MG    1 
HETATM 1326 P  PB    . GDP C 3 .   ? 8.557   2.287   5.835   1.00 12.82 ? 180 GDP A PB    1 
HETATM 1327 O  O1B   . GDP C 3 .   ? 7.704   2.749   4.667   1.00 13.91 ? 180 GDP A O1B   1 
HETATM 1328 O  O2B   . GDP C 3 .   ? 10.029  2.561   5.576   1.00 16.21 ? 180 GDP A O2B   1 
HETATM 1329 O  O3B   . GDP C 3 .   ? 8.302   0.825   6.183   1.00 13.12 ? 180 GDP A O3B   1 
HETATM 1330 O  O3A   . GDP C 3 .   ? 8.083   3.181   7.065   1.00 14.02 ? 180 GDP A O3A   1 
HETATM 1331 P  PA    . GDP C 3 .   ? 7.936   2.792   8.611   1.00 14.30 ? 180 GDP A PA    1 
HETATM 1332 O  O1A   . GDP C 3 .   ? 9.262   2.211   9.058   1.00 15.95 ? 180 GDP A O1A   1 
HETATM 1333 O  O2A   . GDP C 3 .   ? 6.730   1.932   8.875   1.00 15.80 ? 180 GDP A O2A   1 
HETATM 1334 O  "O5'" . GDP C 3 .   ? 7.662   4.233   9.282   1.00 15.05 ? 180 GDP A "O5'" 1 
HETATM 1335 C  "C5'" . GDP C 3 .   ? 8.601   5.305   9.110   1.00 15.32 ? 180 GDP A "C5'" 1 
HETATM 1336 C  "C4'" . GDP C 3 .   ? 8.468   6.227   10.311  1.00 15.72 ? 180 GDP A "C4'" 1 
HETATM 1337 O  "O4'" . GDP C 3 .   ? 7.194   6.864   10.264  1.00 15.32 ? 180 GDP A "O4'" 1 
HETATM 1338 C  "C3'" . GDP C 3 .   ? 8.486   5.489   11.636  1.00 17.18 ? 180 GDP A "C3'" 1 
HETATM 1339 O  "O3'" . GDP C 3 .   ? 9.181   6.300   12.599  1.00 21.11 ? 180 GDP A "O3'" 1 
HETATM 1340 C  "C2'" . GDP C 3 .   ? 7.036   5.338   12.032  1.00 18.23 ? 180 GDP A "C2'" 1 
HETATM 1341 O  "O2'" . GDP C 3 .   ? 6.838   5.393   13.441  1.00 24.67 ? 180 GDP A "O2'" 1 
HETATM 1342 C  "C1'" . GDP C 3 .   ? 6.464   6.598   11.458  1.00 14.37 ? 180 GDP A "C1'" 1 
HETATM 1343 N  N9    . GDP C 3 .   ? 5.064   6.434   11.040  1.00 12.23 ? 180 GDP A N9    1 
HETATM 1344 C  C8    . GDP C 3 .   ? 4.603   5.532   10.158  1.00 12.56 ? 180 GDP A C8    1 
HETATM 1345 N  N7    . GDP C 3 .   ? 3.281   5.686   9.971   1.00 11.99 ? 180 GDP A N7    1 
HETATM 1346 C  C5    . GDP C 3 .   ? 2.906   6.731   10.742  1.00 11.55 ? 180 GDP A C5    1 
HETATM 1347 C  C6    . GDP C 3 .   ? 1.659   7.467   11.024  1.00 12.60 ? 180 GDP A C6    1 
HETATM 1348 O  O6    . GDP C 3 .   ? 0.576   7.157   10.469  1.00 13.27 ? 180 GDP A O6    1 
HETATM 1349 N  N1    . GDP C 3 .   ? 1.709   8.489   11.895  1.00 13.39 ? 180 GDP A N1    1 
HETATM 1350 C  C2    . GDP C 3 .   ? 2.846   8.893   12.512  1.00 11.34 ? 180 GDP A C2    1 
HETATM 1351 N  N2    . GDP C 3 .   ? 2.787   9.928   13.375  1.00 13.99 ? 180 GDP A N2    1 
HETATM 1352 N  N3    . GDP C 3 .   ? 4.024   8.269   12.311  1.00 11.25 ? 180 GDP A N3    1 
HETATM 1353 C  C4    . GDP C 3 .   ? 4.084   7.235   11.441  1.00 12.26 ? 180 GDP A C4    1 
HETATM 1354 O  O     . HOH D 4 .   ? 4.072   17.204  11.067  1.00 17.75 ? 274 HOH A O     1 
HETATM 1355 O  O     . HOH D 4 .   ? -16.373 -6.644  -3.009  1.00 11.71 ? 275 HOH A O     1 
HETATM 1356 O  O     . HOH D 4 .   ? -10.644 8.714   -5.061  1.00 11.59 ? 276 HOH A O     1 
HETATM 1357 O  O     . HOH D 4 .   ? 11.055  17.044  -4.064  1.00 10.08 ? 277 HOH A O     1 
HETATM 1358 O  O     . HOH D 4 .   ? -14.076 0.120   -0.193  1.00 16.56 ? 278 HOH A O     1 
HETATM 1359 O  O     . HOH D 4 .   ? 4.831   10.504  15.442  1.00 24.30 ? 279 HOH A O     1 
HETATM 1360 O  O     . HOH D 4 .   ? -10.440 2.221   7.969   1.00 15.18 ? 280 HOH A O     1 
HETATM 1361 O  O     . HOH D 4 .   ? -7.700  0.095   -8.619  1.00 13.79 ? 281 HOH A O     1 
HETATM 1362 O  O     . HOH D 4 .   ? 8.427   -0.324  -2.667  1.00 14.39 ? 282 HOH A O     1 
HETATM 1363 O  O     . HOH D 4 .   ? -7.827  0.367   -11.237 1.00 22.57 ? 283 HOH A O     1 
HETATM 1364 O  O     . HOH D 4 .   ? -12.914 -11.065 10.412  1.00 25.43 ? 284 HOH A O     1 
HETATM 1365 O  O     . HOH D 4 .   ? -8.987  1.202   10.194  1.00 13.34 ? 285 HOH A O     1 
HETATM 1366 O  O     . HOH D 4 .   ? 6.182   6.775   -1.996  1.00 11.42 ? 286 HOH A O     1 
HETATM 1367 O  O     . HOH D 4 .   ? 2.159   -0.145  13.224  1.00 16.66 ? 287 HOH A O     1 
HETATM 1368 O  O     . HOH D 4 .   ? -4.527  0.661   -12.465 1.00 14.63 ? 288 HOH A O     1 
HETATM 1369 O  O     . HOH D 4 .   ? -3.535  -1.993  -20.630 1.00 36.20 ? 289 HOH A O     1 
HETATM 1370 O  O     . HOH D 4 .   ? 8.551   13.098  6.018   1.00 25.76 ? 290 HOH A O     1 
HETATM 1371 O  O     . HOH D 4 .   ? -9.421  15.502  -9.690  1.00 38.67 ? 291 HOH A O     1 
HETATM 1372 O  O     . HOH D 4 .   ? -10.447 0.105   12.330  1.00 32.11 ? 292 HOH A O     1 
HETATM 1373 O  O     . HOH D 4 .   ? 0.529   21.380  -1.267  1.00 12.83 ? 293 HOH A O     1 
HETATM 1374 O  O     . HOH D 4 .   ? -2.793  -12.388 11.380  1.00 18.79 ? 294 HOH A O     1 
HETATM 1375 O  O     . HOH D 4 .   ? -10.960 4.680   10.100  1.00 23.19 ? 295 HOH A O     1 
HETATM 1376 O  O     . HOH D 4 .   ? -16.788 -6.651  5.615   1.00 18.72 ? 296 HOH A O     1 
HETATM 1377 O  O     . HOH D 4 .   ? 3.641   -9.886  -16.258 0.50 19.35 ? 297 HOH A O     1 
HETATM 1378 O  O     . HOH D 4 .   ? 11.841  3.549   7.479   1.00 21.04 ? 298 HOH A O     1 
HETATM 1379 O  O     . HOH D 4 .   ? -5.355  -13.270 11.219  1.00 21.10 ? 299 HOH A O     1 
HETATM 1380 O  O     . HOH D 4 .   ? 10.867  1.263   -1.842  1.00 29.51 ? 300 HOH A O     1 
HETATM 1381 O  O     . HOH D 4 .   ? -0.242  11.567  -14.047 1.00 26.90 ? 301 HOH A O     1 
HETATM 1382 O  O     . HOH D 4 .   ? 5.549   1.574   -17.348 1.00 24.05 ? 302 HOH A O     1 
HETATM 1383 O  O     . HOH D 4 .   ? 2.307   6.868   -14.162 1.00 24.36 ? 303 HOH A O     1 
HETATM 1384 O  O     . HOH D 4 .   ? -15.179 -4.724  -13.427 1.00 20.76 ? 304 HOH A O     1 
HETATM 1385 O  O     . HOH D 4 .   ? 0.053   12.174  16.181  1.00 21.46 ? 305 HOH A O     1 
HETATM 1386 O  O     . HOH D 4 .   ? -5.606  9.916   12.545  1.00 24.89 ? 306 HOH A O     1 
HETATM 1387 O  O     . HOH D 4 .   ? -10.561 2.973   -13.528 1.00 25.91 ? 307 HOH A O     1 
HETATM 1388 O  O     . HOH D 4 .   ? 7.820   -15.585 5.040   1.00 41.69 ? 308 HOH A O     1 
HETATM 1389 O  O     . HOH D 4 .   ? -9.348  7.781   5.444   1.00 25.56 ? 309 HOH A O     1 
HETATM 1390 O  O     . HOH D 4 .   ? -2.455  5.147   -16.749 1.00 34.15 ? 310 HOH A O     1 
HETATM 1391 O  O     . HOH D 4 .   ? -15.724 -17.422 2.411   1.00 24.34 ? 311 HOH A O     1 
HETATM 1392 O  O     . HOH D 4 .   ? -2.083  -7.719  -16.467 1.00 44.51 ? 312 HOH A O     1 
HETATM 1393 O  O     . HOH D 4 .   ? -6.648  -11.471 -9.094  1.00 35.24 ? 313 HOH A O     1 
HETATM 1394 O  O     . HOH D 4 .   ? -1.932  7.695   -16.141 1.00 29.20 ? 314 HOH A O     1 
HETATM 1395 O  O     . HOH D 4 .   ? 1.105   16.279  8.059   1.00 17.50 ? 315 HOH A O     1 
HETATM 1396 O  O     . HOH D 4 .   ? 10.774  14.199  -6.869  1.00 19.51 ? 316 HOH A O     1 
HETATM 1397 O  O     . HOH D 4 .   ? -18.087 -9.034  6.408   1.00 18.40 ? 317 HOH A O     1 
HETATM 1398 O  O     . HOH D 4 .   ? -0.176  5.970   -15.178 1.00 20.18 ? 318 HOH A O     1 
HETATM 1399 O  O     . HOH D 4 .   ? 11.140  0.920   2.119   1.00 23.13 ? 319 HOH A O     1 
HETATM 1400 O  O     . HOH D 4 .   ? 6.399   -5.026  -19.527 0.50 15.02 ? 320 HOH A O     1 
HETATM 1401 O  O     . HOH D 4 .   ? 11.369  6.098   -3.574  1.00 20.05 ? 321 HOH A O     1 
HETATM 1402 O  O     . HOH D 4 .   ? -2.952  2.158   17.373  1.00 34.65 ? 322 HOH A O     1 
HETATM 1403 O  O     . HOH D 4 .   ? -11.248 5.904   5.818   1.00 17.34 ? 323 HOH A O     1 
HETATM 1404 O  O     . HOH D 4 .   ? -0.802  1.544   19.210  1.00 25.03 ? 324 HOH A O     1 
HETATM 1405 O  O     . HOH D 4 .   ? -9.578  10.668  -7.132  1.00 16.21 ? 325 HOH A O     1 
HETATM 1406 O  O     . HOH D 4 .   ? -12.192 -15.604 10.005  1.00 40.72 ? 326 HOH A O     1 
HETATM 1407 O  O     . HOH D 4 .   ? -6.727  1.984   -13.150 1.00 19.91 ? 327 HOH A O     1 
HETATM 1408 O  O     . HOH D 4 .   ? -13.190 1.710   -4.499  0.50 12.07 ? 328 HOH A O     1 
HETATM 1409 O  O     . HOH D 4 .   ? -7.738  -13.922 -5.388  1.00 32.05 ? 329 HOH A O     1 
HETATM 1410 O  O     . HOH D 4 .   ? -7.906  -18.538 -3.141  1.00 24.18 ? 330 HOH A O     1 
HETATM 1411 O  O     . HOH D 4 .   ? 10.213  8.503   8.320   1.00 31.43 ? 331 HOH A O     1 
HETATM 1412 O  O     . HOH D 4 .   ? 13.085  5.378   -0.858  1.00 28.05 ? 332 HOH A O     1 
HETATM 1413 O  O     . HOH D 4 .   ? -12.961 -0.973  5.623   1.00 32.77 ? 333 HOH A O     1 
HETATM 1414 O  O     . HOH D 4 .   ? -4.964  -8.577  -10.337 1.00 27.69 ? 334 HOH A O     1 
HETATM 1415 O  O     . HOH D 4 .   ? -14.127 -14.247 -4.388  1.00 29.12 ? 335 HOH A O     1 
HETATM 1416 O  O     . HOH D 4 .   ? -9.198  17.302  -6.693  1.00 35.30 ? 336 HOH A O     1 
HETATM 1417 O  O     . HOH D 4 .   ? 6.015   -0.450  -7.595  1.00 30.15 ? 337 HOH A O     1 
HETATM 1418 O  O     . HOH D 4 .   ? -3.705  13.566  15.476  1.00 31.20 ? 338 HOH A O     1 
HETATM 1419 O  O     . HOH D 4 .   ? -17.444 -16.376 5.668   1.00 30.31 ? 339 HOH A O     1 
HETATM 1420 O  O     . HOH D 4 .   ? 7.950   4.312   -17.865 1.00 29.28 ? 340 HOH A O     1 
HETATM 1421 O  O     . HOH D 4 .   ? -5.098  10.048  -17.244 1.00 37.34 ? 341 HOH A O     1 
HETATM 1422 O  O     . HOH D 4 .   ? -0.004  21.228  1.510   1.00 22.54 ? 342 HOH A O     1 
HETATM 1423 O  O     . HOH D 4 .   ? -7.413  20.111  -8.636  1.00 37.88 ? 343 HOH A O     1 
HETATM 1424 O  O     . HOH D 4 .   ? 9.668   3.011   -12.661 1.00 29.72 ? 344 HOH A O     1 
HETATM 1425 O  O     . HOH D 4 .   ? 18.635  -6.095  10.349  1.00 47.26 ? 345 HOH A O     1 
HETATM 1426 O  O     . HOH D 4 .   ? -11.318 15.844  -6.665  1.00 35.61 ? 346 HOH A O     1 
HETATM 1427 O  O     . HOH D 4 .   ? 14.533  -8.436  4.435   1.00 35.84 ? 347 HOH A O     1 
HETATM 1428 O  O     . HOH D 4 .   ? 11.404  2.643   10.512  1.00 29.89 ? 348 HOH A O     1 
HETATM 1429 O  O     . HOH D 4 .   ? 4.422   9.236   17.825  1.00 44.55 ? 349 HOH A O     1 
HETATM 1430 O  O     . HOH D 4 .   ? 6.324   9.668   13.021  1.00 45.76 ? 350 HOH A O     1 
HETATM 1431 O  O     . HOH D 4 .   ? 13.824  3.638   21.269  1.00 38.78 ? 351 HOH A O     1 
HETATM 1432 O  O     . HOH D 4 .   ? -3.419  -6.348  -14.543 1.00 36.08 ? 352 HOH A O     1 
HETATM 1433 O  O     . HOH D 4 .   ? -4.312  -10.263 12.349  1.00 33.84 ? 353 HOH A O     1 
HETATM 1434 O  O     . HOH D 4 .   ? -1.712  -12.499 -10.481 1.00 42.52 ? 354 HOH A O     1 
HETATM 1435 O  O     . HOH D 4 .   ? 4.193   5.076   -19.492 1.00 35.50 ? 355 HOH A O     1 
HETATM 1436 O  O     . HOH D 4 .   ? 8.922   -1.242  -5.441  1.00 26.36 ? 356 HOH A O     1 
HETATM 1437 O  O     . HOH D 4 .   ? 9.110   0.263   17.745  1.00 43.67 ? 357 HOH A O     1 
HETATM 1438 O  O     . HOH D 4 .   ? -13.341 -1.812  8.117   1.00 33.41 ? 358 HOH A O     1 
HETATM 1439 O  O     . HOH D 4 .   ? 5.879   -5.255  8.620   1.00 30.24 ? 359 HOH A O     1 
HETATM 1440 O  O     . HOH D 4 .   ? 13.772  -12.537 -0.619  1.00 55.65 ? 360 HOH A O     1 
HETATM 1441 O  O     . HOH D 4 .   ? 10.992  8.767   -8.473  1.00 41.90 ? 361 HOH A O     1 
HETATM 1442 O  O     . HOH D 4 .   ? 8.427   -6.389  6.687   1.00 25.21 ? 362 HOH A O     1 
HETATM 1443 O  O     . HOH D 4 .   ? 12.068  9.387   -1.423  1.00 33.69 ? 363 HOH A O     1 
HETATM 1444 O  O     . HOH D 4 .   ? 11.521  -2.455  -6.658  1.00 45.03 ? 364 HOH A O     1 
HETATM 1445 O  O     . HOH D 4 .   ? -3.646  21.936  4.311   1.00 31.02 ? 365 HOH A O     1 
HETATM 1446 O  O     . HOH D 4 .   ? -1.357  4.613   18.680  1.00 38.92 ? 366 HOH A O     1 
HETATM 1447 O  O     . HOH D 4 .   ? 11.269  -5.320  -7.362  1.00 42.34 ? 367 HOH A O     1 
HETATM 1448 O  O     . HOH D 4 .   ? 1.952   10.302  -12.677 1.00 14.08 ? 368 HOH A O     1 
HETATM 1449 O  O     . HOH D 4 .   ? -6.446  17.958  5.570   1.00 42.72 ? 369 HOH A O     1 
HETATM 1450 O  O     . HOH D 4 .   ? -5.845  18.957  2.014   1.00 17.03 ? 370 HOH A O     1 
HETATM 1451 O  O     . HOH D 4 .   ? 8.670   -1.680  4.563   1.00 14.13 ? 371 HOH A O     1 
HETATM 1452 O  O     . HOH D 4 .   ? 10.183  -0.047  8.130   1.00 15.06 ? 372 HOH A O     1 
HETATM 1453 O  O     . HOH D 4 .   ? 10.974  0.096   5.175   1.00 15.12 ? 373 HOH A O     1 
HETATM 1454 O  O     . HOH D 4 .   ? -12.615 3.751   -2.778  1.00 17.75 ? 374 HOH A O     1 
HETATM 1455 O  O     . HOH D 4 .   ? 11.280  17.579  -1.292  0.33 18.18 ? 375 HOH A O     1 
HETATM 1456 O  O     . HOH D 4 .   ? -1.791  19.743  -7.968  1.00 26.68 ? 376 HOH A O     1 
HETATM 1457 O  O     . HOH D 4 .   ? -7.242  19.492  -0.478  1.00 17.69 ? 377 HOH A O     1 
HETATM 1458 O  O     . HOH D 4 .   ? 10.815  -2.407  6.691   1.00 19.20 ? 378 HOH A O     1 
HETATM 1459 O  O     . HOH D 4 .   ? -12.761 2.124   -8.089  0.50 9.15  ? 379 HOH A O     1 
HETATM 1460 O  O     . HOH D 4 .   ? -20.785 -9.465  6.100   1.00 19.39 ? 380 HOH A O     1 
HETATM 1461 O  O     . HOH D 4 .   ? -6.484  21.945  -1.195  1.00 28.01 ? 381 HOH A O     1 
HETATM 1462 O  O     . HOH D 4 .   ? 4.853   -2.971  -20.628 1.00 23.23 ? 382 HOH A O     1 
HETATM 1463 O  O     . HOH D 4 .   ? -12.879 5.087   -5.059  1.00 30.76 ? 383 HOH A O     1 
HETATM 1464 O  O     . HOH D 4 .   ? -2.359  4.721   -19.422 1.00 35.81 ? 384 HOH A O     1 
# 
loop_
_pdbx_poly_seq_scheme.asym_id 
_pdbx_poly_seq_scheme.entity_id 
_pdbx_poly_seq_scheme.seq_id 
_pdbx_poly_seq_scheme.mon_id 
_pdbx_poly_seq_scheme.ndb_seq_num 
_pdbx_poly_seq_scheme.pdb_seq_num 
_pdbx_poly_seq_scheme.auth_seq_num 
_pdbx_poly_seq_scheme.pdb_mon_id 
_pdbx_poly_seq_scheme.auth_mon_id 
_pdbx_poly_seq_scheme.pdb_strand_id 
_pdbx_poly_seq_scheme.pdb_ins_code 
_pdbx_poly_seq_scheme.hetero 
A 1 1   MET 1   1   1   MET MET A . n 
A 1 2   THR 2   2   2   THR THR A . n 
A 1 3   GLU 3   3   3   GLU GLU A . n 
A 1 4   TYR 4   4   4   TYR TYR A . n 
A 1 5   LYS 5   5   5   LYS LYS A . n 
A 1 6   LEU 6   6   6   LEU LEU A . n 
A 1 7   VAL 7   7   7   VAL VAL A . n 
A 1 8   VAL 8   8   8   VAL VAL A . n 
A 1 9   VAL 9   9   9   VAL VAL A . n 
A 1 10  GLY 10  10  10  GLY GLY A . n 
A 1 11  ALA 11  11  11  ALA ALA A . n 
A 1 12  GLY 12  12  12  GLY GLY A . n 
A 1 13  GLY 13  13  13  GLY GLY A . n 
A 1 14  VAL 14  14  14  VAL VAL A . n 
A 1 15  GLY 15  15  15  GLY GLY A . n 
A 1 16  LYS 16  16  16  LYS LYS A . n 
A 1 17  SER 17  17  17  SER SER A . n 
A 1 18  ALA 18  18  18  ALA ALA A . n 
A 1 19  LEU 19  19  19  LEU LEU A . n 
A 1 20  THR 20  20  20  THR THR A . n 
A 1 21  ILE 21  21  21  ILE ILE A . n 
A 1 22  GLN 22  22  22  GLN GLN A . n 
A 1 23  LEU 23  23  23  LEU LEU A . n 
A 1 24  ILE 24  24  24  ILE ILE A . n 
A 1 25  GLN 25  25  25  GLN GLN A . n 
A 1 26  ASN 26  26  26  ASN ASN A . n 
A 1 27  HIS 27  27  27  HIS HIS A . n 
A 1 28  PHE 28  28  28  PHE PHE A . n 
A 1 29  VAL 29  29  29  VAL VAL A . n 
A 1 30  ASP 30  30  30  ASP ASP A . n 
A 1 31  GLU 31  31  31  GLU GLU A . n 
A 1 32  TYR 32  32  32  TYR TYR A . n 
A 1 33  ASP 33  33  33  ASP ASP A . n 
A 1 34  PRO 34  34  34  PRO PRO A . n 
A 1 35  THR 35  35  35  THR THR A . n 
A 1 36  ILE 36  36  36  ILE ILE A . n 
A 1 37  GLU 37  37  37  GLU GLU A . n 
A 1 38  ASP 38  38  38  ASP ASP A . n 
A 1 39  SER 39  39  39  SER SER A . n 
A 1 40  TYR 40  40  40  TYR TYR A . n 
A 1 41  ARG 41  41  41  ARG ARG A . n 
A 1 42  LYS 42  42  42  LYS LYS A . n 
A 1 43  GLN 43  43  43  GLN GLN A . n 
A 1 44  VAL 44  44  44  VAL VAL A . n 
A 1 45  VAL 45  45  45  VAL VAL A . n 
A 1 46  ILE 46  46  46  ILE ILE A . n 
A 1 47  ASP 47  47  47  ASP ASP A . n 
A 1 48  GLY 48  48  48  GLY GLY A . n 
A 1 49  GLU 49  49  49  GLU GLU A . n 
A 1 50  THR 50  50  50  THR THR A . n 
A 1 51  CYS 51  51  51  CYS CYS A . n 
A 1 52  LEU 52  52  52  LEU LEU A . n 
A 1 53  LEU 53  53  53  LEU LEU A . n 
A 1 54  ASP 54  54  54  ASP ASP A . n 
A 1 55  ILE 55  55  55  ILE ILE A . n 
A 1 56  LEU 56  56  56  LEU LEU A . n 
A 1 57  ASP 57  57  57  ASP ASP A . n 
A 1 58  THR 58  58  58  THR THR A . n 
A 1 59  ALA 59  59  59  ALA ALA A . n 
A 1 60  GLY 60  60  60  GLY GLY A . n 
A 1 61  GLN 61  61  61  GLN GLN A . n 
A 1 62  GLU 62  62  62  GLU GLU A . n 
A 1 63  GLU 63  63  63  GLU GLU A . n 
A 1 64  TYR 64  64  64  TYR TYR A . n 
A 1 65  SER 65  65  65  SER SER A . n 
A 1 66  ALA 66  66  66  ALA ALA A . n 
A 1 67  MET 67  67  67  MET MET A . n 
A 1 68  ARG 68  68  68  ARG ARG A . n 
A 1 69  ASP 69  69  69  ASP ASP A . n 
A 1 70  GLN 70  70  70  GLN GLN A . n 
A 1 71  TYR 71  71  71  TYR TYR A . n 
A 1 72  MET 72  72  72  MET MET A . n 
A 1 73  ARG 73  73  73  ARG ARG A . n 
A 1 74  THR 74  74  74  THR THR A . n 
A 1 75  GLY 75  75  75  GLY GLY A . n 
A 1 76  GLU 76  76  76  GLU GLU A . n 
A 1 77  GLY 77  77  77  GLY GLY A . n 
A 1 78  PHE 78  78  78  PHE PHE A . n 
A 1 79  LEU 79  79  79  LEU LEU A . n 
A 1 80  CYS 80  80  80  CYS CYS A . n 
A 1 81  VAL 81  81  81  VAL VAL A . n 
A 1 82  PHE 82  82  82  PHE PHE A . n 
A 1 83  ALA 83  83  83  ALA ALA A . n 
A 1 84  ILE 84  84  84  ILE ILE A . n 
A 1 85  ASN 85  85  85  ASN ASN A . n 
A 1 86  ASN 86  86  86  ASN ASN A . n 
A 1 87  THR 87  87  87  THR THR A . n 
A 1 88  LYS 88  88  88  LYS LYS A . n 
A 1 89  SER 89  89  89  SER SER A . n 
A 1 90  PHE 90  90  90  PHE PHE A . n 
A 1 91  GLU 91  91  91  GLU GLU A . n 
A 1 92  ASP 92  92  92  ASP ASP A . n 
A 1 93  ILE 93  93  93  ILE ILE A . n 
A 1 94  HIS 94  94  94  HIS HIS A . n 
A 1 95  GLN 95  95  95  GLN GLN A . n 
A 1 96  TYR 96  96  96  TYR TYR A . n 
A 1 97  ARG 97  97  97  ARG ARG A . n 
A 1 98  GLU 98  98  98  GLU GLU A . n 
A 1 99  GLN 99  99  99  GLN GLN A . n 
A 1 100 ILE 100 100 100 ILE ILE A . n 
A 1 101 LYS 101 101 101 LYS LYS A . n 
A 1 102 ARG 102 102 102 ARG ARG A . n 
A 1 103 VAL 103 103 103 VAL VAL A . n 
A 1 104 LYS 104 104 104 LYS LYS A . n 
A 1 105 ASP 105 105 105 ASP ASP A . n 
A 1 106 SER 106 106 106 SER SER A . n 
A 1 107 ASP 107 107 107 ASP ASP A . n 
A 1 108 ASP 108 108 108 ASP ASP A . n 
A 1 109 VAL 109 109 109 VAL VAL A . n 
A 1 110 PRO 110 110 110 PRO PRO A . n 
A 1 111 MET 111 111 111 MET MET A . n 
A 1 112 VAL 112 112 112 VAL VAL A . n 
A 1 113 LEU 113 113 113 LEU LEU A . n 
A 1 114 VAL 114 114 114 VAL VAL A . n 
A 1 115 GLY 115 115 115 GLY GLY A . n 
A 1 116 ASN 116 116 116 ASN ASN A . n 
A 1 117 ARG 117 117 117 ARG ARG A . n 
A 1 118 CYS 118 118 118 CYS CYS A . n 
A 1 119 ASP 119 119 119 ASP ASP A . n 
A 1 120 LEU 120 120 120 LEU LEU A . n 
A 1 121 ALA 121 121 121 ALA ALA A . n 
A 1 122 ALA 122 122 122 ALA ALA A . n 
A 1 123 ARG 123 123 123 ARG ARG A . n 
A 1 124 THR 124 124 124 THR THR A . n 
A 1 125 VAL 125 125 125 VAL VAL A . n 
A 1 126 GLU 126 126 126 GLU GLU A . n 
A 1 127 SER 127 127 127 SER SER A . n 
A 1 128 ARG 128 128 128 ARG ARG A . n 
A 1 129 GLN 129 129 129 GLN GLN A . n 
A 1 130 ALA 130 130 130 ALA ALA A . n 
A 1 131 GLN 131 131 131 GLN GLN A . n 
A 1 132 ASP 132 132 132 ASP ASP A . n 
A 1 133 LEU 133 133 133 LEU LEU A . n 
A 1 134 ALA 134 134 134 ALA ALA A . n 
A 1 135 ARG 135 135 135 ARG ARG A . n 
A 1 136 SER 136 136 136 SER SER A . n 
A 1 137 TYR 137 137 137 TYR TYR A . n 
A 1 138 GLY 138 138 138 GLY GLY A . n 
A 1 139 ILE 139 139 139 ILE ILE A . n 
A 1 140 PRO 140 140 140 PRO PRO A . n 
A 1 141 TYR 141 141 141 TYR TYR A . n 
A 1 142 ILE 142 142 142 ILE ILE A . n 
A 1 143 GLU 143 143 143 GLU GLU A . n 
A 1 144 THR 144 144 144 THR THR A . n 
A 1 145 SER 145 145 145 SER SER A . n 
A 1 146 ALA 146 146 146 ALA ALA A . n 
A 1 147 LYS 147 147 147 LYS LYS A . n 
A 1 148 THR 148 148 148 THR THR A . n 
A 1 149 ARG 149 149 149 ARG ARG A . n 
A 1 150 GLN 150 150 150 GLN GLN A . n 
A 1 151 GLY 151 151 151 GLY GLY A . n 
A 1 152 VAL 152 152 152 VAL VAL A . n 
A 1 153 GLU 153 153 153 GLU GLU A . n 
A 1 154 ASP 154 154 154 ASP ASP A . n 
A 1 155 ALA 155 155 155 ALA ALA A . n 
A 1 156 PHE 156 156 156 PHE PHE A . n 
A 1 157 TYR 157 157 157 TYR TYR A . n 
A 1 158 THR 158 158 158 THR THR A . n 
A 1 159 LEU 159 159 159 LEU LEU A . n 
A 1 160 VAL 160 160 160 VAL VAL A . n 
A 1 161 ARG 161 161 161 ARG ARG A . n 
A 1 162 GLU 162 162 162 GLU GLU A . n 
A 1 163 ILE 163 163 163 ILE ILE A . n 
A 1 164 ARG 164 164 164 ARG ARG A . n 
A 1 165 GLN 165 165 165 GLN GLN A . n 
A 1 166 HIS 166 166 166 HIS HIS A . n 
# 
loop_
_pdbx_nonpoly_scheme.asym_id 
_pdbx_nonpoly_scheme.entity_id 
_pdbx_nonpoly_scheme.mon_id 
_pdbx_nonpoly_scheme.ndb_seq_num 
_pdbx_nonpoly_scheme.pdb_seq_num 
_pdbx_nonpoly_scheme.auth_seq_num 
_pdbx_nonpoly_scheme.pdb_mon_id 
_pdbx_nonpoly_scheme.auth_mon_id 
_pdbx_nonpoly_scheme.pdb_strand_id 
_pdbx_nonpoly_scheme.pdb_ins_code 
B 2 MG  1   273 273 MG  MG  A . 
C 3 GDP 1   180 180 GDP GDP A . 
D 4 HOH 1   274 1   HOH HOH A . 
D 4 HOH 2   275 2   HOH HOH A . 
D 4 HOH 3   276 3   HOH HOH A . 
D 4 HOH 4   277 4   HOH HOH A . 
D 4 HOH 5   278 5   HOH HOH A . 
D 4 HOH 6   279 6   HOH HOH A . 
D 4 HOH 7   280 7   HOH HOH A . 
D 4 HOH 8   281 8   HOH HOH A . 
D 4 HOH 9   282 10  HOH HOH A . 
D 4 HOH 10  283 11  HOH HOH A . 
D 4 HOH 11  284 12  HOH HOH A . 
D 4 HOH 12  285 13  HOH HOH A . 
D 4 HOH 13  286 14  HOH HOH A . 
D 4 HOH 14  287 15  HOH HOH A . 
D 4 HOH 15  288 16  HOH HOH A . 
D 4 HOH 16  289 17  HOH HOH A . 
D 4 HOH 17  290 18  HOH HOH A . 
D 4 HOH 18  291 19  HOH HOH A . 
D 4 HOH 19  292 20  HOH HOH A . 
D 4 HOH 20  293 21  HOH HOH A . 
D 4 HOH 21  294 22  HOH HOH A . 
D 4 HOH 22  295 23  HOH HOH A . 
D 4 HOH 23  296 24  HOH HOH A . 
D 4 HOH 24  297 26  HOH HOH A . 
D 4 HOH 25  298 27  HOH HOH A . 
D 4 HOH 26  299 28  HOH HOH A . 
D 4 HOH 27  300 29  HOH HOH A . 
D 4 HOH 28  301 30  HOH HOH A . 
D 4 HOH 29  302 31  HOH HOH A . 
D 4 HOH 30  303 32  HOH HOH A . 
D 4 HOH 31  304 34  HOH HOH A . 
D 4 HOH 32  305 35  HOH HOH A . 
D 4 HOH 33  306 36  HOH HOH A . 
D 4 HOH 34  307 37  HOH HOH A . 
D 4 HOH 35  308 39  HOH HOH A . 
D 4 HOH 36  309 40  HOH HOH A . 
D 4 HOH 37  310 41  HOH HOH A . 
D 4 HOH 38  311 44  HOH HOH A . 
D 4 HOH 39  312 45  HOH HOH A . 
D 4 HOH 40  313 46  HOH HOH A . 
D 4 HOH 41  314 47  HOH HOH A . 
D 4 HOH 42  315 48  HOH HOH A . 
D 4 HOH 43  316 50  HOH HOH A . 
D 4 HOH 44  317 51  HOH HOH A . 
D 4 HOH 45  318 53  HOH HOH A . 
D 4 HOH 46  319 54  HOH HOH A . 
D 4 HOH 47  320 58  HOH HOH A . 
D 4 HOH 48  321 60  HOH HOH A . 
D 4 HOH 49  322 62  HOH HOH A . 
D 4 HOH 50  323 63  HOH HOH A . 
D 4 HOH 51  324 65  HOH HOH A . 
D 4 HOH 52  325 69  HOH HOH A . 
D 4 HOH 53  326 70  HOH HOH A . 
D 4 HOH 54  327 71  HOH HOH A . 
D 4 HOH 55  328 73  HOH HOH A . 
D 4 HOH 56  329 74  HOH HOH A . 
D 4 HOH 57  330 75  HOH HOH A . 
D 4 HOH 58  331 76  HOH HOH A . 
D 4 HOH 59  332 77  HOH HOH A . 
D 4 HOH 60  333 78  HOH HOH A . 
D 4 HOH 61  334 79  HOH HOH A . 
D 4 HOH 62  335 80  HOH HOH A . 
D 4 HOH 63  336 81  HOH HOH A . 
D 4 HOH 64  337 84  HOH HOH A . 
D 4 HOH 65  338 85  HOH HOH A . 
D 4 HOH 66  339 87  HOH HOH A . 
D 4 HOH 67  340 88  HOH HOH A . 
D 4 HOH 68  341 90  HOH HOH A . 
D 4 HOH 69  342 93  HOH HOH A . 
D 4 HOH 70  343 94  HOH HOH A . 
D 4 HOH 71  344 95  HOH HOH A . 
D 4 HOH 72  345 96  HOH HOH A . 
D 4 HOH 73  346 99  HOH HOH A . 
D 4 HOH 74  347 101 HOH HOH A . 
D 4 HOH 75  348 102 HOH HOH A . 
D 4 HOH 76  349 108 HOH HOH A . 
D 4 HOH 77  350 109 HOH HOH A . 
D 4 HOH 78  351 110 HOH HOH A . 
D 4 HOH 79  352 111 HOH HOH A . 
D 4 HOH 80  353 112 HOH HOH A . 
D 4 HOH 81  354 113 HOH HOH A . 
D 4 HOH 82  355 116 HOH HOH A . 
D 4 HOH 83  356 117 HOH HOH A . 
D 4 HOH 84  357 118 HOH HOH A . 
D 4 HOH 85  358 121 HOH HOH A . 
D 4 HOH 86  359 124 HOH HOH A . 
D 4 HOH 87  360 127 HOH HOH A . 
D 4 HOH 88  361 128 HOH HOH A . 
D 4 HOH 89  362 133 HOH HOH A . 
D 4 HOH 90  363 134 HOH HOH A . 
D 4 HOH 91  364 136 HOH HOH A . 
D 4 HOH 92  365 140 HOH HOH A . 
D 4 HOH 93  366 142 HOH HOH A . 
D 4 HOH 94  367 143 HOH HOH A . 
D 4 HOH 95  368 149 HOH HOH A . 
D 4 HOH 96  369 151 HOH HOH A . 
D 4 HOH 97  370 152 HOH HOH A . 
D 4 HOH 98  371 153 HOH HOH A . 
D 4 HOH 99  372 154 HOH HOH A . 
D 4 HOH 100 373 156 HOH HOH A . 
D 4 HOH 101 374 157 HOH HOH A . 
D 4 HOH 102 375 158 HOH HOH A . 
D 4 HOH 103 376 159 HOH HOH A . 
D 4 HOH 104 377 160 HOH HOH A . 
D 4 HOH 105 378 161 HOH HOH A . 
D 4 HOH 106 379 162 HOH HOH A . 
D 4 HOH 107 380 163 HOH HOH A . 
D 4 HOH 108 381 165 HOH HOH A . 
D 4 HOH 109 382 166 HOH HOH A . 
D 4 HOH 110 383 167 HOH HOH A . 
D 4 HOH 111 384 168 HOH HOH A . 
# 
_pdbx_struct_assembly.id                   1 
_pdbx_struct_assembly.details              author_and_software_defined_assembly 
_pdbx_struct_assembly.method_details       PISA 
_pdbx_struct_assembly.oligomeric_details   monomeric 
_pdbx_struct_assembly.oligomeric_count     1 
# 
_pdbx_struct_assembly_gen.assembly_id       1 
_pdbx_struct_assembly_gen.oper_expression   1 
_pdbx_struct_assembly_gen.asym_id_list      A,B,C,D 
# 
_pdbx_struct_oper_list.id                   1 
_pdbx_struct_oper_list.type                 'identity operation' 
_pdbx_struct_oper_list.name                 1_555 
_pdbx_struct_oper_list.symmetry_operation   x,y,z 
_pdbx_struct_oper_list.matrix[1][1]         1.0000000000 
_pdbx_struct_oper_list.matrix[1][2]         0.0000000000 
_pdbx_struct_oper_list.matrix[1][3]         0.0000000000 
_pdbx_struct_oper_list.vector[1]            0.0000000000 
_pdbx_struct_oper_list.matrix[2][1]         0.0000000000 
_pdbx_struct_oper_list.matrix[2][2]         1.0000000000 
_pdbx_struct_oper_list.matrix[2][3]         0.0000000000 
_pdbx_struct_oper_list.vector[2]            0.0000000000 
_pdbx_struct_oper_list.matrix[3][1]         0.0000000000 
_pdbx_struct_oper_list.matrix[3][2]         0.0000000000 
_pdbx_struct_oper_list.matrix[3][3]         1.0000000000 
_pdbx_struct_oper_list.vector[3]            0.0000000000 
# 
loop_
_pdbx_struct_special_symmetry.id 
_pdbx_struct_special_symmetry.PDB_model_num 
_pdbx_struct_special_symmetry.auth_asym_id 
_pdbx_struct_special_symmetry.auth_comp_id 
_pdbx_struct_special_symmetry.auth_seq_id 
_pdbx_struct_special_symmetry.PDB_ins_code 
_pdbx_struct_special_symmetry.label_asym_id 
_pdbx_struct_special_symmetry.label_comp_id 
_pdbx_struct_special_symmetry.label_seq_id 
1 1 A HOH 320 ? D HOH . 
2 1 A HOH 328 ? D HOH . 
3 1 A HOH 375 ? D HOH . 
# 
loop_
_pdbx_struct_conn_angle.id 
_pdbx_struct_conn_angle.ptnr1_label_atom_id 
_pdbx_struct_conn_angle.ptnr1_label_alt_id 
_pdbx_struct_conn_angle.ptnr1_label_asym_id 
_pdbx_struct_conn_angle.ptnr1_label_comp_id 
_pdbx_struct_conn_angle.ptnr1_label_seq_id 
_pdbx_struct_conn_angle.ptnr1_auth_atom_id 
_pdbx_struct_conn_angle.ptnr1_auth_asym_id 
_pdbx_struct_conn_angle.ptnr1_auth_comp_id 
_pdbx_struct_conn_angle.ptnr1_auth_seq_id 
_pdbx_struct_conn_angle.ptnr1_PDB_ins_code 
_pdbx_struct_conn_angle.ptnr1_symmetry 
_pdbx_struct_conn_angle.ptnr2_label_atom_id 
_pdbx_struct_conn_angle.ptnr2_label_alt_id 
_pdbx_struct_conn_angle.ptnr2_label_asym_id 
_pdbx_struct_conn_angle.ptnr2_label_comp_id 
_pdbx_struct_conn_angle.ptnr2_label_seq_id 
_pdbx_struct_conn_angle.ptnr2_auth_atom_id 
_pdbx_struct_conn_angle.ptnr2_auth_asym_id 
_pdbx_struct_conn_angle.ptnr2_auth_comp_id 
_pdbx_struct_conn_angle.ptnr2_auth_seq_id 
_pdbx_struct_conn_angle.ptnr2_PDB_ins_code 
_pdbx_struct_conn_angle.ptnr2_symmetry 
_pdbx_struct_conn_angle.ptnr3_label_atom_id 
_pdbx_struct_conn_angle.ptnr3_label_alt_id 
_pdbx_struct_conn_angle.ptnr3_label_asym_id 
_pdbx_struct_conn_angle.ptnr3_label_comp_id 
_pdbx_struct_conn_angle.ptnr3_label_seq_id 
_pdbx_struct_conn_angle.ptnr3_auth_atom_id 
_pdbx_struct_conn_angle.ptnr3_auth_asym_id 
_pdbx_struct_conn_angle.ptnr3_auth_comp_id 
_pdbx_struct_conn_angle.ptnr3_auth_seq_id 
_pdbx_struct_conn_angle.ptnr3_PDB_ins_code 
_pdbx_struct_conn_angle.ptnr3_symmetry 
_pdbx_struct_conn_angle.value 
_pdbx_struct_conn_angle.value_esd 
1  OG  ? A SER 17 ? A SER 17  ? 1_555 MG ? B MG . ? A MG 273 ? 1_555 O3B ? C GDP . ? A GDP 180 ? 1_555 91.8  ? 
2  OG  ? A SER 17 ? A SER 17  ? 1_555 MG ? B MG . ? A MG 273 ? 1_555 O   ? D HOH . ? A HOH 371 ? 1_555 85.4  ? 
3  O3B ? C GDP .  ? A GDP 180 ? 1_555 MG ? B MG . ? A MG 273 ? 1_555 O   ? D HOH . ? A HOH 371 ? 1_555 94.3  ? 
4  OG  ? A SER 17 ? A SER 17  ? 1_555 MG ? B MG . ? A MG 273 ? 1_555 O   ? D HOH . ? A HOH 372 ? 1_555 89.9  ? 
5  O3B ? C GDP .  ? A GDP 180 ? 1_555 MG ? B MG . ? A MG 273 ? 1_555 O   ? D HOH . ? A HOH 372 ? 1_555 85.7  ? 
6  O   ? D HOH .  ? A HOH 371 ? 1_555 MG ? B MG . ? A MG 273 ? 1_555 O   ? D HOH . ? A HOH 372 ? 1_555 175.3 ? 
7  OG  ? A SER 17 ? A SER 17  ? 1_555 MG ? B MG . ? A MG 273 ? 1_555 O   ? D HOH . ? A HOH 373 ? 1_555 175.7 ? 
8  O3B ? C GDP .  ? A GDP 180 ? 1_555 MG ? B MG . ? A MG 273 ? 1_555 O   ? D HOH . ? A HOH 373 ? 1_555 91.5  ? 
9  O   ? D HOH .  ? A HOH 371 ? 1_555 MG ? B MG . ? A MG 273 ? 1_555 O   ? D HOH . ? A HOH 373 ? 1_555 91.7  ? 
10 O   ? D HOH .  ? A HOH 372 ? 1_555 MG ? B MG . ? A MG 273 ? 1_555 O   ? D HOH . ? A HOH 373 ? 1_555 93.0  ? 
11 OG  ? A SER 17 ? A SER 17  ? 1_555 MG ? B MG . ? A MG 273 ? 1_555 O   ? D HOH . ? A HOH 378 ? 1_555 88.3  ? 
12 O3B ? C GDP .  ? A GDP 180 ? 1_555 MG ? B MG . ? A MG 273 ? 1_555 O   ? D HOH . ? A HOH 378 ? 1_555 169.4 ? 
13 O   ? D HOH .  ? A HOH 371 ? 1_555 MG ? B MG . ? A MG 273 ? 1_555 O   ? D HOH . ? A HOH 378 ? 1_555 96.3  ? 
14 O   ? D HOH .  ? A HOH 372 ? 1_555 MG ? B MG . ? A MG 273 ? 1_555 O   ? D HOH . ? A HOH 378 ? 1_555 83.7  ? 
15 O   ? D HOH .  ? A HOH 373 ? 1_555 MG ? B MG . ? A MG 273 ? 1_555 O   ? D HOH . ? A HOH 378 ? 1_555 88.9  ? 
# 
loop_
_pdbx_audit_revision_history.ordinal 
_pdbx_audit_revision_history.data_content_type 
_pdbx_audit_revision_history.major_revision 
_pdbx_audit_revision_history.minor_revision 
_pdbx_audit_revision_history.revision_date 
1 'Structure model' 1 0 2007-12-11 
2 'Structure model' 1 1 2011-07-13 
3 'Structure model' 1 2 2021-10-20 
4 'Structure model' 1 3 2023-08-30 
# 
_pdbx_audit_revision_details.ordinal             1 
_pdbx_audit_revision_details.revision_ordinal    1 
_pdbx_audit_revision_details.data_content_type   'Structure model' 
_pdbx_audit_revision_details.provider            repository 
_pdbx_audit_revision_details.type                'Initial release' 
_pdbx_audit_revision_details.description         ? 
_pdbx_audit_revision_details.details             ? 
# 
loop_
_pdbx_audit_revision_group.ordinal 
_pdbx_audit_revision_group.revision_ordinal 
_pdbx_audit_revision_group.data_content_type 
_pdbx_audit_revision_group.group 
1 2 'Structure model' 'Version format compliance' 
2 3 'Structure model' 'Database references'       
3 3 'Structure model' 'Derived calculations'      
4 4 'Structure model' 'Data collection'           
5 4 'Structure model' 'Refinement description'    
# 
loop_
_pdbx_audit_revision_category.ordinal 
_pdbx_audit_revision_category.revision_ordinal 
_pdbx_audit_revision_category.data_content_type 
_pdbx_audit_revision_category.category 
1 3 'Structure model' database_2                    
2 3 'Structure model' pdbx_struct_conn_angle        
3 3 'Structure model' struct_conn                   
4 3 'Structure model' struct_ref_seq_dif            
5 3 'Structure model' struct_site                   
6 4 'Structure model' chem_comp_atom                
7 4 'Structure model' chem_comp_bond                
8 4 'Structure model' pdbx_initial_refinement_model 
# 
loop_
_pdbx_audit_revision_item.ordinal 
_pdbx_audit_revision_item.revision_ordinal 
_pdbx_audit_revision_item.data_content_type 
_pdbx_audit_revision_item.item 
1  3 'Structure model' '_database_2.pdbx_DOI'                      
2  3 'Structure model' '_database_2.pdbx_database_accession'       
3  3 'Structure model' '_pdbx_struct_conn_angle.ptnr1_auth_seq_id' 
4  3 'Structure model' '_pdbx_struct_conn_angle.ptnr3_auth_seq_id' 
5  3 'Structure model' '_pdbx_struct_conn_angle.value'             
6  3 'Structure model' '_struct_conn.pdbx_dist_value'              
7  3 'Structure model' '_struct_conn.ptnr1_auth_comp_id'           
8  3 'Structure model' '_struct_conn.ptnr1_auth_seq_id'            
9  3 'Structure model' '_struct_conn.ptnr1_label_asym_id'          
10 3 'Structure model' '_struct_conn.ptnr1_label_atom_id'          
11 3 'Structure model' '_struct_conn.ptnr1_label_comp_id'          
12 3 'Structure model' '_struct_conn.ptnr2_auth_comp_id'           
13 3 'Structure model' '_struct_conn.ptnr2_auth_seq_id'            
14 3 'Structure model' '_struct_conn.ptnr2_label_asym_id'          
15 3 'Structure model' '_struct_conn.ptnr2_label_atom_id'          
16 3 'Structure model' '_struct_conn.ptnr2_label_comp_id'          
17 3 'Structure model' '_struct_ref_seq_dif.details'               
18 3 'Structure model' '_struct_site.pdbx_auth_asym_id'            
19 3 'Structure model' '_struct_site.pdbx_auth_comp_id'            
20 3 'Structure model' '_struct_site.pdbx_auth_seq_id'             
# 
_pdbx_phasing_MR.entry_id                     2QUZ 
_pdbx_phasing_MR.method_rotation              ? 
_pdbx_phasing_MR.method_translation           ? 
_pdbx_phasing_MR.model_details                'Phaser MODE: MR_AUTO' 
_pdbx_phasing_MR.R_factor                     ? 
_pdbx_phasing_MR.R_rigid_body                 ? 
_pdbx_phasing_MR.correlation_coeff_Fo_to_Fc   ? 
_pdbx_phasing_MR.correlation_coeff_Io_to_Ic   ? 
_pdbx_phasing_MR.d_res_high_rotation          2.500 
_pdbx_phasing_MR.d_res_low_rotation           23.020 
_pdbx_phasing_MR.d_res_high_translation       2.500 
_pdbx_phasing_MR.d_res_low_translation        23.020 
_pdbx_phasing_MR.packing                      ? 
_pdbx_phasing_MR.reflns_percent_rotation      ? 
_pdbx_phasing_MR.reflns_percent_translation   ? 
_pdbx_phasing_MR.sigma_F_rotation             ? 
_pdbx_phasing_MR.sigma_F_translation          ? 
_pdbx_phasing_MR.sigma_I_rotation             ? 
_pdbx_phasing_MR.sigma_I_translation          ? 
# 
_phasing.method   MR 
# 
loop_
_software.name 
_software.version 
_software.date 
_software.type 
_software.contact_author 
_software.contact_author_email 
_software.classification 
_software.location 
_software.language 
_software.citation_id 
_software.pdbx_ordinal 
XSCALE      .       ?              package 'Wolfgang Kabsch' ?                           'data scaling'    
http://www.mpimf-heidelberg.mpg.de/~kabsch/xds/xscale_program.html ?          ? 1 
PHASER      .       ?              other   'R. J. Read'      cimr-phaser@lists.cam.ac.uk phasing           
http://www-structmed.cimr.cam.ac.uk/phaser/                        ?          ? 2 
REFMAC      .       ?              program 'Murshudov, G.N.' ccp4@dl.ac.uk               refinement        
http://www.ccp4.ac.uk/main.html                                    Fortran_77 ? 3 
PDB_EXTRACT 3.000   'July 2, 2007' package PDB               sw-help@rcsb.rutgers.edu    'data extraction' 
http://pdb.rutgers.edu/software/                                   C++        ? 4 
ADSC        Quantum ?              ?       ?                 ?                           'data collection' ? ?          ? 5 
XDS         .       ?              ?       ?                 ?                           'data reduction'  ? ?          ? 6 
# 
loop_
_pdbx_validate_torsion.id 
_pdbx_validate_torsion.PDB_model_num 
_pdbx_validate_torsion.auth_comp_id 
_pdbx_validate_torsion.auth_asym_id 
_pdbx_validate_torsion.auth_seq_id 
_pdbx_validate_torsion.PDB_ins_code 
_pdbx_validate_torsion.label_alt_id 
_pdbx_validate_torsion.phi 
_pdbx_validate_torsion.psi 
1 1 ASP A 33  ? ? -36.33 115.87 
2 1 GLU A 62  ? ? 38.86  42.62  
3 1 ARG A 117 ? ? 71.90  35.41  
4 1 ARG A 149 ? ? 82.94  -4.20  
# 
loop_
_chem_comp_atom.comp_id 
_chem_comp_atom.atom_id 
_chem_comp_atom.type_symbol 
_chem_comp_atom.pdbx_aromatic_flag 
_chem_comp_atom.pdbx_stereo_config 
_chem_comp_atom.pdbx_ordinal 
ALA N      N  N N 1   
ALA CA     C  N S 2   
ALA C      C  N N 3   
ALA O      O  N N 4   
ALA CB     C  N N 5   
ALA OXT    O  N N 6   
ALA H      H  N N 7   
ALA H2     H  N N 8   
ALA HA     H  N N 9   
ALA HB1    H  N N 10  
ALA HB2    H  N N 11  
ALA HB3    H  N N 12  
ALA HXT    H  N N 13  
ARG N      N  N N 14  
ARG CA     C  N S 15  
ARG C      C  N N 16  
ARG O      O  N N 17  
ARG CB     C  N N 18  
ARG CG     C  N N 19  
ARG CD     C  N N 20  
ARG NE     N  N N 21  
ARG CZ     C  N N 22  
ARG NH1    N  N N 23  
ARG NH2    N  N N 24  
ARG OXT    O  N N 25  
ARG H      H  N N 26  
ARG H2     H  N N 27  
ARG HA     H  N N 28  
ARG HB2    H  N N 29  
ARG HB3    H  N N 30  
ARG HG2    H  N N 31  
ARG HG3    H  N N 32  
ARG HD2    H  N N 33  
ARG HD3    H  N N 34  
ARG HE     H  N N 35  
ARG HH11   H  N N 36  
ARG HH12   H  N N 37  
ARG HH21   H  N N 38  
ARG HH22   H  N N 39  
ARG HXT    H  N N 40  
ASN N      N  N N 41  
ASN CA     C  N S 42  
ASN C      C  N N 43  
ASN O      O  N N 44  
ASN CB     C  N N 45  
ASN CG     C  N N 46  
ASN OD1    O  N N 47  
ASN ND2    N  N N 48  
ASN OXT    O  N N 49  
ASN H      H  N N 50  
ASN H2     H  N N 51  
ASN HA     H  N N 52  
ASN HB2    H  N N 53  
ASN HB3    H  N N 54  
ASN HD21   H  N N 55  
ASN HD22   H  N N 56  
ASN HXT    H  N N 57  
ASP N      N  N N 58  
ASP CA     C  N S 59  
ASP C      C  N N 60  
ASP O      O  N N 61  
ASP CB     C  N N 62  
ASP CG     C  N N 63  
ASP OD1    O  N N 64  
ASP OD2    O  N N 65  
ASP OXT    O  N N 66  
ASP H      H  N N 67  
ASP H2     H  N N 68  
ASP HA     H  N N 69  
ASP HB2    H  N N 70  
ASP HB3    H  N N 71  
ASP HD2    H  N N 72  
ASP HXT    H  N N 73  
CYS N      N  N N 74  
CYS CA     C  N R 75  
CYS C      C  N N 76  
CYS O      O  N N 77  
CYS CB     C  N N 78  
CYS SG     S  N N 79  
CYS OXT    O  N N 80  
CYS H      H  N N 81  
CYS H2     H  N N 82  
CYS HA     H  N N 83  
CYS HB2    H  N N 84  
CYS HB3    H  N N 85  
CYS HG     H  N N 86  
CYS HXT    H  N N 87  
GDP PB     P  N N 88  
GDP O1B    O  N N 89  
GDP O2B    O  N N 90  
GDP O3B    O  N N 91  
GDP O3A    O  N N 92  
GDP PA     P  N N 93  
GDP O1A    O  N N 94  
GDP O2A    O  N N 95  
GDP "O5'"  O  N N 96  
GDP "C5'"  C  N N 97  
GDP "C4'"  C  N R 98  
GDP "O4'"  O  N N 99  
GDP "C3'"  C  N S 100 
GDP "O3'"  O  N N 101 
GDP "C2'"  C  N R 102 
GDP "O2'"  O  N N 103 
GDP "C1'"  C  N R 104 
GDP N9     N  Y N 105 
GDP C8     C  Y N 106 
GDP N7     N  Y N 107 
GDP C5     C  Y N 108 
GDP C6     C  N N 109 
GDP O6     O  N N 110 
GDP N1     N  N N 111 
GDP C2     C  N N 112 
GDP N2     N  N N 113 
GDP N3     N  N N 114 
GDP C4     C  Y N 115 
GDP HOB2   H  N N 116 
GDP HOB3   H  N N 117 
GDP HOA2   H  N N 118 
GDP "H5'"  H  N N 119 
GDP "H5''" H  N N 120 
GDP "H4'"  H  N N 121 
GDP "H3'"  H  N N 122 
GDP "HO3'" H  N N 123 
GDP "H2'"  H  N N 124 
GDP "HO2'" H  N N 125 
GDP "H1'"  H  N N 126 
GDP H8     H  N N 127 
GDP HN1    H  N N 128 
GDP HN21   H  N N 129 
GDP HN22   H  N N 130 
GLN N      N  N N 131 
GLN CA     C  N S 132 
GLN C      C  N N 133 
GLN O      O  N N 134 
GLN CB     C  N N 135 
GLN CG     C  N N 136 
GLN CD     C  N N 137 
GLN OE1    O  N N 138 
GLN NE2    N  N N 139 
GLN OXT    O  N N 140 
GLN H      H  N N 141 
GLN H2     H  N N 142 
GLN HA     H  N N 143 
GLN HB2    H  N N 144 
GLN HB3    H  N N 145 
GLN HG2    H  N N 146 
GLN HG3    H  N N 147 
GLN HE21   H  N N 148 
GLN HE22   H  N N 149 
GLN HXT    H  N N 150 
GLU N      N  N N 151 
GLU CA     C  N S 152 
GLU C      C  N N 153 
GLU O      O  N N 154 
GLU CB     C  N N 155 
GLU CG     C  N N 156 
GLU CD     C  N N 157 
GLU OE1    O  N N 158 
GLU OE2    O  N N 159 
GLU OXT    O  N N 160 
GLU H      H  N N 161 
GLU H2     H  N N 162 
GLU HA     H  N N 163 
GLU HB2    H  N N 164 
GLU HB3    H  N N 165 
GLU HG2    H  N N 166 
GLU HG3    H  N N 167 
GLU HE2    H  N N 168 
GLU HXT    H  N N 169 
GLY N      N  N N 170 
GLY CA     C  N N 171 
GLY C      C  N N 172 
GLY O      O  N N 173 
GLY OXT    O  N N 174 
GLY H      H  N N 175 
GLY H2     H  N N 176 
GLY HA2    H  N N 177 
GLY HA3    H  N N 178 
GLY HXT    H  N N 179 
HIS N      N  N N 180 
HIS CA     C  N S 181 
HIS C      C  N N 182 
HIS O      O  N N 183 
HIS CB     C  N N 184 
HIS CG     C  Y N 185 
HIS ND1    N  Y N 186 
HIS CD2    C  Y N 187 
HIS CE1    C  Y N 188 
HIS NE2    N  Y N 189 
HIS OXT    O  N N 190 
HIS H      H  N N 191 
HIS H2     H  N N 192 
HIS HA     H  N N 193 
HIS HB2    H  N N 194 
HIS HB3    H  N N 195 
HIS HD1    H  N N 196 
HIS HD2    H  N N 197 
HIS HE1    H  N N 198 
HIS HE2    H  N N 199 
HIS HXT    H  N N 200 
HOH O      O  N N 201 
HOH H1     H  N N 202 
HOH H2     H  N N 203 
ILE N      N  N N 204 
ILE CA     C  N S 205 
ILE C      C  N N 206 
ILE O      O  N N 207 
ILE CB     C  N S 208 
ILE CG1    C  N N 209 
ILE CG2    C  N N 210 
ILE CD1    C  N N 211 
ILE OXT    O  N N 212 
ILE H      H  N N 213 
ILE H2     H  N N 214 
ILE HA     H  N N 215 
ILE HB     H  N N 216 
ILE HG12   H  N N 217 
ILE HG13   H  N N 218 
ILE HG21   H  N N 219 
ILE HG22   H  N N 220 
ILE HG23   H  N N 221 
ILE HD11   H  N N 222 
ILE HD12   H  N N 223 
ILE HD13   H  N N 224 
ILE HXT    H  N N 225 
LEU N      N  N N 226 
LEU CA     C  N S 227 
LEU C      C  N N 228 
LEU O      O  N N 229 
LEU CB     C  N N 230 
LEU CG     C  N N 231 
LEU CD1    C  N N 232 
LEU CD2    C  N N 233 
LEU OXT    O  N N 234 
LEU H      H  N N 235 
LEU H2     H  N N 236 
LEU HA     H  N N 237 
LEU HB2    H  N N 238 
LEU HB3    H  N N 239 
LEU HG     H  N N 240 
LEU HD11   H  N N 241 
LEU HD12   H  N N 242 
LEU HD13   H  N N 243 
LEU HD21   H  N N 244 
LEU HD22   H  N N 245 
LEU HD23   H  N N 246 
LEU HXT    H  N N 247 
LYS N      N  N N 248 
LYS CA     C  N S 249 
LYS C      C  N N 250 
LYS O      O  N N 251 
LYS CB     C  N N 252 
LYS CG     C  N N 253 
LYS CD     C  N N 254 
LYS CE     C  N N 255 
LYS NZ     N  N N 256 
LYS OXT    O  N N 257 
LYS H      H  N N 258 
LYS H2     H  N N 259 
LYS HA     H  N N 260 
LYS HB2    H  N N 261 
LYS HB3    H  N N 262 
LYS HG2    H  N N 263 
LYS HG3    H  N N 264 
LYS HD2    H  N N 265 
LYS HD3    H  N N 266 
LYS HE2    H  N N 267 
LYS HE3    H  N N 268 
LYS HZ1    H  N N 269 
LYS HZ2    H  N N 270 
LYS HZ3    H  N N 271 
LYS HXT    H  N N 272 
MET N      N  N N 273 
MET CA     C  N S 274 
MET C      C  N N 275 
MET O      O  N N 276 
MET CB     C  N N 277 
MET CG     C  N N 278 
MET SD     S  N N 279 
MET CE     C  N N 280 
MET OXT    O  N N 281 
MET H      H  N N 282 
MET H2     H  N N 283 
MET HA     H  N N 284 
MET HB2    H  N N 285 
MET HB3    H  N N 286 
MET HG2    H  N N 287 
MET HG3    H  N N 288 
MET HE1    H  N N 289 
MET HE2    H  N N 290 
MET HE3    H  N N 291 
MET HXT    H  N N 292 
MG  MG     MG N N 293 
PHE N      N  N N 294 
PHE CA     C  N S 295 
PHE C      C  N N 296 
PHE O      O  N N 297 
PHE CB     C  N N 298 
PHE CG     C  Y N 299 
PHE CD1    C  Y N 300 
PHE CD2    C  Y N 301 
PHE CE1    C  Y N 302 
PHE CE2    C  Y N 303 
PHE CZ     C  Y N 304 
PHE OXT    O  N N 305 
PHE H      H  N N 306 
PHE H2     H  N N 307 
PHE HA     H  N N 308 
PHE HB2    H  N N 309 
PHE HB3    H  N N 310 
PHE HD1    H  N N 311 
PHE HD2    H  N N 312 
PHE HE1    H  N N 313 
PHE HE2    H  N N 314 
PHE HZ     H  N N 315 
PHE HXT    H  N N 316 
PRO N      N  N N 317 
PRO CA     C  N S 318 
PRO C      C  N N 319 
PRO O      O  N N 320 
PRO CB     C  N N 321 
PRO CG     C  N N 322 
PRO CD     C  N N 323 
PRO OXT    O  N N 324 
PRO H      H  N N 325 
PRO HA     H  N N 326 
PRO HB2    H  N N 327 
PRO HB3    H  N N 328 
PRO HG2    H  N N 329 
PRO HG3    H  N N 330 
PRO HD2    H  N N 331 
PRO HD3    H  N N 332 
PRO HXT    H  N N 333 
SER N      N  N N 334 
SER CA     C  N S 335 
SER C      C  N N 336 
SER O      O  N N 337 
SER CB     C  N N 338 
SER OG     O  N N 339 
SER OXT    O  N N 340 
SER H      H  N N 341 
SER H2     H  N N 342 
SER HA     H  N N 343 
SER HB2    H  N N 344 
SER HB3    H  N N 345 
SER HG     H  N N 346 
SER HXT    H  N N 347 
THR N      N  N N 348 
THR CA     C  N S 349 
THR C      C  N N 350 
THR O      O  N N 351 
THR CB     C  N R 352 
THR OG1    O  N N 353 
THR CG2    C  N N 354 
THR OXT    O  N N 355 
THR H      H  N N 356 
THR H2     H  N N 357 
THR HA     H  N N 358 
THR HB     H  N N 359 
THR HG1    H  N N 360 
THR HG21   H  N N 361 
THR HG22   H  N N 362 
THR HG23   H  N N 363 
THR HXT    H  N N 364 
TYR N      N  N N 365 
TYR CA     C  N S 366 
TYR C      C  N N 367 
TYR O      O  N N 368 
TYR CB     C  N N 369 
TYR CG     C  Y N 370 
TYR CD1    C  Y N 371 
TYR CD2    C  Y N 372 
TYR CE1    C  Y N 373 
TYR CE2    C  Y N 374 
TYR CZ     C  Y N 375 
TYR OH     O  N N 376 
TYR OXT    O  N N 377 
TYR H      H  N N 378 
TYR H2     H  N N 379 
TYR HA     H  N N 380 
TYR HB2    H  N N 381 
TYR HB3    H  N N 382 
TYR HD1    H  N N 383 
TYR HD2    H  N N 384 
TYR HE1    H  N N 385 
TYR HE2    H  N N 386 
TYR HH     H  N N 387 
TYR HXT    H  N N 388 
VAL N      N  N N 389 
VAL CA     C  N S 390 
VAL C      C  N N 391 
VAL O      O  N N 392 
VAL CB     C  N N 393 
VAL CG1    C  N N 394 
VAL CG2    C  N N 395 
VAL OXT    O  N N 396 
VAL H      H  N N 397 
VAL H2     H  N N 398 
VAL HA     H  N N 399 
VAL HB     H  N N 400 
VAL HG11   H  N N 401 
VAL HG12   H  N N 402 
VAL HG13   H  N N 403 
VAL HG21   H  N N 404 
VAL HG22   H  N N 405 
VAL HG23   H  N N 406 
VAL HXT    H  N N 407 
# 
loop_
_chem_comp_bond.comp_id 
_chem_comp_bond.atom_id_1 
_chem_comp_bond.atom_id_2 
_chem_comp_bond.value_order 
_chem_comp_bond.pdbx_aromatic_flag 
_chem_comp_bond.pdbx_stereo_config 
_chem_comp_bond.pdbx_ordinal 
ALA N     CA     sing N N 1   
ALA N     H      sing N N 2   
ALA N     H2     sing N N 3   
ALA CA    C      sing N N 4   
ALA CA    CB     sing N N 5   
ALA CA    HA     sing N N 6   
ALA C     O      doub N N 7   
ALA C     OXT    sing N N 8   
ALA CB    HB1    sing N N 9   
ALA CB    HB2    sing N N 10  
ALA CB    HB3    sing N N 11  
ALA OXT   HXT    sing N N 12  
ARG N     CA     sing N N 13  
ARG N     H      sing N N 14  
ARG N     H2     sing N N 15  
ARG CA    C      sing N N 16  
ARG CA    CB     sing N N 17  
ARG CA    HA     sing N N 18  
ARG C     O      doub N N 19  
ARG C     OXT    sing N N 20  
ARG CB    CG     sing N N 21  
ARG CB    HB2    sing N N 22  
ARG CB    HB3    sing N N 23  
ARG CG    CD     sing N N 24  
ARG CG    HG2    sing N N 25  
ARG CG    HG3    sing N N 26  
ARG CD    NE     sing N N 27  
ARG CD    HD2    sing N N 28  
ARG CD    HD3    sing N N 29  
ARG NE    CZ     sing N N 30  
ARG NE    HE     sing N N 31  
ARG CZ    NH1    sing N N 32  
ARG CZ    NH2    doub N N 33  
ARG NH1   HH11   sing N N 34  
ARG NH1   HH12   sing N N 35  
ARG NH2   HH21   sing N N 36  
ARG NH2   HH22   sing N N 37  
ARG OXT   HXT    sing N N 38  
ASN N     CA     sing N N 39  
ASN N     H      sing N N 40  
ASN N     H2     sing N N 41  
ASN CA    C      sing N N 42  
ASN CA    CB     sing N N 43  
ASN CA    HA     sing N N 44  
ASN C     O      doub N N 45  
ASN C     OXT    sing N N 46  
ASN CB    CG     sing N N 47  
ASN CB    HB2    sing N N 48  
ASN CB    HB3    sing N N 49  
ASN CG    OD1    doub N N 50  
ASN CG    ND2    sing N N 51  
ASN ND2   HD21   sing N N 52  
ASN ND2   HD22   sing N N 53  
ASN OXT   HXT    sing N N 54  
ASP N     CA     sing N N 55  
ASP N     H      sing N N 56  
ASP N     H2     sing N N 57  
ASP CA    C      sing N N 58  
ASP CA    CB     sing N N 59  
ASP CA    HA     sing N N 60  
ASP C     O      doub N N 61  
ASP C     OXT    sing N N 62  
ASP CB    CG     sing N N 63  
ASP CB    HB2    sing N N 64  
ASP CB    HB3    sing N N 65  
ASP CG    OD1    doub N N 66  
ASP CG    OD2    sing N N 67  
ASP OD2   HD2    sing N N 68  
ASP OXT   HXT    sing N N 69  
CYS N     CA     sing N N 70  
CYS N     H      sing N N 71  
CYS N     H2     sing N N 72  
CYS CA    C      sing N N 73  
CYS CA    CB     sing N N 74  
CYS CA    HA     sing N N 75  
CYS C     O      doub N N 76  
CYS C     OXT    sing N N 77  
CYS CB    SG     sing N N 78  
CYS CB    HB2    sing N N 79  
CYS CB    HB3    sing N N 80  
CYS SG    HG     sing N N 81  
CYS OXT   HXT    sing N N 82  
GDP PB    O1B    doub N N 83  
GDP PB    O2B    sing N N 84  
GDP PB    O3B    sing N N 85  
GDP PB    O3A    sing N N 86  
GDP O2B   HOB2   sing N N 87  
GDP O3B   HOB3   sing N N 88  
GDP O3A   PA     sing N N 89  
GDP PA    O1A    doub N N 90  
GDP PA    O2A    sing N N 91  
GDP PA    "O5'"  sing N N 92  
GDP O2A   HOA2   sing N N 93  
GDP "O5'" "C5'"  sing N N 94  
GDP "C5'" "C4'"  sing N N 95  
GDP "C5'" "H5'"  sing N N 96  
GDP "C5'" "H5''" sing N N 97  
GDP "C4'" "O4'"  sing N N 98  
GDP "C4'" "C3'"  sing N N 99  
GDP "C4'" "H4'"  sing N N 100 
GDP "O4'" "C1'"  sing N N 101 
GDP "C3'" "O3'"  sing N N 102 
GDP "C3'" "C2'"  sing N N 103 
GDP "C3'" "H3'"  sing N N 104 
GDP "O3'" "HO3'" sing N N 105 
GDP "C2'" "O2'"  sing N N 106 
GDP "C2'" "C1'"  sing N N 107 
GDP "C2'" "H2'"  sing N N 108 
GDP "O2'" "HO2'" sing N N 109 
GDP "C1'" N9     sing N N 110 
GDP "C1'" "H1'"  sing N N 111 
GDP N9    C8     sing Y N 112 
GDP N9    C4     sing Y N 113 
GDP C8    N7     doub Y N 114 
GDP C8    H8     sing N N 115 
GDP N7    C5     sing Y N 116 
GDP C5    C6     sing N N 117 
GDP C5    C4     doub Y N 118 
GDP C6    O6     doub N N 119 
GDP C6    N1     sing N N 120 
GDP N1    C2     sing N N 121 
GDP N1    HN1    sing N N 122 
GDP C2    N2     sing N N 123 
GDP C2    N3     doub N N 124 
GDP N2    HN21   sing N N 125 
GDP N2    HN22   sing N N 126 
GDP N3    C4     sing N N 127 
GLN N     CA     sing N N 128 
GLN N     H      sing N N 129 
GLN N     H2     sing N N 130 
GLN CA    C      sing N N 131 
GLN CA    CB     sing N N 132 
GLN CA    HA     sing N N 133 
GLN C     O      doub N N 134 
GLN C     OXT    sing N N 135 
GLN CB    CG     sing N N 136 
GLN CB    HB2    sing N N 137 
GLN CB    HB3    sing N N 138 
GLN CG    CD     sing N N 139 
GLN CG    HG2    sing N N 140 
GLN CG    HG3    sing N N 141 
GLN CD    OE1    doub N N 142 
GLN CD    NE2    sing N N 143 
GLN NE2   HE21   sing N N 144 
GLN NE2   HE22   sing N N 145 
GLN OXT   HXT    sing N N 146 
GLU N     CA     sing N N 147 
GLU N     H      sing N N 148 
GLU N     H2     sing N N 149 
GLU CA    C      sing N N 150 
GLU CA    CB     sing N N 151 
GLU CA    HA     sing N N 152 
GLU C     O      doub N N 153 
GLU C     OXT    sing N N 154 
GLU CB    CG     sing N N 155 
GLU CB    HB2    sing N N 156 
GLU CB    HB3    sing N N 157 
GLU CG    CD     sing N N 158 
GLU CG    HG2    sing N N 159 
GLU CG    HG3    sing N N 160 
GLU CD    OE1    doub N N 161 
GLU CD    OE2    sing N N 162 
GLU OE2   HE2    sing N N 163 
GLU OXT   HXT    sing N N 164 
GLY N     CA     sing N N 165 
GLY N     H      sing N N 166 
GLY N     H2     sing N N 167 
GLY CA    C      sing N N 168 
GLY CA    HA2    sing N N 169 
GLY CA    HA3    sing N N 170 
GLY C     O      doub N N 171 
GLY C     OXT    sing N N 172 
GLY OXT   HXT    sing N N 173 
HIS N     CA     sing N N 174 
HIS N     H      sing N N 175 
HIS N     H2     sing N N 176 
HIS CA    C      sing N N 177 
HIS CA    CB     sing N N 178 
HIS CA    HA     sing N N 179 
HIS C     O      doub N N 180 
HIS C     OXT    sing N N 181 
HIS CB    CG     sing N N 182 
HIS CB    HB2    sing N N 183 
HIS CB    HB3    sing N N 184 
HIS CG    ND1    sing Y N 185 
HIS CG    CD2    doub Y N 186 
HIS ND1   CE1    doub Y N 187 
HIS ND1   HD1    sing N N 188 
HIS CD2   NE2    sing Y N 189 
HIS CD2   HD2    sing N N 190 
HIS CE1   NE2    sing Y N 191 
HIS CE1   HE1    sing N N 192 
HIS NE2   HE2    sing N N 193 
HIS OXT   HXT    sing N N 194 
HOH O     H1     sing N N 195 
HOH O     H2     sing N N 196 
ILE N     CA     sing N N 197 
ILE N     H      sing N N 198 
ILE N     H2     sing N N 199 
ILE CA    C      sing N N 200 
ILE CA    CB     sing N N 201 
ILE CA    HA     sing N N 202 
ILE C     O      doub N N 203 
ILE C     OXT    sing N N 204 
ILE CB    CG1    sing N N 205 
ILE CB    CG2    sing N N 206 
ILE CB    HB     sing N N 207 
ILE CG1   CD1    sing N N 208 
ILE CG1   HG12   sing N N 209 
ILE CG1   HG13   sing N N 210 
ILE CG2   HG21   sing N N 211 
ILE CG2   HG22   sing N N 212 
ILE CG2   HG23   sing N N 213 
ILE CD1   HD11   sing N N 214 
ILE CD1   HD12   sing N N 215 
ILE CD1   HD13   sing N N 216 
ILE OXT   HXT    sing N N 217 
LEU N     CA     sing N N 218 
LEU N     H      sing N N 219 
LEU N     H2     sing N N 220 
LEU CA    C      sing N N 221 
LEU CA    CB     sing N N 222 
LEU CA    HA     sing N N 223 
LEU C     O      doub N N 224 
LEU C     OXT    sing N N 225 
LEU CB    CG     sing N N 226 
LEU CB    HB2    sing N N 227 
LEU CB    HB3    sing N N 228 
LEU CG    CD1    sing N N 229 
LEU CG    CD2    sing N N 230 
LEU CG    HG     sing N N 231 
LEU CD1   HD11   sing N N 232 
LEU CD1   HD12   sing N N 233 
LEU CD1   HD13   sing N N 234 
LEU CD2   HD21   sing N N 235 
LEU CD2   HD22   sing N N 236 
LEU CD2   HD23   sing N N 237 
LEU OXT   HXT    sing N N 238 
LYS N     CA     sing N N 239 
LYS N     H      sing N N 240 
LYS N     H2     sing N N 241 
LYS CA    C      sing N N 242 
LYS CA    CB     sing N N 243 
LYS CA    HA     sing N N 244 
LYS C     O      doub N N 245 
LYS C     OXT    sing N N 246 
LYS CB    CG     sing N N 247 
LYS CB    HB2    sing N N 248 
LYS CB    HB3    sing N N 249 
LYS CG    CD     sing N N 250 
LYS CG    HG2    sing N N 251 
LYS CG    HG3    sing N N 252 
LYS CD    CE     sing N N 253 
LYS CD    HD2    sing N N 254 
LYS CD    HD3    sing N N 255 
LYS CE    NZ     sing N N 256 
LYS CE    HE2    sing N N 257 
LYS CE    HE3    sing N N 258 
LYS NZ    HZ1    sing N N 259 
LYS NZ    HZ2    sing N N 260 
LYS NZ    HZ3    sing N N 261 
LYS OXT   HXT    sing N N 262 
MET N     CA     sing N N 263 
MET N     H      sing N N 264 
MET N     H2     sing N N 265 
MET CA    C      sing N N 266 
MET CA    CB     sing N N 267 
MET CA    HA     sing N N 268 
MET C     O      doub N N 269 
MET C     OXT    sing N N 270 
MET CB    CG     sing N N 271 
MET CB    HB2    sing N N 272 
MET CB    HB3    sing N N 273 
MET CG    SD     sing N N 274 
MET CG    HG2    sing N N 275 
MET CG    HG3    sing N N 276 
MET SD    CE     sing N N 277 
MET CE    HE1    sing N N 278 
MET CE    HE2    sing N N 279 
MET CE    HE3    sing N N 280 
MET OXT   HXT    sing N N 281 
PHE N     CA     sing N N 282 
PHE N     H      sing N N 283 
PHE N     H2     sing N N 284 
PHE CA    C      sing N N 285 
PHE CA    CB     sing N N 286 
PHE CA    HA     sing N N 287 
PHE C     O      doub N N 288 
PHE C     OXT    sing N N 289 
PHE CB    CG     sing N N 290 
PHE CB    HB2    sing N N 291 
PHE CB    HB3    sing N N 292 
PHE CG    CD1    doub Y N 293 
PHE CG    CD2    sing Y N 294 
PHE CD1   CE1    sing Y N 295 
PHE CD1   HD1    sing N N 296 
PHE CD2   CE2    doub Y N 297 
PHE CD2   HD2    sing N N 298 
PHE CE1   CZ     doub Y N 299 
PHE CE1   HE1    sing N N 300 
PHE CE2   CZ     sing Y N 301 
PHE CE2   HE2    sing N N 302 
PHE CZ    HZ     sing N N 303 
PHE OXT   HXT    sing N N 304 
PRO N     CA     sing N N 305 
PRO N     CD     sing N N 306 
PRO N     H      sing N N 307 
PRO CA    C      sing N N 308 
PRO CA    CB     sing N N 309 
PRO CA    HA     sing N N 310 
PRO C     O      doub N N 311 
PRO C     OXT    sing N N 312 
PRO CB    CG     sing N N 313 
PRO CB    HB2    sing N N 314 
PRO CB    HB3    sing N N 315 
PRO CG    CD     sing N N 316 
PRO CG    HG2    sing N N 317 
PRO CG    HG3    sing N N 318 
PRO CD    HD2    sing N N 319 
PRO CD    HD3    sing N N 320 
PRO OXT   HXT    sing N N 321 
SER N     CA     sing N N 322 
SER N     H      sing N N 323 
SER N     H2     sing N N 324 
SER CA    C      sing N N 325 
SER CA    CB     sing N N 326 
SER CA    HA     sing N N 327 
SER C     O      doub N N 328 
SER C     OXT    sing N N 329 
SER CB    OG     sing N N 330 
SER CB    HB2    sing N N 331 
SER CB    HB3    sing N N 332 
SER OG    HG     sing N N 333 
SER OXT   HXT    sing N N 334 
THR N     CA     sing N N 335 
THR N     H      sing N N 336 
THR N     H2     sing N N 337 
THR CA    C      sing N N 338 
THR CA    CB     sing N N 339 
THR CA    HA     sing N N 340 
THR C     O      doub N N 341 
THR C     OXT    sing N N 342 
THR CB    OG1    sing N N 343 
THR CB    CG2    sing N N 344 
THR CB    HB     sing N N 345 
THR OG1   HG1    sing N N 346 
THR CG2   HG21   sing N N 347 
THR CG2   HG22   sing N N 348 
THR CG2   HG23   sing N N 349 
THR OXT   HXT    sing N N 350 
TYR N     CA     sing N N 351 
TYR N     H      sing N N 352 
TYR N     H2     sing N N 353 
TYR CA    C      sing N N 354 
TYR CA    CB     sing N N 355 
TYR CA    HA     sing N N 356 
TYR C     O      doub N N 357 
TYR C     OXT    sing N N 358 
TYR CB    CG     sing N N 359 
TYR CB    HB2    sing N N 360 
TYR CB    HB3    sing N N 361 
TYR CG    CD1    doub Y N 362 
TYR CG    CD2    sing Y N 363 
TYR CD1   CE1    sing Y N 364 
TYR CD1   HD1    sing N N 365 
TYR CD2   CE2    doub Y N 366 
TYR CD2   HD2    sing N N 367 
TYR CE1   CZ     doub Y N 368 
TYR CE1   HE1    sing N N 369 
TYR CE2   CZ     sing Y N 370 
TYR CE2   HE2    sing N N 371 
TYR CZ    OH     sing N N 372 
TYR OH    HH     sing N N 373 
TYR OXT   HXT    sing N N 374 
VAL N     CA     sing N N 375 
VAL N     H      sing N N 376 
VAL N     H2     sing N N 377 
VAL CA    C      sing N N 378 
VAL CA    CB     sing N N 379 
VAL CA    HA     sing N N 380 
VAL C     O      doub N N 381 
VAL C     OXT    sing N N 382 
VAL CB    CG1    sing N N 383 
VAL CB    CG2    sing N N 384 
VAL CB    HB     sing N N 385 
VAL CG1   HG11   sing N N 386 
VAL CG1   HG12   sing N N 387 
VAL CG1   HG13   sing N N 388 
VAL CG2   HG21   sing N N 389 
VAL CG2   HG22   sing N N 390 
VAL CG2   HG23   sing N N 391 
VAL OXT   HXT    sing N N 392 
# 
loop_
_pdbx_entity_nonpoly.entity_id 
_pdbx_entity_nonpoly.name 
_pdbx_entity_nonpoly.comp_id 
2 'MAGNESIUM ION'            MG  
3 "GUANOSINE-5'-DIPHOSPHATE" GDP 
4 water                      HOH 
# 
_pdbx_initial_refinement_model.id               1 
_pdbx_initial_refinement_model.entity_id_list   ? 
_pdbx_initial_refinement_model.type             'experimental model' 
_pdbx_initial_refinement_model.source_name      PDB 
_pdbx_initial_refinement_model.accession_code   4Q21 
_pdbx_initial_refinement_model.details          'PDB ENTRY 4Q21' 
# 
